data_7JNK
# 
_entry.id   7JNK 
# 
_audit_conform.dict_name       mmcif_pdbx.dic 
_audit_conform.dict_version    5.380 
_audit_conform.dict_location   http://mmcif.pdb.org/dictionaries/ascii/mmcif_pdbx.dic 
# 
loop_
_database_2.database_id 
_database_2.database_code 
_database_2.pdbx_database_accession 
_database_2.pdbx_DOI 
PDB   7JNK         pdb_00007jnk 10.2210/pdb7jnk/pdb 
WWPDB D_1000250914 ?            ?                   
# 
_pdbx_database_status.status_code                     REL 
_pdbx_database_status.status_code_sf                  REL 
_pdbx_database_status.status_code_mr                  ? 
_pdbx_database_status.entry_id                        7JNK 
_pdbx_database_status.recvd_initial_deposition_date   2020-08-04 
_pdbx_database_status.SG_entry                        N 
_pdbx_database_status.deposit_site                    RCSB 
_pdbx_database_status.process_site                    RCSB 
_pdbx_database_status.status_code_cs                  ? 
_pdbx_database_status.status_code_nmr_data            ? 
_pdbx_database_status.methods_development_category    ? 
_pdbx_database_status.pdb_format_compatible           Y 
# 
loop_
_audit_author.name 
_audit_author.pdbx_ordinal 
_audit_author.identifier_ORCID 
'Simmons, C.R.'      1 0000-0002-2290-6132 
'MacCulloch, T.'     2 0000-0001-5875-3361 
'Stephanopoulos, N.' 3 0000-0001-7859-410X 
'Yan, H.'            4 0000-0001-7397-9852 
# 
_citation.abstract                  ? 
_citation.abstract_id_CAS           ? 
_citation.book_id_ISBN              ? 
_citation.book_publisher            ? 
_citation.book_publisher_city       ? 
_citation.book_title                ? 
_citation.coordinate_linkage        ? 
_citation.country                   UK 
_citation.database_id_Medline       ? 
_citation.details                   ? 
_citation.id                        primary 
_citation.journal_abbrev            'Nat Commun' 
_citation.journal_id_ASTM           ? 
_citation.journal_id_CSD            ? 
_citation.journal_id_ISSN           2041-1723 
_citation.journal_full              ? 
_citation.journal_issue             ? 
_citation.journal_volume            13 
_citation.language                  ? 
_citation.page_first                3112 
_citation.page_last                 3112 
_citation.title                     'The influence of Holliday junction sequence and dynamics on DNA crystal self-assembly.' 
_citation.year                      2022 
_citation.database_id_CSD           ? 
_citation.pdbx_database_id_DOI      10.1038/s41467-022-30779-6 
_citation.pdbx_database_id_PubMed   35662248 
_citation.unpublished_flag          ? 
# 
loop_
_citation_author.citation_id 
_citation_author.name 
_citation_author.ordinal 
_citation_author.identifier_ORCID 
primary 'Simmons, C.R.'      1  ?                   
primary 'MacCulloch, T.'     2  ?                   
primary 'Krepl, M.'          3  0000-0002-9833-4281 
primary 'Matthies, M.'       4  ?                   
primary 'Buchberger, A.'     5  ?                   
primary 'Crawford, I.'       6  ?                   
primary 'Sponer, J.'         7  0000-0001-6558-6186 
primary 'Sulc, P.'           8  0000-0003-1565-6769 
primary 'Stephanopoulos, N.' 9  0000-0001-7859-410X 
primary 'Yan, H.'            10 0000-0001-7397-9852 
# 
_cell.angle_alpha                  90.000 
_cell.angle_alpha_esd              ? 
_cell.angle_beta                   90.000 
_cell.angle_beta_esd               ? 
_cell.angle_gamma                  120.000 
_cell.angle_gamma_esd              ? 
_cell.entry_id                     7JNK 
_cell.details                      ? 
_cell.formula_units_Z              ? 
_cell.length_a                     113.565 
_cell.length_a_esd                 ? 
_cell.length_b                     113.565 
_cell.length_b_esd                 ? 
_cell.length_c                     51.799 
_cell.length_c_esd                 ? 
_cell.volume                       ? 
_cell.volume_esd                   ? 
_cell.Z_PDB                        9 
_cell.reciprocal_angle_alpha       ? 
_cell.reciprocal_angle_beta        ? 
_cell.reciprocal_angle_gamma       ? 
_cell.reciprocal_angle_alpha_esd   ? 
_cell.reciprocal_angle_beta_esd    ? 
_cell.reciprocal_angle_gamma_esd   ? 
_cell.reciprocal_length_a          ? 
_cell.reciprocal_length_b          ? 
_cell.reciprocal_length_c          ? 
_cell.reciprocal_length_a_esd      ? 
_cell.reciprocal_length_b_esd      ? 
_cell.reciprocal_length_c_esd      ? 
_cell.pdbx_unique_axis             ? 
# 
_symmetry.entry_id                         7JNK 
_symmetry.cell_setting                     ? 
_symmetry.Int_Tables_number                146 
_symmetry.space_group_name_Hall            ? 
_symmetry.space_group_name_H-M             'H 3' 
_symmetry.pdbx_full_space_group_name_H-M   ? 
# 
loop_
_entity.id 
_entity.type 
_entity.src_method 
_entity.pdbx_description 
_entity.formula_weight 
_entity.pdbx_number_of_molecules 
_entity.pdbx_ec 
_entity.pdbx_mutation 
_entity.pdbx_fragment 
_entity.details 
1 polymer     syn 
;DNA (5'-D(*GP*AP*AP*CP*GP*AP*CP*AP*TP*TP*GP*AP*CP*GP*AP*GP*GP*AP*GP*TP*C)-3')
;
6521.237 1 ? ? ? ? 
2 polymer     syn 
;DNA (5'-D(*TP*CP*GP*AP*GP*TP*CP*C)-3')
;
2402.592 1 ? ? ? ? 
3 polymer     syn 
;DNA (5'-D(P*AP*TP*GP*TP*CP*GP*T)-3')
;
2128.421 1 ? ? ? ? 
4 polymer     syn 
;DNA (5'-D(P*TP*CP*GP*TP*CP*A)-3')
;
1784.204 1 ? ? ? ? 
5 non-polymer syn 'CACODYLATE ION'                                                                136.989  2 ? ? ? ? 
# 
loop_
_entity_poly.entity_id 
_entity_poly.type 
_entity_poly.nstd_linkage 
_entity_poly.nstd_monomer 
_entity_poly.pdbx_seq_one_letter_code 
_entity_poly.pdbx_seq_one_letter_code_can 
_entity_poly.pdbx_strand_id 
_entity_poly.pdbx_target_identifier 
1 polydeoxyribonucleotide no no 
;(DG)(DA)(DA)(DC)(DG)(DA)(DC)(DA)(DT)(DT)(DG)(DA)(DC)(DG)(DA)(DG)(DG)(DA)(DG)(DT)
(DC)
;
GAACGACATTGACGAGGAGTC B ? 
2 polydeoxyribonucleotide no no '(DT)(DC)(DG)(DA)(DG)(DT)(DC)(DC)'                                                      TCGAGTCC C 
? 
3 polydeoxyribonucleotide no no '(DA)(DT)(DG)(DT)(DC)(DG)(DT)'                                                          ATGTCGT D 
? 
4 polydeoxyribonucleotide no no '(DT)(DC)(DG)(DT)(DC)(DA)'                                                              TCGTCA A ? 
# 
loop_
_entity_poly_seq.entity_id 
_entity_poly_seq.num 
_entity_poly_seq.mon_id 
_entity_poly_seq.hetero 
1 1  DG n 
1 2  DA n 
1 3  DA n 
1 4  DC n 
1 5  DG n 
1 6  DA n 
1 7  DC n 
1 8  DA n 
1 9  DT n 
1 10 DT n 
1 11 DG n 
1 12 DA n 
1 13 DC n 
1 14 DG n 
1 15 DA n 
1 16 DG n 
1 17 DG n 
1 18 DA n 
1 19 DG n 
1 20 DT n 
1 21 DC n 
2 1  DT n 
2 2  DC n 
2 3  DG n 
2 4  DA n 
2 5  DG n 
2 6  DT n 
2 7  DC n 
2 8  DC n 
3 1  DA n 
3 2  DT n 
3 3  DG n 
3 4  DT n 
3 5  DC n 
3 6  DG n 
3 7  DT n 
4 1  DT n 
4 2  DC n 
4 3  DG n 
4 4  DT n 
4 5  DC n 
4 6  DA n 
# 
loop_
_pdbx_entity_src_syn.entity_id 
_pdbx_entity_src_syn.pdbx_src_id 
_pdbx_entity_src_syn.pdbx_alt_source_flag 
_pdbx_entity_src_syn.pdbx_beg_seq_num 
_pdbx_entity_src_syn.pdbx_end_seq_num 
_pdbx_entity_src_syn.organism_scientific 
_pdbx_entity_src_syn.organism_common_name 
_pdbx_entity_src_syn.ncbi_taxonomy_id 
_pdbx_entity_src_syn.details 
1 1 sample 1 21 'synthetic construct' ? 32630 ? 
2 1 sample 1 8  'synthetic construct' ? 32630 ? 
3 1 sample 1 7  'synthetic construct' ? 32630 ? 
4 1 sample 1 6  'synthetic construct' ? 32630 ? 
# 
loop_
_struct_ref.id 
_struct_ref.db_name 
_struct_ref.db_code 
_struct_ref.pdbx_db_accession 
_struct_ref.pdbx_db_isoform 
_struct_ref.entity_id 
_struct_ref.pdbx_seq_one_letter_code 
_struct_ref.pdbx_align_begin 
1 PDB 7JNK 7JNK ? 1 ? 1 
2 PDB 7JNK 7JNK ? 2 ? 1 
3 PDB 7JNK 7JNK ? 3 ? 1 
4 PDB 7JNK 7JNK ? 4 ? 1 
# 
loop_
_struct_ref_seq.align_id 
_struct_ref_seq.ref_id 
_struct_ref_seq.pdbx_PDB_id_code 
_struct_ref_seq.pdbx_strand_id 
_struct_ref_seq.seq_align_beg 
_struct_ref_seq.pdbx_seq_align_beg_ins_code 
_struct_ref_seq.seq_align_end 
_struct_ref_seq.pdbx_seq_align_end_ins_code 
_struct_ref_seq.pdbx_db_accession 
_struct_ref_seq.db_align_beg 
_struct_ref_seq.pdbx_db_align_beg_ins_code 
_struct_ref_seq.db_align_end 
_struct_ref_seq.pdbx_db_align_end_ins_code 
_struct_ref_seq.pdbx_auth_seq_align_beg 
_struct_ref_seq.pdbx_auth_seq_align_end 
1 1 7JNK B 1 ? 21 ? 7JNK 7  ? 27 ? 7  27 
2 2 7JNK C 1 ? 8  ? 7JNK 28 ? 35 ? 28 35 
3 3 7JNK D 1 ? 7  ? 7JNK 36 ? 42 ? 36 42 
4 4 7JNK A 1 ? 6  ? 7JNK 1  ? 6  ? 1  6  
# 
loop_
_chem_comp.id 
_chem_comp.type 
_chem_comp.mon_nstd_flag 
_chem_comp.name 
_chem_comp.pdbx_synonyms 
_chem_comp.formula 
_chem_comp.formula_weight 
CAC non-polymer   . 'CACODYLATE ION'                     dimethylarsinate 'C2 H6 As O2 -1'  136.989 
DA  'DNA linking' y "2'-DEOXYADENOSINE-5'-MONOPHOSPHATE" ?                'C10 H14 N5 O6 P' 331.222 
DC  'DNA linking' y "2'-DEOXYCYTIDINE-5'-MONOPHOSPHATE"  ?                'C9 H14 N3 O7 P'  307.197 
DG  'DNA linking' y "2'-DEOXYGUANOSINE-5'-MONOPHOSPHATE" ?                'C10 H14 N5 O7 P' 347.221 
DT  'DNA linking' y "THYMIDINE-5'-MONOPHOSPHATE"         ?                'C10 H15 N2 O8 P' 322.208 
# 
_exptl.absorpt_coefficient_mu     ? 
_exptl.absorpt_correction_T_max   ? 
_exptl.absorpt_correction_T_min   ? 
_exptl.absorpt_correction_type    ? 
_exptl.absorpt_process_details    ? 
_exptl.entry_id                   7JNK 
_exptl.crystals_number            1 
_exptl.details                    ? 
_exptl.method                     'X-RAY DIFFRACTION' 
_exptl.method_details             ? 
# 
_exptl_crystal.colour                      ? 
_exptl_crystal.density_diffrn              ? 
_exptl_crystal.density_Matthews            5.01 
_exptl_crystal.density_method              ? 
_exptl_crystal.density_percent_sol         75.44 
_exptl_crystal.description                 ? 
_exptl_crystal.F_000                       ? 
_exptl_crystal.id                          1 
_exptl_crystal.preparation                 ? 
_exptl_crystal.size_max                    ? 
_exptl_crystal.size_mid                    ? 
_exptl_crystal.size_min                    ? 
_exptl_crystal.size_rad                    ? 
_exptl_crystal.colour_lustre               ? 
_exptl_crystal.colour_modifier             ? 
_exptl_crystal.colour_primary              ? 
_exptl_crystal.density_meas                ? 
_exptl_crystal.density_meas_esd            ? 
_exptl_crystal.density_meas_gt             ? 
_exptl_crystal.density_meas_lt             ? 
_exptl_crystal.density_meas_temp           ? 
_exptl_crystal.density_meas_temp_esd       ? 
_exptl_crystal.density_meas_temp_gt        ? 
_exptl_crystal.density_meas_temp_lt        ? 
_exptl_crystal.pdbx_crystal_image_url      ? 
_exptl_crystal.pdbx_crystal_image_format   ? 
_exptl_crystal.pdbx_mosaicity              ? 
_exptl_crystal.pdbx_mosaicity_esd          ? 
# 
_exptl_crystal_grow.apparatus       ? 
_exptl_crystal_grow.atmosphere      ? 
_exptl_crystal_grow.crystal_id      1 
_exptl_crystal_grow.details         ? 
_exptl_crystal_grow.method          'VAPOR DIFFUSION, SITTING DROP' 
_exptl_crystal_grow.method_ref      ? 
_exptl_crystal_grow.pH              ? 
_exptl_crystal_grow.pressure        ? 
_exptl_crystal_grow.pressure_esd    ? 
_exptl_crystal_grow.seeding         ? 
_exptl_crystal_grow.seeding_ref     ? 
_exptl_crystal_grow.temp            298 
_exptl_crystal_grow.temp_details    'temperature gradient generated from 60 to 25 C at 0.3 degrees per hour' 
_exptl_crystal_grow.temp_esd        ? 
_exptl_crystal_grow.time            ? 
_exptl_crystal_grow.pdbx_details    
;0.5 mL of 0.05 M Cacodylate pH 6.5 with 18 mM MgCl2, 2.25 mM spermine, and 9% isopropanol was added to the reservoir with 2 uL added to the drop containing 4 uL of DNA stock
;
_exptl_crystal_grow.pdbx_pH_range   ? 
# 
_diffrn.ambient_environment              ? 
_diffrn.ambient_temp                     100 
_diffrn.ambient_temp_details             ? 
_diffrn.ambient_temp_esd                 ? 
_diffrn.crystal_id                       1 
_diffrn.crystal_support                  ? 
_diffrn.crystal_treatment                ? 
_diffrn.details                          ? 
_diffrn.id                               1 
_diffrn.ambient_pressure                 ? 
_diffrn.ambient_pressure_esd             ? 
_diffrn.ambient_pressure_gt              ? 
_diffrn.ambient_pressure_lt              ? 
_diffrn.ambient_temp_gt                  ? 
_diffrn.ambient_temp_lt                  ? 
_diffrn.pdbx_serial_crystal_experiment   N 
# 
_diffrn_detector.details                      ? 
_diffrn_detector.detector                     PIXEL 
_diffrn_detector.diffrn_id                    1 
_diffrn_detector.type                         'DECTRIS PILATUS3 6M' 
_diffrn_detector.area_resol_mean              ? 
_diffrn_detector.dtime                        ? 
_diffrn_detector.pdbx_frames_total            ? 
_diffrn_detector.pdbx_collection_time_total   ? 
_diffrn_detector.pdbx_collection_date         2019-06-15 
_diffrn_detector.pdbx_frequency               ? 
# 
_diffrn_radiation.collimation                      ? 
_diffrn_radiation.diffrn_id                        1 
_diffrn_radiation.filter_edge                      ? 
_diffrn_radiation.inhomogeneity                    ? 
_diffrn_radiation.monochromator                    ? 
_diffrn_radiation.polarisn_norm                    ? 
_diffrn_radiation.polarisn_ratio                   ? 
_diffrn_radiation.probe                            ? 
_diffrn_radiation.type                             ? 
_diffrn_radiation.xray_symbol                      ? 
_diffrn_radiation.wavelength_id                    1 
_diffrn_radiation.pdbx_monochromatic_or_laue_m_l   M 
_diffrn_radiation.pdbx_wavelength_list             ? 
_diffrn_radiation.pdbx_wavelength                  ? 
_diffrn_radiation.pdbx_diffrn_protocol             'SINGLE WAVELENGTH' 
_diffrn_radiation.pdbx_analyzer                    ? 
_diffrn_radiation.pdbx_scattering_type             x-ray 
# 
_diffrn_radiation_wavelength.id           1 
_diffrn_radiation_wavelength.wavelength   1 
_diffrn_radiation_wavelength.wt           1.0 
# 
_diffrn_source.current                     ? 
_diffrn_source.details                     ? 
_diffrn_source.diffrn_id                   1 
_diffrn_source.power                       ? 
_diffrn_source.size                        ? 
_diffrn_source.source                      SYNCHROTRON 
_diffrn_source.target                      ? 
_diffrn_source.type                        'ALS BEAMLINE 5.0.2' 
_diffrn_source.voltage                     ? 
_diffrn_source.take-off_angle              ? 
_diffrn_source.pdbx_wavelength_list        1 
_diffrn_source.pdbx_wavelength             ? 
_diffrn_source.pdbx_synchrotron_beamline   5.0.2 
_diffrn_source.pdbx_synchrotron_site       ALS 
# 
_reflns.B_iso_Wilson_estimate            83.850 
_reflns.entry_id                         7JNK 
_reflns.data_reduction_details           ? 
_reflns.data_reduction_method            ? 
_reflns.d_resolution_high                3.100 
_reflns.d_resolution_low                 50.000 
_reflns.details                          ? 
_reflns.limit_h_max                      ? 
_reflns.limit_h_min                      ? 
_reflns.limit_k_max                      ? 
_reflns.limit_k_min                      ? 
_reflns.limit_l_max                      ? 
_reflns.limit_l_min                      ? 
_reflns.number_all                       ? 
_reflns.number_obs                       4441 
_reflns.observed_criterion               ? 
_reflns.observed_criterion_F_max         ? 
_reflns.observed_criterion_F_min         ? 
_reflns.observed_criterion_I_max         ? 
_reflns.observed_criterion_I_min         ? 
_reflns.observed_criterion_sigma_F       ? 
_reflns.observed_criterion_sigma_I       ? 
_reflns.percent_possible_obs             98.700 
_reflns.R_free_details                   ? 
_reflns.Rmerge_F_all                     ? 
_reflns.Rmerge_F_obs                     ? 
_reflns.Friedel_coverage                 ? 
_reflns.number_gt                        ? 
_reflns.threshold_expression             ? 
_reflns.pdbx_redundancy                  9.800 
_reflns.pdbx_Rmerge_I_obs                0.119 
_reflns.pdbx_Rmerge_I_all                ? 
_reflns.pdbx_Rsym_value                  ? 
_reflns.pdbx_netI_over_av_sigmaI         ? 
_reflns.pdbx_netI_over_sigmaI            5.600 
_reflns.pdbx_res_netI_over_av_sigmaI_2   ? 
_reflns.pdbx_res_netI_over_sigmaI_2      ? 
_reflns.pdbx_chi_squared                 1.720 
_reflns.pdbx_scaling_rejects             ? 
_reflns.pdbx_d_res_high_opt              ? 
_reflns.pdbx_d_res_low_opt               ? 
_reflns.pdbx_d_res_opt_method            ? 
_reflns.phase_calculation_details        ? 
_reflns.pdbx_Rrim_I_all                  0.126 
_reflns.pdbx_Rpim_I_all                  0.039 
_reflns.pdbx_d_opt                       ? 
_reflns.pdbx_number_measured_all         ? 
_reflns.pdbx_diffrn_id                   1 
_reflns.pdbx_ordinal                     1 
_reflns.pdbx_CC_half                     0.919 
_reflns.pdbx_CC_star                     ? 
_reflns.pdbx_R_split                     ? 
# 
loop_
_reflns_shell.d_res_high 
_reflns_shell.d_res_low 
_reflns_shell.meanI_over_sigI_all 
_reflns_shell.meanI_over_sigI_obs 
_reflns_shell.number_measured_all 
_reflns_shell.number_measured_obs 
_reflns_shell.number_possible 
_reflns_shell.number_unique_all 
_reflns_shell.number_unique_obs 
_reflns_shell.percent_possible_all 
_reflns_shell.percent_possible_obs 
_reflns_shell.Rmerge_F_all 
_reflns_shell.Rmerge_F_obs 
_reflns_shell.Rmerge_I_all 
_reflns_shell.Rmerge_I_obs 
_reflns_shell.meanI_over_sigI_gt 
_reflns_shell.meanI_over_uI_all 
_reflns_shell.meanI_over_uI_gt 
_reflns_shell.number_measured_gt 
_reflns_shell.number_unique_gt 
_reflns_shell.percent_possible_gt 
_reflns_shell.Rmerge_F_gt 
_reflns_shell.Rmerge_I_gt 
_reflns_shell.pdbx_redundancy 
_reflns_shell.pdbx_Rsym_value 
_reflns_shell.pdbx_chi_squared 
_reflns_shell.pdbx_netI_over_sigmaI_all 
_reflns_shell.pdbx_netI_over_sigmaI_obs 
_reflns_shell.pdbx_Rrim_I_all 
_reflns_shell.pdbx_Rpim_I_all 
_reflns_shell.pdbx_rejects 
_reflns_shell.pdbx_ordinal 
_reflns_shell.pdbx_diffrn_id 
_reflns_shell.pdbx_CC_half 
_reflns_shell.pdbx_CC_star 
_reflns_shell.pdbx_R_split 
3.100 3.150  ? ? ? ? ? ? 184 85.600  ? ? ? ? 0.514 ? ? ? ? ? ? ? ? 6.900  ? 0.412  ? ? 0.551 0.191 ? 1  1 0.936 ? ? 
3.150 3.210  ? ? ? ? ? ? 220 93.200  ? ? ? ? 0.197 ? ? ? ? ? ? ? ? 7.100  ? 0.499  ? ? 0.210 0.070 ? 2  1 0.994 ? ? 
3.210 3.270  ? ? ? ? ? ? 221 96.100  ? ? ? ? 0.200 ? ? ? ? ? ? ? ? 8.300  ? 0.480  ? ? 0.212 0.070 ? 3  1 0.997 ? ? 
3.270 3.340  ? ? ? ? ? ? 215 98.600  ? ? ? ? 0.216 ? ? ? ? ? ? ? ? 8.900  ? 0.448  ? ? 0.228 0.073 ? 4  1 0.996 ? ? 
3.340 3.410  ? ? ? ? ? ? 228 99.600  ? ? ? ? 0.161 ? ? ? ? ? ? ? ? 9.300  ? 0.501  ? ? 0.170 0.054 ? 5  1 0.997 ? ? 
3.410 3.490  ? ? ? ? ? ? 217 100.000 ? ? ? ? 0.213 ? ? ? ? ? ? ? ? 9.400  ? 0.514  ? ? 0.225 0.072 ? 6  1 0.995 ? ? 
3.490 3.580  ? ? ? ? ? ? 236 100.000 ? ? ? ? 0.208 ? ? ? ? ? ? ? ? 9.800  ? 0.506  ? ? 0.219 0.069 ? 7  1 0.994 ? ? 
3.580 3.680  ? ? ? ? ? ? 221 100.000 ? ? ? ? 0.287 ? ? ? ? ? ? ? ? 9.400  ? 0.558  ? ? 0.303 0.098 ? 8  1 0.987 ? ? 
3.680 3.780  ? ? ? ? ? ? 226 100.000 ? ? ? ? 0.329 ? ? ? ? ? ? ? ? 10.100 ? 0.570  ? ? 0.347 0.109 ? 9  1 0.967 ? ? 
3.780 3.910  ? ? ? ? ? ? 226 100.000 ? ? ? ? 0.298 ? ? ? ? ? ? ? ? 10.300 ? 0.486  ? ? 0.314 0.098 ? 10 1 0.976 ? ? 
3.910 4.040  ? ? ? ? ? ? 217 100.000 ? ? ? ? 0.176 ? ? ? ? ? ? ? ? 10.800 ? 0.478  ? ? 0.185 0.056 ? 11 1 0.991 ? ? 
4.040 4.210  ? ? ? ? ? ? 225 100.000 ? ? ? ? 0.150 ? ? ? ? ? ? ? ? 10.600 ? 0.538  ? ? 0.158 0.048 ? 12 1 0.991 ? ? 
4.210 4.400  ? ? ? ? ? ? 230 100.000 ? ? ? ? 0.142 ? ? ? ? ? ? ? ? 10.900 ? 0.570  ? ? 0.149 0.045 ? 13 1 0.994 ? ? 
4.400 4.630  ? ? ? ? ? ? 224 100.000 ? ? ? ? 0.140 ? ? ? ? ? ? ? ? 10.500 ? 0.514  ? ? 0.148 0.045 ? 14 1 0.993 ? ? 
4.630 4.920  ? ? ? ? ? ? 234 100.000 ? ? ? ? 0.096 ? ? ? ? ? ? ? ? 10.000 ? 0.568  ? ? 0.102 0.032 ? 15 1 0.997 ? ? 
4.920 5.300  ? ? ? ? ? ? 217 100.000 ? ? ? ? 0.073 ? ? ? ? ? ? ? ? 10.700 ? 0.719  ? ? 0.076 0.023 ? 16 1 0.996 ? ? 
5.300 5.830  ? ? ? ? ? ? 222 100.000 ? ? ? ? 0.058 ? ? ? ? ? ? ? ? 11.000 ? 0.767  ? ? 0.061 0.018 ? 17 1 0.998 ? ? 
5.830 6.670  ? ? ? ? ? ? 227 100.000 ? ? ? ? 0.055 ? ? ? ? ? ? ? ? 10.700 ? 0.664  ? ? 0.057 0.017 ? 18 1 0.998 ? ? 
6.670 8.400  ? ? ? ? ? ? 227 100.000 ? ? ? ? 0.046 ? ? ? ? ? ? ? ? 10.000 ? 0.798  ? ? 0.048 0.015 ? 19 1 0.998 ? ? 
8.400 50.000 ? ? ? ? ? ? 224 100.000 ? ? ? ? 0.125 ? ? ? ? ? ? ? ? 10.700 ? 21.382 ? ? 0.132 0.040 ? 20 1 0.981 ? ? 
# 
_refine.aniso_B[1][1]                            ? 
_refine.aniso_B[1][2]                            ? 
_refine.aniso_B[1][3]                            ? 
_refine.aniso_B[2][2]                            ? 
_refine.aniso_B[2][3]                            ? 
_refine.aniso_B[3][3]                            ? 
_refine.B_iso_max                                179.350 
_refine.B_iso_mean                               78.7266 
_refine.B_iso_min                                52.460 
_refine.correlation_coeff_Fo_to_Fc               ? 
_refine.correlation_coeff_Fo_to_Fc_free          ? 
_refine.details                                  ? 
_refine.diff_density_max                         ? 
_refine.diff_density_max_esd                     ? 
_refine.diff_density_min                         ? 
_refine.diff_density_min_esd                     ? 
_refine.diff_density_rms                         ? 
_refine.diff_density_rms_esd                     ? 
_refine.entry_id                                 7JNK 
_refine.pdbx_refine_id                           'X-RAY DIFFRACTION' 
_refine.ls_abs_structure_details                 ? 
_refine.ls_abs_structure_Flack                   ? 
_refine.ls_abs_structure_Flack_esd               ? 
_refine.ls_abs_structure_Rogers                  ? 
_refine.ls_abs_structure_Rogers_esd              ? 
_refine.ls_d_res_high                            3.1050 
_refine.ls_d_res_low                             30.2010 
_refine.ls_extinction_coef                       ? 
_refine.ls_extinction_coef_esd                   ? 
_refine.ls_extinction_expression                 ? 
_refine.ls_extinction_method                     ? 
_refine.ls_goodness_of_fit_all                   ? 
_refine.ls_goodness_of_fit_all_esd               ? 
_refine.ls_goodness_of_fit_obs                   ? 
_refine.ls_goodness_of_fit_obs_esd               ? 
_refine.ls_hydrogen_treatment                    ? 
_refine.ls_matrix_type                           ? 
_refine.ls_number_constraints                    ? 
_refine.ls_number_parameters                     ? 
_refine.ls_number_reflns_all                     ? 
_refine.ls_number_reflns_obs                     4388 
_refine.ls_number_reflns_R_free                  438 
_refine.ls_number_reflns_R_work                  3950 
_refine.ls_number_restraints                     ? 
_refine.ls_percent_reflns_obs                    97.5100 
_refine.ls_percent_reflns_R_free                 9.9800 
_refine.ls_R_factor_all                          ? 
_refine.ls_R_factor_obs                          0.2362 
_refine.ls_R_factor_R_free                       0.2444 
_refine.ls_R_factor_R_free_error                 ? 
_refine.ls_R_factor_R_free_error_details         ? 
_refine.ls_R_factor_R_work                       0.2347 
_refine.ls_R_Fsqd_factor_obs                     ? 
_refine.ls_R_I_factor_obs                        ? 
_refine.ls_redundancy_reflns_all                 ? 
_refine.ls_redundancy_reflns_obs                 ? 
_refine.ls_restrained_S_all                      ? 
_refine.ls_restrained_S_obs                      ? 
_refine.ls_shift_over_esd_max                    ? 
_refine.ls_shift_over_esd_mean                   ? 
_refine.ls_structure_factor_coef                 ? 
_refine.ls_weighting_details                     ? 
_refine.ls_weighting_scheme                      ? 
_refine.ls_wR_factor_all                         ? 
_refine.ls_wR_factor_obs                         ? 
_refine.ls_wR_factor_R_free                      ? 
_refine.ls_wR_factor_R_work                      ? 
_refine.occupancy_max                            ? 
_refine.occupancy_min                            ? 
_refine.solvent_model_details                    'FLAT BULK SOLVENT MODEL' 
_refine.solvent_model_param_bsol                 ? 
_refine.solvent_model_param_ksol                 ? 
_refine.pdbx_R_complete                          ? 
_refine.ls_R_factor_gt                           ? 
_refine.ls_goodness_of_fit_gt                    ? 
_refine.ls_goodness_of_fit_ref                   ? 
_refine.ls_shift_over_su_max                     ? 
_refine.ls_shift_over_su_max_lt                  ? 
_refine.ls_shift_over_su_mean                    ? 
_refine.ls_shift_over_su_mean_lt                 ? 
_refine.pdbx_ls_sigma_I                          ? 
_refine.pdbx_ls_sigma_F                          1.990 
_refine.pdbx_ls_sigma_Fsqd                       ? 
_refine.pdbx_data_cutoff_high_absF               ? 
_refine.pdbx_data_cutoff_high_rms_absF           ? 
_refine.pdbx_data_cutoff_low_absF                ? 
_refine.pdbx_isotropic_thermal_model             ? 
_refine.pdbx_ls_cross_valid_method               THROUGHOUT 
_refine.pdbx_method_to_determine_struct          'MOLECULAR REPLACEMENT' 
_refine.pdbx_starting_model                      5VY6 
_refine.pdbx_stereochemistry_target_values       ML 
_refine.pdbx_R_Free_selection_details            ? 
_refine.pdbx_stereochem_target_val_spec_case     ? 
_refine.pdbx_overall_ESU_R                       ? 
_refine.pdbx_overall_ESU_R_Free                  ? 
_refine.pdbx_solvent_vdw_probe_radii             1.1100 
_refine.pdbx_solvent_ion_probe_radii             ? 
_refine.pdbx_solvent_shrinkage_radii             0.9000 
_refine.pdbx_real_space_R                        ? 
_refine.pdbx_density_correlation                 ? 
_refine.pdbx_pd_number_of_powder_patterns        ? 
_refine.pdbx_pd_number_of_points                 ? 
_refine.pdbx_pd_meas_number_of_points            ? 
_refine.pdbx_pd_proc_ls_prof_R_factor            ? 
_refine.pdbx_pd_proc_ls_prof_wR_factor           ? 
_refine.pdbx_pd_Marquardt_correlation_coeff      ? 
_refine.pdbx_pd_Fsqrd_R_factor                   ? 
_refine.pdbx_pd_ls_matrix_band_width             ? 
_refine.pdbx_overall_phase_error                 32.7700 
_refine.pdbx_overall_SU_R_free_Cruickshank_DPI   ? 
_refine.pdbx_overall_SU_R_free_Blow_DPI          ? 
_refine.pdbx_overall_SU_R_Blow_DPI               ? 
_refine.pdbx_TLS_residual_ADP_flag               ? 
_refine.pdbx_diffrn_id                           1 
_refine.overall_SU_B                             ? 
_refine.overall_SU_ML                            0.1300 
_refine.overall_SU_R_Cruickshank_DPI             ? 
_refine.overall_SU_R_free                        ? 
_refine.overall_FOM_free_R_set                   ? 
_refine.overall_FOM_work_R_set                   ? 
_refine.pdbx_average_fsc_overall                 ? 
_refine.pdbx_average_fsc_work                    ? 
_refine.pdbx_average_fsc_free                    ? 
# 
_refine_hist.pdbx_refine_id                   'X-RAY DIFFRACTION' 
_refine_hist.cycle_id                         final 
_refine_hist.details                          ? 
_refine_hist.d_res_high                       3.1050 
_refine_hist.d_res_low                        30.2010 
_refine_hist.number_atoms_solvent             0 
_refine_hist.number_atoms_total               860 
_refine_hist.number_reflns_all                ? 
_refine_hist.number_reflns_obs                ? 
_refine_hist.number_reflns_R_free             ? 
_refine_hist.number_reflns_R_work             ? 
_refine_hist.R_factor_all                     ? 
_refine_hist.R_factor_obs                     ? 
_refine_hist.R_factor_R_free                  ? 
_refine_hist.R_factor_R_work                  ? 
_refine_hist.pdbx_number_residues_total       42 
_refine_hist.pdbx_B_iso_mean_ligand           162.18 
_refine_hist.pdbx_B_iso_mean_solvent          ? 
_refine_hist.pdbx_number_atoms_protein        0 
_refine_hist.pdbx_number_atoms_nucleic_acid   858 
_refine_hist.pdbx_number_atoms_ligand         2 
_refine_hist.pdbx_number_atoms_lipid          ? 
_refine_hist.pdbx_number_atoms_carb           ? 
_refine_hist.pdbx_pseudo_atom_details         ? 
# 
loop_
_refine_ls_restr.pdbx_refine_id 
_refine_ls_restr.criterion 
_refine_ls_restr.dev_ideal 
_refine_ls_restr.dev_ideal_target 
_refine_ls_restr.number 
_refine_ls_restr.rejects 
_refine_ls_restr.type 
_refine_ls_restr.weight 
_refine_ls_restr.pdbx_restraint_function 
'X-RAY DIFFRACTION' ? 0.006  ? 960  ? f_bond_d           ? ? 
'X-RAY DIFFRACTION' ? 0.676  ? 1474 ? f_angle_d          ? ? 
'X-RAY DIFFRACTION' ? 0.033  ? 166  ? f_chiral_restr     ? ? 
'X-RAY DIFFRACTION' ? 0.004  ? 42   ? f_plane_restr      ? ? 
'X-RAY DIFFRACTION' ? 33.698 ? 406  ? f_dihedral_angle_d ? ? 
# 
loop_
_refine_ls_shell.pdbx_refine_id 
_refine_ls_shell.d_res_high 
_refine_ls_shell.d_res_low 
_refine_ls_shell.number_reflns_all 
_refine_ls_shell.number_reflns_obs 
_refine_ls_shell.number_reflns_R_free 
_refine_ls_shell.number_reflns_R_work 
_refine_ls_shell.percent_reflns_obs 
_refine_ls_shell.percent_reflns_R_free 
_refine_ls_shell.R_factor_all 
_refine_ls_shell.R_factor_obs 
_refine_ls_shell.R_factor_R_free 
_refine_ls_shell.R_factor_R_free_error 
_refine_ls_shell.R_factor_R_work 
_refine_ls_shell.redundancy_reflns_all 
_refine_ls_shell.redundancy_reflns_obs 
_refine_ls_shell.wR_factor_all 
_refine_ls_shell.wR_factor_obs 
_refine_ls_shell.wR_factor_R_free 
_refine_ls_shell.wR_factor_R_work 
_refine_ls_shell.pdbx_R_complete 
_refine_ls_shell.pdbx_total_number_of_bins_used 
_refine_ls_shell.pdbx_phase_error 
_refine_ls_shell.pdbx_fsc_work 
_refine_ls_shell.pdbx_fsc_free 
'X-RAY DIFFRACTION' 3.105  3.5533 . . 137 1258 93.0000  . . . 0.2813 0.0000 0.2830 . . . . . . . . . . . 
'X-RAY DIFFRACTION' 3.5533 4.4745 . . 146 1353 100.0000 . . . 0.3352 0.0000 0.2915 . . . . . . . . . . . 
'X-RAY DIFFRACTION' 4.4745 30.201 . . 155 1339 100.0000 . . . 0.2031 0.0000 0.1981 . . . . . . . . . . . 
# 
_struct.entry_id                     7JNK 
_struct.title                        
;Self-assembly of a 3D DNA crystal lattice (4x6 scramble duplex version) containing the J33 immobile Holliday junction with R3 symmetry
;
_struct.pdbx_model_details           ? 
_struct.pdbx_formula_weight          ? 
_struct.pdbx_formula_weight_method   ? 
_struct.pdbx_model_type_details      ? 
_struct.pdbx_CASP_flag               N 
# 
_struct_keywords.entry_id        7JNK 
_struct_keywords.text            
'Structural DNA nanotechnology, immobile Holliday junctions, 3D DNA self-assembly, designer DNA crystals, DNA' 
_struct_keywords.pdbx_keywords   DNA 
# 
loop_
_struct_asym.id 
_struct_asym.pdbx_blank_PDB_chainid_flag 
_struct_asym.pdbx_modified 
_struct_asym.entity_id 
_struct_asym.details 
A N N 1 ? 
B N N 2 ? 
C N N 3 ? 
D N N 4 ? 
E N N 5 ? 
F N N 5 ? 
# 
loop_
_struct_conn.id 
_struct_conn.conn_type_id 
_struct_conn.pdbx_leaving_atom_flag 
_struct_conn.pdbx_PDB_id 
_struct_conn.ptnr1_label_asym_id 
_struct_conn.ptnr1_label_comp_id 
_struct_conn.ptnr1_label_seq_id 
_struct_conn.ptnr1_label_atom_id 
_struct_conn.pdbx_ptnr1_label_alt_id 
_struct_conn.pdbx_ptnr1_PDB_ins_code 
_struct_conn.pdbx_ptnr1_standard_comp_id 
_struct_conn.ptnr1_symmetry 
_struct_conn.ptnr2_label_asym_id 
_struct_conn.ptnr2_label_comp_id 
_struct_conn.ptnr2_label_seq_id 
_struct_conn.ptnr2_label_atom_id 
_struct_conn.pdbx_ptnr2_label_alt_id 
_struct_conn.pdbx_ptnr2_PDB_ins_code 
_struct_conn.ptnr1_auth_asym_id 
_struct_conn.ptnr1_auth_comp_id 
_struct_conn.ptnr1_auth_seq_id 
_struct_conn.ptnr2_auth_asym_id 
_struct_conn.ptnr2_auth_comp_id 
_struct_conn.ptnr2_auth_seq_id 
_struct_conn.ptnr2_symmetry 
_struct_conn.pdbx_ptnr3_label_atom_id 
_struct_conn.pdbx_ptnr3_label_seq_id 
_struct_conn.pdbx_ptnr3_label_comp_id 
_struct_conn.pdbx_ptnr3_label_asym_id 
_struct_conn.pdbx_ptnr3_label_alt_id 
_struct_conn.pdbx_ptnr3_PDB_ins_code 
_struct_conn.details 
_struct_conn.pdbx_dist_value 
_struct_conn.pdbx_value_order 
_struct_conn.pdbx_role 
hydrog1  hydrog ? ? A DA 3  N1 ? ? ? 1_555 C DT 7 N3 ? ? B DA 9  D DT 42 1_555 ? ? ? ? ? ? WATSON-CRICK    ? ? ? 
hydrog2  hydrog ? ? A DA 3  N6 ? ? ? 1_555 C DT 7 O4 ? ? B DA 9  D DT 42 1_555 ? ? ? ? ? ? WATSON-CRICK    ? ? ? 
hydrog3  hydrog ? ? A DC 4  N3 ? ? ? 1_555 C DG 6 N1 ? ? B DC 10 D DG 41 1_555 ? ? ? ? ? ? WATSON-CRICK    ? ? ? 
hydrog4  hydrog ? ? A DC 4  N4 ? ? ? 1_555 C DG 6 O6 ? ? B DC 10 D DG 41 1_555 ? ? ? ? ? ? WATSON-CRICK    ? ? ? 
hydrog5  hydrog ? ? A DC 4  O2 ? ? ? 1_555 C DG 6 N2 ? ? B DC 10 D DG 41 1_555 ? ? ? ? ? ? WATSON-CRICK    ? ? ? 
hydrog6  hydrog ? ? A DG 5  N1 ? ? ? 1_555 C DC 5 N3 ? ? B DG 11 D DC 40 1_555 ? ? ? ? ? ? WATSON-CRICK    ? ? ? 
hydrog7  hydrog ? ? A DG 5  N2 ? ? ? 1_555 C DC 5 O2 ? ? B DG 11 D DC 40 1_555 ? ? ? ? ? ? WATSON-CRICK    ? ? ? 
hydrog8  hydrog ? ? A DG 5  O6 ? ? ? 1_555 C DC 5 N4 ? ? B DG 11 D DC 40 1_555 ? ? ? ? ? ? WATSON-CRICK    ? ? ? 
hydrog9  hydrog ? ? A DA 6  N1 ? ? ? 1_555 C DT 4 N3 ? ? B DA 12 D DT 39 1_555 ? ? ? ? ? ? WATSON-CRICK    ? ? ? 
hydrog10 hydrog ? ? A DA 6  N6 ? ? ? 1_555 C DT 4 O4 ? ? B DA 12 D DT 39 1_555 ? ? ? ? ? ? WATSON-CRICK    ? ? ? 
hydrog11 hydrog ? ? A DC 7  N3 ? ? ? 1_555 C DG 3 N1 ? ? B DC 13 D DG 38 1_555 ? ? ? ? ? ? WATSON-CRICK    ? ? ? 
hydrog12 hydrog ? ? A DC 7  N4 ? ? ? 1_555 C DG 3 O6 ? ? B DC 13 D DG 38 1_555 ? ? ? ? ? ? WATSON-CRICK    ? ? ? 
hydrog13 hydrog ? ? A DC 7  O2 ? ? ? 1_555 C DG 3 N2 ? ? B DC 13 D DG 38 1_555 ? ? ? ? ? ? WATSON-CRICK    ? ? ? 
hydrog14 hydrog ? ? A DA 8  N1 ? ? ? 1_555 C DT 2 N3 ? ? B DA 14 D DT 37 1_555 ? ? ? ? ? ? WATSON-CRICK    ? ? ? 
hydrog15 hydrog ? ? A DA 8  N6 ? ? ? 1_555 C DT 2 O4 ? ? B DA 14 D DT 37 1_555 ? ? ? ? ? ? WATSON-CRICK    ? ? ? 
hydrog16 hydrog ? ? A DT 9  N3 ? ? ? 1_555 C DA 1 N1 ? ? B DT 15 D DA 36 1_555 ? ? ? ? ? ? WATSON-CRICK    ? ? ? 
hydrog17 hydrog ? ? A DT 9  O4 ? ? ? 1_555 C DA 1 N6 ? ? B DT 15 D DA 36 1_555 ? ? ? ? ? ? WATSON-CRICK    ? ? ? 
hydrog18 hydrog ? ? A DT 10 N3 ? ? ? 1_555 D DA 6 N1 ? ? B DT 16 A DA 6  1_555 ? ? ? ? ? ? 'DT-DA PAIR'    ? ? ? 
hydrog19 hydrog ? ? A DG 11 N1 ? ? ? 1_555 D DC 5 N3 ? ? B DG 17 A DC 5  1_555 ? ? ? ? ? ? WATSON-CRICK    ? ? ? 
hydrog20 hydrog ? ? A DG 11 N2 ? ? ? 1_555 D DC 5 O2 ? ? B DG 17 A DC 5  1_555 ? ? ? ? ? ? WATSON-CRICK    ? ? ? 
hydrog21 hydrog ? ? A DG 11 O6 ? ? ? 1_555 D DC 5 N4 ? ? B DG 17 A DC 5  1_555 ? ? ? ? ? ? WATSON-CRICK    ? ? ? 
hydrog22 hydrog ? ? A DA 12 N1 ? ? ? 1_555 D DT 4 N3 ? ? B DA 18 A DT 4  1_555 ? ? ? ? ? ? WATSON-CRICK    ? ? ? 
hydrog23 hydrog ? ? A DA 12 N6 ? ? ? 1_555 D DT 4 O4 ? ? B DA 18 A DT 4  1_555 ? ? ? ? ? ? WATSON-CRICK    ? ? ? 
hydrog24 hydrog ? ? A DC 13 N3 ? ? ? 1_555 D DG 3 N1 ? ? B DC 19 A DG 3  1_555 ? ? ? ? ? ? WATSON-CRICK    ? ? ? 
hydrog25 hydrog ? ? A DC 13 N4 ? ? ? 1_555 D DG 3 O6 ? ? B DC 19 A DG 3  1_555 ? ? ? ? ? ? WATSON-CRICK    ? ? ? 
hydrog26 hydrog ? ? A DC 13 O2 ? ? ? 1_555 D DG 3 N2 ? ? B DC 19 A DG 3  1_555 ? ? ? ? ? ? WATSON-CRICK    ? ? ? 
hydrog27 hydrog ? ? A DG 14 N1 ? ? ? 1_555 D DC 2 N3 ? ? B DG 20 A DC 2  1_555 ? ? ? ? ? ? WATSON-CRICK    ? ? ? 
hydrog28 hydrog ? ? A DG 14 N2 ? ? ? 1_555 D DC 2 O2 ? ? B DG 20 A DC 2  1_555 ? ? ? ? ? ? WATSON-CRICK    ? ? ? 
hydrog29 hydrog ? ? A DG 14 O6 ? ? ? 1_555 D DC 2 N4 ? ? B DG 20 A DC 2  1_555 ? ? ? ? ? ? WATSON-CRICK    ? ? ? 
hydrog30 hydrog ? ? A DA 15 N1 ? ? ? 1_555 D DT 1 N3 ? ? B DA 21 A DT 1  1_555 ? ? ? ? ? ? WATSON-CRICK    ? ? ? 
hydrog31 hydrog ? ? A DA 15 N6 ? ? ? 1_555 D DT 1 O4 ? ? B DA 21 A DT 1  1_555 ? ? ? ? ? ? WATSON-CRICK    ? ? ? 
hydrog32 hydrog ? ? A DG 16 N1 ? ? ? 1_555 B DC 8 N3 ? ? B DG 22 C DC 35 1_555 ? ? ? ? ? ? WATSON-CRICK    ? ? ? 
hydrog33 hydrog ? ? A DG 16 N2 ? ? ? 1_555 B DC 8 O2 ? ? B DG 22 C DC 35 1_555 ? ? ? ? ? ? WATSON-CRICK    ? ? ? 
hydrog34 hydrog ? ? A DG 16 O6 ? ? ? 1_555 B DC 8 N4 ? ? B DG 22 C DC 35 1_555 ? ? ? ? ? ? WATSON-CRICK    ? ? ? 
hydrog35 hydrog ? ? A DG 17 N1 ? ? ? 1_555 B DC 7 N3 ? ? B DG 23 C DC 34 1_555 ? ? ? ? ? ? WATSON-CRICK    ? ? ? 
hydrog36 hydrog ? ? A DG 17 N2 ? ? ? 1_555 B DC 7 O2 ? ? B DG 23 C DC 34 1_555 ? ? ? ? ? ? WATSON-CRICK    ? ? ? 
hydrog37 hydrog ? ? A DG 17 O6 ? ? ? 1_555 B DC 7 N4 ? ? B DG 23 C DC 34 1_555 ? ? ? ? ? ? WATSON-CRICK    ? ? ? 
hydrog38 hydrog ? ? A DA 18 N1 ? ? ? 1_555 B DT 6 N3 ? ? B DA 24 C DT 33 1_555 ? ? ? ? ? ? WATSON-CRICK    ? ? ? 
hydrog39 hydrog ? ? A DA 18 N6 ? ? ? 1_555 B DT 6 O4 ? ? B DA 24 C DT 33 1_555 ? ? ? ? ? ? WATSON-CRICK    ? ? ? 
hydrog40 hydrog ? ? A DG 19 O6 ? ? ? 1_555 B DG 5 N1 ? ? B DG 25 C DG 32 1_555 ? ? ? ? ? ? 'DG-DG MISPAIR' ? ? ? 
hydrog41 hydrog ? ? A DT 20 N3 ? ? ? 1_555 B DA 4 N1 ? ? B DT 26 C DA 31 1_555 ? ? ? ? ? ? WATSON-CRICK    ? ? ? 
hydrog42 hydrog ? ? A DT 20 O4 ? ? ? 1_555 B DA 4 N6 ? ? B DT 26 C DA 31 1_555 ? ? ? ? ? ? WATSON-CRICK    ? ? ? 
hydrog43 hydrog ? ? A DC 21 N3 ? ? ? 1_555 B DG 3 N1 ? ? B DC 27 C DG 30 1_555 ? ? ? ? ? ? WATSON-CRICK    ? ? ? 
hydrog44 hydrog ? ? A DC 21 N4 ? ? ? 1_555 B DG 3 O6 ? ? B DC 27 C DG 30 1_555 ? ? ? ? ? ? WATSON-CRICK    ? ? ? 
hydrog45 hydrog ? ? A DC 21 O2 ? ? ? 1_555 B DG 3 N2 ? ? B DC 27 C DG 30 1_555 ? ? ? ? ? ? WATSON-CRICK    ? ? ? 
# 
_struct_conn_type.id          hydrog 
_struct_conn_type.criteria    ? 
_struct_conn_type.reference   ? 
# 
_atom_sites.entry_id                    7JNK 
_atom_sites.Cartn_transf_matrix[1][1]   ? 
_atom_sites.Cartn_transf_matrix[1][2]   ? 
_atom_sites.Cartn_transf_matrix[1][3]   ? 
_atom_sites.Cartn_transf_matrix[2][1]   ? 
_atom_sites.Cartn_transf_matrix[2][2]   ? 
_atom_sites.Cartn_transf_matrix[2][3]   ? 
_atom_sites.Cartn_transf_matrix[3][1]   ? 
_atom_sites.Cartn_transf_matrix[3][2]   ? 
_atom_sites.Cartn_transf_matrix[3][3]   ? 
_atom_sites.Cartn_transf_vector[1]      ? 
_atom_sites.Cartn_transf_vector[2]      ? 
_atom_sites.Cartn_transf_vector[3]      ? 
_atom_sites.fract_transf_matrix[1][1]   0.00522108 
_atom_sites.fract_transf_matrix[1][2]   -0.00814210 
_atom_sites.fract_transf_matrix[1][3]   -0.00313674 
_atom_sites.fract_transf_matrix[2][1]   0.00638367 
_atom_sites.fract_transf_matrix[2][2]   0.00077871 
_atom_sites.fract_transf_matrix[2][3]   -0.00787595 
_atom_sites.fract_transf_matrix[3][1]   0.01435260 
_atom_sites.fract_transf_matrix[3][2]   0.00454860 
_atom_sites.fract_transf_matrix[3][3]   0.01208288 
_atom_sites.fract_transf_vector[1]      0.349019 
_atom_sites.fract_transf_vector[2]      -0.067911 
_atom_sites.fract_transf_vector[3]      0.197561 
_atom_sites.solution_primary            ? 
_atom_sites.solution_secondary          ? 
_atom_sites.solution_hydrogens          ? 
_atom_sites.special_details             ? 
# 
loop_
_atom_type.symbol 
AS 
C  
N  
O  
P  
# 
loop_
_atom_site.group_PDB 
_atom_site.id 
_atom_site.type_symbol 
_atom_site.label_atom_id 
_atom_site.label_alt_id 
_atom_site.label_comp_id 
_atom_site.label_asym_id 
_atom_site.label_entity_id 
_atom_site.label_seq_id 
_atom_site.pdbx_PDB_ins_code 
_atom_site.Cartn_x 
_atom_site.Cartn_y 
_atom_site.Cartn_z 
_atom_site.occupancy 
_atom_site.B_iso_or_equiv 
_atom_site.pdbx_formal_charge 
_atom_site.auth_seq_id 
_atom_site.auth_comp_id 
_atom_site.auth_asym_id 
_atom_site.auth_atom_id 
_atom_site.pdbx_PDB_model_num 
ATOM   1   O  "O5'" . DG  A 1 1  ? 29.056  -18.445 -4.825  1.00 99.75  ? 7   DG  B "O5'" 1 
ATOM   2   C  "C5'" . DG  A 1 1  ? 29.918  -18.224 -5.945  1.00 104.08 ? 7   DG  B "C5'" 1 
ATOM   3   C  "C4'" . DG  A 1 1  ? 29.372  -18.878 -7.212  1.00 104.61 ? 7   DG  B "C4'" 1 
ATOM   4   O  "O4'" . DG  A 1 1  ? 29.095  -20.282 -6.961  1.00 97.54  ? 7   DG  B "O4'" 1 
ATOM   5   C  "C3'" . DG  A 1 1  ? 28.074  -18.286 -7.749  1.00 105.77 ? 7   DG  B "C3'" 1 
ATOM   6   O  "O3'" . DG  A 1 1  ? 28.045  -18.384 -9.171  1.00 111.04 ? 7   DG  B "O3'" 1 
ATOM   7   C  "C2'" . DG  A 1 1  ? 27.013  -19.170 -7.105  1.00 101.26 ? 7   DG  B "C2'" 1 
ATOM   8   C  "C1'" . DG  A 1 1  ? 27.706  -20.532 -7.064  1.00 93.09  ? 7   DG  B "C1'" 1 
ATOM   9   N  N9    . DG  A 1 1  ? 27.308  -21.353 -5.920  1.00 87.27  ? 7   DG  B N9    1 
ATOM   10  C  C8    . DG  A 1 1  ? 27.639  -21.146 -4.600  1.00 87.11  ? 7   DG  B C8    1 
ATOM   11  N  N7    . DG  A 1 1  ? 27.147  -22.044 -3.790  1.00 83.73  ? 7   DG  B N7    1 
ATOM   12  C  C5    . DG  A 1 1  ? 26.444  -22.906 -4.627  1.00 83.46  ? 7   DG  B C5    1 
ATOM   13  C  C6    . DG  A 1 1  ? 25.700  -24.072 -4.317  1.00 82.58  ? 7   DG  B C6    1 
ATOM   14  O  O6    . DG  A 1 1  ? 25.509  -24.589 -3.204  1.00 80.26  ? 7   DG  B O6    1 
ATOM   15  N  N1    . DG  A 1 1  ? 25.146  -24.651 -5.465  1.00 81.20  ? 7   DG  B N1    1 
ATOM   16  C  C2    . DG  A 1 1  ? 25.292  -24.162 -6.746  1.00 83.36  ? 7   DG  B C2    1 
ATOM   17  N  N2    . DG  A 1 1  ? 24.681  -24.856 -7.724  1.00 81.48  ? 7   DG  B N2    1 
ATOM   18  N  N3    . DG  A 1 1  ? 25.989  -23.069 -7.048  1.00 86.26  ? 7   DG  B N3    1 
ATOM   19  C  C4    . DG  A 1 1  ? 26.535  -22.495 -5.943  1.00 84.97  ? 7   DG  B C4    1 
ATOM   20  P  P     . DA  A 1 2  ? 26.928  -17.594 -10.021 1.00 121.00 ? 8   DA  B P     1 
ATOM   21  O  OP1   . DA  A 1 2  ? 27.484  -17.403 -11.380 1.00 117.46 ? 8   DA  B OP1   1 
ATOM   22  O  OP2   . DA  A 1 2  ? 26.473  -16.425 -9.234  1.00 111.29 ? 8   DA  B OP2   1 
ATOM   23  O  "O5'" . DA  A 1 2  ? 25.713  -18.630 -10.117 1.00 105.61 ? 8   DA  B "O5'" 1 
ATOM   24  C  "C5'" . DA  A 1 2  ? 24.565  -18.297 -10.878 1.00 104.25 ? 8   DA  B "C5'" 1 
ATOM   25  C  "C4'" . DA  A 1 2  ? 23.891  -19.545 -11.413 1.00 105.16 ? 8   DA  B "C4'" 1 
ATOM   26  O  "O4'" . DA  A 1 2  ? 24.051  -20.628 -10.465 1.00 101.05 ? 8   DA  B "O4'" 1 
ATOM   27  C  "C3'" . DA  A 1 2  ? 22.392  -19.409 -11.619 1.00 107.30 ? 8   DA  B "C3'" 1 
ATOM   28  O  "O3'" . DA  A 1 2  ? 21.952  -20.295 -12.638 1.00 111.31 ? 8   DA  B "O3'" 1 
ATOM   29  C  "C2'" . DA  A 1 2  ? 21.836  -19.796 -10.255 1.00 100.51 ? 8   DA  B "C2'" 1 
ATOM   30  C  "C1'" . DA  A 1 2  ? 22.840  -20.842 -9.762  1.00 96.47  ? 8   DA  B "C1'" 1 
ATOM   31  N  N9    . DA  A 1 2  ? 23.118  -20.725 -8.338  1.00 92.99  ? 8   DA  B N9    1 
ATOM   32  C  C8    . DA  A 1 2  ? 23.831  -19.736 -7.720  1.00 94.14  ? 8   DA  B C8    1 
ATOM   33  N  N7    . DA  A 1 2  ? 23.915  -19.874 -6.417  1.00 88.35  ? 8   DA  B N7    1 
ATOM   34  C  C5    . DA  A 1 2  ? 23.203  -21.034 -6.161  1.00 88.92  ? 8   DA  B C5    1 
ATOM   35  C  C6    . DA  A 1 2  ? 22.914  -21.729 -4.969  1.00 87.25  ? 8   DA  B C6    1 
ATOM   36  N  N6    . DA  A 1 2  ? 23.335  -21.328 -3.762  1.00 83.84  ? 8   DA  B N6    1 
ATOM   37  N  N1    . DA  A 1 2  ? 22.174  -22.857 -5.066  1.00 84.81  ? 8   DA  B N1    1 
ATOM   38  C  C2    . DA  A 1 2  ? 21.758  -23.257 -6.277  1.00 85.69  ? 8   DA  B C2    1 
ATOM   39  N  N3    . DA  A 1 2  ? 21.965  -22.689 -7.466  1.00 87.30  ? 8   DA  B N3    1 
ATOM   40  C  C4    . DA  A 1 2  ? 22.701  -21.572 -7.337  1.00 89.75  ? 8   DA  B C4    1 
ATOM   41  P  P     . DA  A 1 3  ? 20.394  -20.354 -13.036 1.00 115.54 ? 9   DA  B P     1 
ATOM   42  O  OP1   . DA  A 1 3  ? 20.297  -20.719 -14.468 1.00 113.37 ? 9   DA  B OP1   1 
ATOM   43  O  OP2   . DA  A 1 3  ? 19.753  -19.113 -12.542 1.00 108.31 ? 9   DA  B OP2   1 
ATOM   44  O  "O5'" . DA  A 1 3  ? 19.826  -21.563 -12.159 1.00 105.96 ? 9   DA  B "O5'" 1 
ATOM   45  C  "C5'" . DA  A 1 3  ? 18.958  -22.522 -12.753 1.00 106.53 ? 9   DA  B "C5'" 1 
ATOM   46  C  "C4'" . DA  A 1 3  ? 17.943  -23.023 -11.745 1.00 103.42 ? 9   DA  B "C4'" 1 
ATOM   47  O  "O4'" . DA  A 1 3  ? 18.610  -23.352 -10.503 1.00 103.12 ? 9   DA  B "O4'" 1 
ATOM   48  C  "C3'" . DA  A 1 3  ? 16.883  -22.017 -11.347 1.00 103.78 ? 9   DA  B "C3'" 1 
ATOM   49  O  "O3'" . DA  A 1 3  ? 15.811  -21.983 -12.323 1.00 104.45 ? 9   DA  B "O3'" 1 
ATOM   50  C  "C2'" . DA  A 1 3  ? 16.434  -22.552 -9.992  1.00 99.22  ? 9   DA  B "C2'" 1 
ATOM   51  C  "C1'" . DA  A 1 3  ? 17.733  -23.108 -9.411  1.00 97.81  ? 9   DA  B "C1'" 1 
ATOM   52  N  N9    . DA  A 1 3  ? 18.401  -22.205 -8.472  1.00 92.71  ? 9   DA  B N9    1 
ATOM   53  C  C8    . DA  A 1 3  ? 19.158  -21.112 -8.782  1.00 93.58  ? 9   DA  B C8    1 
ATOM   54  N  N7    . DA  A 1 3  ? 19.651  -20.490 -7.736  1.00 90.49  ? 9   DA  B N7    1 
ATOM   55  C  C5    . DA  A 1 3  ? 19.184  -21.226 -6.660  1.00 88.68  ? 9   DA  B C5    1 
ATOM   56  C  C6    . DA  A 1 3  ? 19.354  -21.086 -5.263  1.00 86.10  ? 9   DA  B C6    1 
ATOM   57  N  N6    . DA  A 1 3  ? 20.075  -20.104 -4.701  1.00 83.98  ? 9   DA  B N6    1 
ATOM   58  N  N1    . DA  A 1 3  ? 18.752  -21.997 -4.466  1.00 84.20  ? 9   DA  B N1    1 
ATOM   59  C  C2    . DA  A 1 3  ? 18.031  -22.977 -5.033  1.00 85.58  ? 9   DA  B C2    1 
ATOM   60  N  N3    . DA  A 1 3  ? 17.800  -23.210 -6.328  1.00 87.10  ? 9   DA  B N3    1 
ATOM   61  C  C4    . DA  A 1 3  ? 18.411  -22.292 -7.094  1.00 88.35  ? 9   DA  B C4    1 
ATOM   62  P  P     . DC  A 1 4  ? 14.723  -23.171 -12.457 1.00 111.51 ? 10  DC  B P     1 
ATOM   63  O  OP1   . DC  A 1 4  ? 15.379  -24.499 -12.414 1.00 111.96 ? 10  DC  B OP1   1 
ATOM   64  O  OP2   . DC  A 1 4  ? 13.910  -22.820 -13.642 1.00 110.74 ? 10  DC  B OP2   1 
ATOM   65  O  "O5'" . DC  A 1 4  ? 13.798  -23.026 -11.156 1.00 100.18 ? 10  DC  B "O5'" 1 
ATOM   66  C  "C5'" . DC  A 1 4  ? 12.942  -24.097 -10.788 1.00 96.98  ? 10  DC  B "C5'" 1 
ATOM   67  C  "C4'" . DC  A 1 4  ? 12.558  -24.031 -9.319  1.00 98.54  ? 10  DC  B "C4'" 1 
ATOM   68  O  "O4'" . DC  A 1 4  ? 13.704  -23.713 -8.503  1.00 93.67  ? 10  DC  B "O4'" 1 
ATOM   69  C  "C3'" . DC  A 1 4  ? 11.566  -22.948 -8.942  1.00 99.63  ? 10  DC  B "C3'" 1 
ATOM   70  O  "O3'" . DC  A 1 4  ? 10.203  -23.291 -9.354  1.00 99.10  ? 10  DC  B "O3'" 1 
ATOM   71  C  "C2'" . DC  A 1 4  ? 11.747  -22.885 -7.424  1.00 92.74  ? 10  DC  B "C2'" 1 
ATOM   72  C  "C1'" . DC  A 1 4  ? 13.216  -23.303 -7.231  1.00 91.89  ? 10  DC  B "C1'" 1 
ATOM   73  N  N1    . DC  A 1 4  ? 14.098  -22.215 -6.658  1.00 87.67  ? 10  DC  B N1    1 
ATOM   74  C  C2    . DC  A 1 4  ? 14.294  -22.143 -5.269  1.00 83.94  ? 10  DC  B C2    1 
ATOM   75  O  O2    . DC  A 1 4  ? 13.740  -22.974 -4.537  1.00 85.23  ? 10  DC  B O2    1 
ATOM   76  N  N3    . DC  A 1 4  ? 15.090  -21.162 -4.764  1.00 80.11  ? 10  DC  B N3    1 
ATOM   77  C  C4    . DC  A 1 4  ? 15.671  -20.282 -5.584  1.00 81.20  ? 10  DC  B C4    1 
ATOM   78  N  N4    . DC  A 1 4  ? 16.446  -19.333 -5.042  1.00 76.69  ? 10  DC  B N4    1 
ATOM   79  C  C5    . DC  A 1 4  ? 15.483  -20.338 -6.996  1.00 84.37  ? 10  DC  B C5    1 
ATOM   80  C  C6    . DC  A 1 4  ? 14.692  -21.306 -7.483  1.00 88.38  ? 10  DC  B C6    1 
ATOM   81  P  P     . DG  A 1 5  ? 9.298   -24.384 -8.579  1.00 105.57 ? 11  DG  B P     1 
ATOM   82  O  OP1   . DG  A 1 5  ? 10.081  -25.617 -8.330  1.00 104.87 ? 11  DG  B OP1   1 
ATOM   83  O  OP2   . DG  A 1 5  ? 8.042   -24.473 -9.360  1.00 105.55 ? 11  DG  B OP2   1 
ATOM   84  O  "O5'" . DG  A 1 5  ? 8.931   -23.701 -7.174  1.00 97.62  ? 11  DG  B "O5'" 1 
ATOM   85  C  "C5'" . DG  A 1 5  ? 8.603   -24.531 -6.061  1.00 96.77  ? 11  DG  B "C5'" 1 
ATOM   86  C  "C4'" . DG  A 1 5  ? 8.898   -23.846 -4.731  1.00 96.37  ? 11  DG  B "C4'" 1 
ATOM   87  O  "O4'" . DG  A 1 5  ? 10.061  -22.996 -4.839  1.00 90.00  ? 11  DG  B "O4'" 1 
ATOM   88  C  "C3'" . DG  A 1 5  ? 7.775   -22.955 -4.180  1.00 95.37  ? 11  DG  B "C3'" 1 
ATOM   89  O  "O3'" . DG  A 1 5  ? 7.278   -23.505 -2.968  1.00 97.10  ? 11  DG  B "O3'" 1 
ATOM   90  C  "C2'" . DG  A 1 5  ? 8.448   -21.595 -3.940  1.00 89.94  ? 11  DG  B "C2'" 1 
ATOM   91  C  "C1'" . DG  A 1 5  ? 9.921   -21.962 -3.899  1.00 86.44  ? 11  DG  B "C1'" 1 
ATOM   92  N  N9    . DG  A 1 5  ? 10.814  -20.865 -4.262  1.00 82.76  ? 11  DG  B N9    1 
ATOM   93  C  C8    . DG  A 1 5  ? 11.058  -20.379 -5.523  1.00 83.17  ? 11  DG  B C8    1 
ATOM   94  N  N7    . DG  A 1 5  ? 11.911  -19.394 -5.550  1.00 78.92  ? 11  DG  B N7    1 
ATOM   95  C  C5    . DG  A 1 5  ? 12.255  -19.207 -4.220  1.00 77.84  ? 11  DG  B C5    1 
ATOM   96  C  C6    . DG  A 1 5  ? 13.142  -18.275 -3.636  1.00 75.68  ? 11  DG  B C6    1 
ATOM   97  O  O6    . DG  A 1 5  ? 13.822  -17.403 -4.203  1.00 75.83  ? 11  DG  B O6    1 
ATOM   98  N  N1    . DG  A 1 5  ? 13.203  -18.421 -2.248  1.00 74.76  ? 11  DG  B N1    1 
ATOM   99  C  C2    . DG  A 1 5  ? 12.492  -19.355 -1.521  1.00 78.30  ? 11  DG  B C2    1 
ATOM   100 N  N2    . DG  A 1 5  ? 12.683  -19.344 -0.189  1.00 77.82  ? 11  DG  B N2    1 
ATOM   101 N  N3    . DG  A 1 5  ? 11.655  -20.238 -2.060  1.00 77.53  ? 11  DG  B N3    1 
ATOM   102 C  C4    . DG  A 1 5  ? 11.586  -20.105 -3.410  1.00 79.78  ? 11  DG  B C4    1 
ATOM   103 P  P     . DA  A 1 6  ? 5.842   -23.053 -2.406  1.00 102.33 ? 12  DA  B P     1 
ATOM   104 O  OP1   . DA  A 1 6  ? 5.158   -24.267 -1.903  1.00 100.76 ? 12  DA  B OP1   1 
ATOM   105 O  OP2   . DA  A 1 6  ? 5.207   -22.230 -3.459  1.00 101.99 ? 12  DA  B OP2   1 
ATOM   106 O  "O5'" . DA  A 1 6  ? 6.191   -22.092 -1.171  1.00 95.07  ? 12  DA  B "O5'" 1 
ATOM   107 C  "C5'" . DA  A 1 6  ? 6.829   -22.620 -0.009  1.00 91.95  ? 12  DA  B "C5'" 1 
ATOM   108 C  "C4'" . DA  A 1 6  ? 7.175   -21.512 0.977   1.00 92.08  ? 12  DA  B "C4'" 1 
ATOM   109 O  "O4'" . DA  A 1 6  ? 8.190   -20.646 0.404   1.00 85.59  ? 12  DA  B "O4'" 1 
ATOM   110 C  "C3'" . DA  A 1 6  ? 6.013   -20.596 1.368   1.00 91.56  ? 12  DA  B "C3'" 1 
ATOM   111 O  "O3'" . DA  A 1 6  ? 6.130   -20.227 2.739   1.00 96.05  ? 12  DA  B "O3'" 1 
ATOM   112 C  "C2'" . DA  A 1 6  ? 6.218   -19.390 0.460   1.00 87.77  ? 12  DA  B "C2'" 1 
ATOM   113 C  "C1'" . DA  A 1 6  ? 7.736   -19.310 0.417   1.00 83.08  ? 12  DA  B "C1'" 1 
ATOM   114 N  N9    . DA  A 1 6  ? 8.248   -18.653 -0.778  1.00 79.07  ? 12  DA  B N9    1 
ATOM   115 C  C8    . DA  A 1 6  ? 7.886   -18.903 -2.070  1.00 78.96  ? 12  DA  B C8    1 
ATOM   116 N  N7    . DA  A 1 6  ? 8.518   -18.164 -2.951  1.00 75.09  ? 12  DA  B N7    1 
ATOM   117 C  C5    . DA  A 1 6  ? 9.355   -17.372 -2.180  1.00 73.59  ? 12  DA  B C5    1 
ATOM   118 C  C6    . DA  A 1 6  ? 10.290  -16.370 -2.513  1.00 72.38  ? 12  DA  B C6    1 
ATOM   119 N  N6    . DA  A 1 6  ? 10.542  -15.987 -3.771  1.00 70.66  ? 12  DA  B N6    1 
ATOM   120 N  N1    . DA  A 1 6  ? 10.957  -15.774 -1.499  1.00 72.45  ? 12  DA  B N1    1 
ATOM   121 C  C2    . DA  A 1 6  ? 10.702  -16.162 -0.241  1.00 74.11  ? 12  DA  B C2    1 
ATOM   122 N  N3    . DA  A 1 6  ? 9.848   -17.089 0.194   1.00 73.74  ? 12  DA  B N3    1 
ATOM   123 C  C4    . DA  A 1 6  ? 9.201   -17.662 -0.835  1.00 74.64  ? 12  DA  B C4    1 
ATOM   124 P  P     . DC  A 1 7  ? 4.872   -20.376 3.730   1.00 108.75 ? 13  DC  B P     1 
ATOM   125 O  OP1   . DC  A 1 7  ? 5.345   -21.152 4.902   1.00 109.99 ? 13  DC  B OP1   1 
ATOM   126 O  OP2   . DC  A 1 7  ? 3.714   -20.852 2.933   1.00 97.92  ? 13  DC  B OP2   1 
ATOM   127 O  "O5'" . DC  A 1 7  ? 4.589   -18.880 4.227   1.00 95.26  ? 13  DC  B "O5'" 1 
ATOM   128 C  "C5'" . DC  A 1 7  ? 4.663   -17.799 3.308   1.00 91.21  ? 13  DC  B "C5'" 1 
ATOM   129 C  "C4'" . DC  A 1 7  ? 5.863   -16.921 3.608   1.00 88.88  ? 13  DC  B "C4'" 1 
ATOM   130 O  "O4'" . DC  A 1 7  ? 6.681   -16.795 2.410   1.00 84.14  ? 13  DC  B "O4'" 1 
ATOM   131 C  "C3'" . DC  A 1 7  ? 5.518   -15.490 4.035   1.00 87.90  ? 13  DC  B "C3'" 1 
ATOM   132 O  "O3'" . DC  A 1 7  ? 6.439   -15.029 5.037   1.00 91.12  ? 13  DC  B "O3'" 1 
ATOM   133 C  "C2'" . DC  A 1 7  ? 5.677   -14.719 2.733   1.00 86.60  ? 13  DC  B "C2'" 1 
ATOM   134 C  "C1'" . DC  A 1 7  ? 6.882   -15.425 2.137   1.00 80.95  ? 13  DC  B "C1'" 1 
ATOM   135 N  N1    . DC  A 1 7  ? 7.020   -15.223 0.665   1.00 76.96  ? 13  DC  B N1    1 
ATOM   136 C  C2    . DC  A 1 7  ? 7.943   -14.286 0.183   1.00 74.71  ? 13  DC  B C2    1 
ATOM   137 O  O2    . DC  A 1 7  ? 8.634   -13.649 0.993   1.00 75.10  ? 13  DC  B O2    1 
ATOM   138 N  N3    . DC  A 1 7  ? 8.059   -14.105 -1.160  1.00 68.52  ? 13  DC  B N3    1 
ATOM   139 C  C4    . DC  A 1 7  ? 7.296   -14.814 -1.997  1.00 67.37  ? 13  DC  B C4    1 
ATOM   140 N  N4    . DC  A 1 7  ? 7.445   -14.604 -3.308  1.00 65.85  ? 13  DC  B N4    1 
ATOM   141 C  C5    . DC  A 1 7  ? 6.349   -15.770 -1.524  1.00 73.47  ? 13  DC  B C5    1 
ATOM   142 C  C6    . DC  A 1 7  ? 6.243   -15.939 -0.199  1.00 76.74  ? 13  DC  B C6    1 
ATOM   143 P  P     . DA  A 1 8  ? 6.103   -13.718 5.913   1.00 102.79 ? 14  DA  B P     1 
ATOM   144 O  OP1   . DA  A 1 8  ? 6.086   -14.122 7.341   1.00 101.72 ? 14  DA  B OP1   1 
ATOM   145 O  OP2   . DA  A 1 8  ? 4.919   -13.059 5.318   1.00 91.02  ? 14  DA  B OP2   1 
ATOM   146 O  "O5'" . DA  A 1 8  ? 7.358   -12.752 5.661   1.00 87.84  ? 14  DA  B "O5'" 1 
ATOM   147 C  "C5'" . DA  A 1 8  ? 7.915   -12.653 4.362   1.00 79.28  ? 14  DA  B "C5'" 1 
ATOM   148 C  "C4'" . DA  A 1 8  ? 8.814   -11.440 4.225   1.00 80.76  ? 14  DA  B "C4'" 1 
ATOM   149 O  "O4'" . DA  A 1 8  ? 9.058   -11.215 2.816   1.00 82.70  ? 14  DA  B "O4'" 1 
ATOM   150 C  "C3'" . DA  A 1 8  ? 8.232   -10.127 4.743   1.00 82.62  ? 14  DA  B "C3'" 1 
ATOM   151 O  "O3'" . DA  A 1 8  ? 9.282   -9.216  5.089   1.00 85.02  ? 14  DA  B "O3'" 1 
ATOM   152 C  "C2'" . DA  A 1 8  ? 7.450   -9.625  3.540   1.00 80.88  ? 14  DA  B "C2'" 1 
ATOM   153 C  "C1'" . DA  A 1 8  ? 8.321   -10.087 2.370   1.00 79.28  ? 14  DA  B "C1'" 1 
ATOM   154 N  N9    . DA  A 1 8  ? 7.532   -10.466 1.197   1.00 72.87  ? 14  DA  B N9    1 
ATOM   155 C  C8    . DA  A 1 8  ? 6.431   -11.278 1.177   1.00 71.90  ? 14  DA  B C8    1 
ATOM   156 N  N7    . DA  A 1 8  ? 5.907   -11.432 -0.018  1.00 70.59  ? 14  DA  B N7    1 
ATOM   157 C  C5    . DA  A 1 8  ? 6.717   -10.660 -0.837  1.00 68.24  ? 14  DA  B C5    1 
ATOM   158 C  C6    . DA  A 1 8  ? 6.696   -10.400 -2.225  1.00 67.79  ? 14  DA  B C6    1 
ATOM   159 N  N6    . DA  A 1 8  ? 5.784   -10.918 -3.061  1.00 65.53  ? 14  DA  B N6    1 
ATOM   160 N  N1    . DA  A 1 8  ? 7.651   -9.585  -2.723  1.00 69.20  ? 14  DA  B N1    1 
ATOM   161 C  C2    . DA  A 1 8  ? 8.557   -9.066  -1.882  1.00 70.04  ? 14  DA  B C2    1 
ATOM   162 N  N3    . DA  A 1 8  ? 8.682   -9.241  -0.567  1.00 66.84  ? 14  DA  B N3    1 
ATOM   163 C  C4    . DA  A 1 8  ? 7.722   -10.054 -0.102  1.00 66.83  ? 14  DA  B C4    1 
ATOM   164 P  P     . DT  A 1 9  ? 8.935   -7.756  5.681   1.00 92.03  ? 15  DT  B P     1 
ATOM   165 O  OP1   . DT  A 1 9  ? 10.062  -7.369  6.563   1.00 90.35  ? 15  DT  B OP1   1 
ATOM   166 O  OP2   . DT  A 1 9  ? 7.554   -7.804  6.223   1.00 82.02  ? 15  DT  B OP2   1 
ATOM   167 O  "O5'" . DT  A 1 9  ? 8.949   -6.792  4.395   1.00 80.56  ? 15  DT  B "O5'" 1 
ATOM   168 C  "C5'" . DT  A 1 9  ? 10.158  -6.120  4.019   1.00 77.90  ? 15  DT  B "C5'" 1 
ATOM   169 C  "C4'" . DT  A 1 9  ? 10.103  -5.644  2.574   1.00 82.02  ? 15  DT  B "C4'" 1 
ATOM   170 O  "O4'" . DT  A 1 9  ? 9.202   -6.469  1.820   1.00 83.16  ? 15  DT  B "O4'" 1 
ATOM   171 C  "C3'" . DT  A 1 9  ? 9.587   -4.220  2.370   1.00 82.24  ? 15  DT  B "C3'" 1 
ATOM   172 O  "O3'" . DT  A 1 9  ? 10.679  -3.324  2.235   1.00 83.61  ? 15  DT  B "O3'" 1 
ATOM   173 C  "C2'" . DT  A 1 9  ? 8.759   -4.291  1.068   1.00 78.49  ? 15  DT  B "C2'" 1 
ATOM   174 C  "C1'" . DT  A 1 9  ? 8.844   -5.760  0.661   1.00 79.17  ? 15  DT  B "C1'" 1 
ATOM   175 N  N1    . DT  A 1 9  ? 7.563   -6.314  0.141   1.00 75.11  ? 15  DT  B N1    1 
ATOM   176 C  C2    . DT  A 1 9  ? 7.241   -6.138  -1.187  1.00 73.73  ? 15  DT  B C2    1 
ATOM   177 O  O2    . DT  A 1 9  ? 7.945   -5.525  -1.970  1.00 74.69  ? 15  DT  B O2    1 
ATOM   178 N  N3    . DT  A 1 9  ? 6.045   -6.692  -1.564  1.00 71.54  ? 15  DT  B N3    1 
ATOM   179 C  C4    . DT  A 1 9  ? 5.162   -7.401  -0.766  1.00 70.01  ? 15  DT  B C4    1 
ATOM   180 O  O4    . DT  A 1 9  ? 4.110   -7.868  -1.198  1.00 68.70  ? 15  DT  B O4    1 
ATOM   181 C  C5    . DT  A 1 9  ? 5.565   -7.555  0.611   1.00 68.70  ? 15  DT  B C5    1 
ATOM   182 C  C7    . DT  A 1 9  ? 4.689   -8.303  1.567   1.00 64.75  ? 15  DT  B C7    1 
ATOM   183 C  C6    . DT  A 1 9  ? 6.732   -7.012  0.992   1.00 72.51  ? 15  DT  B C6    1 
ATOM   184 P  P     . DT  A 1 10 ? 10.416  -1.739  2.157   1.00 92.27  ? 16  DT  B P     1 
ATOM   185 O  OP1   . DT  A 1 10 ? 11.702  -1.055  2.427   1.00 95.31  ? 16  DT  B OP1   1 
ATOM   186 O  OP2   . DT  A 1 10 ? 9.229   -1.453  2.995   1.00 86.94  ? 16  DT  B OP2   1 
ATOM   187 O  "O5'" . DT  A 1 10 ? 10.022  -1.478  0.625   1.00 83.38  ? 16  DT  B "O5'" 1 
ATOM   188 C  "C5'" . DT  A 1 10 ? 10.983  -1.688  -0.401  1.00 80.52  ? 16  DT  B "C5'" 1 
ATOM   189 C  "C4'" . DT  A 1 10 ? 10.441  -1.230  -1.743  1.00 82.08  ? 16  DT  B "C4'" 1 
ATOM   190 O  "O4'" . DT  A 1 10 ? 9.413   -2.149  -2.192  1.00 84.00  ? 16  DT  B "O4'" 1 
ATOM   191 C  "C3'" . DT  A 1 10 ? 9.796   0.163   -1.741  1.00 82.41  ? 16  DT  B "C3'" 1 
ATOM   192 O  "O3'" . DT  A 1 10 ? 10.310  0.936   -2.815  1.00 86.66  ? 16  DT  B "O3'" 1 
ATOM   193 C  "C2'" . DT  A 1 10 ? 8.303   -0.124  -1.927  1.00 79.60  ? 16  DT  B "C2'" 1 
ATOM   194 C  "C1'" . DT  A 1 10 ? 8.346   -1.408  -2.735  1.00 80.29  ? 16  DT  B "C1'" 1 
ATOM   195 N  N1    . DT  A 1 10 ? 7.092   -2.233  -2.655  1.00 75.68  ? 16  DT  B N1    1 
ATOM   196 C  C2    . DT  A 1 10 ? 6.385   -2.487  -3.808  1.00 72.50  ? 16  DT  B C2    1 
ATOM   197 O  O2    . DT  A 1 10 ? 6.726   -2.070  -4.903  1.00 77.64  ? 16  DT  B O2    1 
ATOM   198 N  N3    . DT  A 1 10 ? 5.258   -3.252  -3.638  1.00 69.07  ? 16  DT  B N3    1 
ATOM   199 C  C4    . DT  A 1 10 ? 4.773   -3.778  -2.450  1.00 74.06  ? 16  DT  B C4    1 
ATOM   200 O  O4    . DT  A 1 10 ? 3.745   -4.456  -2.397  1.00 72.50  ? 16  DT  B O4    1 
ATOM   201 C  C5    . DT  A 1 10 ? 5.563   -3.470  -1.276  1.00 75.03  ? 16  DT  B C5    1 
ATOM   202 C  C7    . DT  A 1 10 ? 5.140   -3.981  0.069   1.00 70.41  ? 16  DT  B C7    1 
ATOM   203 C  C6    . DT  A 1 10 ? 6.671   -2.725  -1.435  1.00 75.69  ? 16  DT  B C6    1 
ATOM   204 P  P     . DG  A 1 11 ? 10.091  2.526   -2.828  1.00 92.43  ? 17  DG  B P     1 
ATOM   205 O  OP1   . DG  A 1 11 ? 11.246  3.152   -3.516  1.00 92.06  ? 17  DG  B OP1   1 
ATOM   206 O  OP2   . DG  A 1 11 ? 9.749   2.915   -1.437  1.00 87.39  ? 17  DG  B OP2   1 
ATOM   207 O  "O5'" . DG  A 1 11 ? 8.794   2.724   -3.740  1.00 81.84  ? 17  DG  B "O5'" 1 
ATOM   208 C  "C5'" . DG  A 1 11 ? 8.869   2.496   -5.142  1.00 80.21  ? 17  DG  B "C5'" 1 
ATOM   209 C  "C4'" . DG  A 1 11 ? 7.517   2.735   -5.793  1.00 82.35  ? 17  DG  B "C4'" 1 
ATOM   210 O  "O4'" . DG  A 1 11 ? 6.600   1.671   -5.417  1.00 86.23  ? 17  DG  B "O4'" 1 
ATOM   211 C  "C3'" . DG  A 1 11 ? 6.819   4.044   -5.403  1.00 77.81  ? 17  DG  B "C3'" 1 
ATOM   212 O  "O3'" . DG  A 1 11 ? 6.202   4.608   -6.552  1.00 78.43  ? 17  DG  B "O3'" 1 
ATOM   213 C  "C2'" . DG  A 1 11 ? 5.776   3.585   -4.386  1.00 69.57  ? 17  DG  B "C2'" 1 
ATOM   214 C  "C1'" . DG  A 1 11 ? 5.390   2.240   -4.973  1.00 74.65  ? 17  DG  B "C1'" 1 
ATOM   215 N  N9    . DG  A 1 11 ? 4.778   1.335   -4.011  1.00 67.14  ? 17  DG  B N9    1 
ATOM   216 C  C8    . DG  A 1 11 ? 5.168   1.126   -2.713  1.00 70.67  ? 17  DG  B C8    1 
ATOM   217 N  N7    . DG  A 1 11 ? 4.431   0.254   -2.083  1.00 71.71  ? 17  DG  B N7    1 
ATOM   218 C  C5    . DG  A 1 11 ? 3.491   -0.140  -3.026  1.00 66.47  ? 17  DG  B C5    1 
ATOM   219 C  C6    . DG  A 1 11 ? 2.431   -1.069  -2.917  1.00 64.05  ? 17  DG  B C6    1 
ATOM   220 O  O6    . DG  A 1 11 ? 2.103   -1.747  -1.933  1.00 67.39  ? 17  DG  B O6    1 
ATOM   221 N  N1    . DG  A 1 11 ? 1.714   -1.174  -4.110  1.00 60.18  ? 17  DG  B N1    1 
ATOM   222 C  C2    . DG  A 1 11 ? 1.991   -0.468  -5.259  1.00 62.59  ? 17  DG  B C2    1 
ATOM   223 N  N2    . DG  A 1 11 ? 1.188   -0.703  -6.311  1.00 61.02  ? 17  DG  B N2    1 
ATOM   224 N  N3    . DG  A 1 11 ? 2.986   0.408   -5.372  1.00 64.60  ? 17  DG  B N3    1 
ATOM   225 C  C4    . DG  A 1 11 ? 3.690   0.518   -4.218  1.00 64.85  ? 17  DG  B C4    1 
ATOM   226 P  P     . DA  A 1 12 ? 5.773   6.157   -6.575  1.00 79.82  ? 18  DA  B P     1 
ATOM   227 O  OP1   . DA  A 1 12 ? 6.798   6.882   -7.359  1.00 72.60  ? 18  DA  B OP1   1 
ATOM   228 O  OP2   . DA  A 1 12 ? 5.464   6.566   -5.183  1.00 78.02  ? 18  DA  B OP2   1 
ATOM   229 O  "O5'" . DA  A 1 12 ? 4.391   6.158   -7.385  1.00 79.70  ? 18  DA  B "O5'" 1 
ATOM   230 C  "C5'" . DA  A 1 12 ? 4.330   5.628   -8.708  1.00 74.16  ? 18  DA  B "C5'" 1 
ATOM   231 C  "C4'" . DA  A 1 12 ? 2.912   5.180   -9.049  1.00 76.94  ? 18  DA  B "C4'" 1 
ATOM   232 O  "O4'" . DA  A 1 12 ? 2.509   4.107   -8.159  1.00 73.33  ? 18  DA  B "O4'" 1 
ATOM   233 C  "C3'" . DA  A 1 12 ? 1.831   6.255   -8.929  1.00 74.29  ? 18  DA  B "C3'" 1 
ATOM   234 O  "O3'" . DA  A 1 12 ? 0.888   6.096   -9.979  1.00 74.92  ? 18  DA  B "O3'" 1 
ATOM   235 C  "C2'" . DA  A 1 12 ? 1.205   5.969   -7.565  1.00 69.52  ? 18  DA  B "C2'" 1 
ATOM   236 C  "C1'" . DA  A 1 12 ? 1.320   4.454   -7.478  1.00 67.77  ? 18  DA  B "C1'" 1 
ATOM   237 N  N9    . DA  A 1 12 ? 1.444   3.958   -6.113  1.00 66.11  ? 18  DA  B N9    1 
ATOM   238 C  C8    . DA  A 1 12 ? 2.399   4.307   -5.201  1.00 66.66  ? 18  DA  B C8    1 
ATOM   239 N  N7    . DA  A 1 12 ? 2.280   3.690   -4.047  1.00 67.53  ? 18  DA  B N7    1 
ATOM   240 C  C5    . DA  A 1 12 ? 1.175   2.872   -4.218  1.00 62.86  ? 18  DA  B C5    1 
ATOM   241 C  C6    . DA  A 1 12 ? 0.524   1.955   -3.362  1.00 62.52  ? 18  DA  B C6    1 
ATOM   242 N  N6    . DA  A 1 12 ? 0.922   1.705   -2.105  1.00 59.89  ? 18  DA  B N6    1 
ATOM   243 N  N1    . DA  A 1 12 ? -0.555  1.302   -3.849  1.00 62.06  ? 18  DA  B N1    1 
ATOM   244 C  C2    . DA  A 1 12 ? -0.948  1.553   -5.108  1.00 63.15  ? 18  DA  B C2    1 
ATOM   245 N  N3    . DA  A 1 12 ? -0.417  2.388   -6.003  1.00 63.88  ? 18  DA  B N3    1 
ATOM   246 C  C4    . DA  A 1 12 ? 0.649   3.021   -5.492  1.00 63.54  ? 18  DA  B C4    1 
ATOM   247 P  P     . DC  A 1 13 ? -0.383  7.072   -10.085 1.00 86.53  ? 19  DC  B P     1 
ATOM   248 O  OP1   . DC  A 1 13 ? -0.880  6.981   -11.478 1.00 83.94  ? 19  DC  B OP1   1 
ATOM   249 O  OP2   . DC  A 1 13 ? -0.010  8.384   -9.508  1.00 84.65  ? 19  DC  B OP2   1 
ATOM   250 O  "O5'" . DC  A 1 13 ? -1.463  6.400   -9.118  1.00 72.16  ? 19  DC  B "O5'" 1 
ATOM   251 C  "C5'" . DC  A 1 13 ? -1.842  5.050   -9.319  1.00 73.48  ? 19  DC  B "C5'" 1 
ATOM   252 C  "C4'" . DC  A 1 13 ? -3.052  4.714   -8.476  1.00 73.68  ? 19  DC  B "C4'" 1 
ATOM   253 O  "O4'" . DC  A 1 13 ? -2.619  4.171   -7.213  1.00 71.44  ? 19  DC  B "O4'" 1 
ATOM   254 C  "C3'" . DC  A 1 13 ? -3.948  5.910   -8.147  1.00 72.02  ? 19  DC  B "C3'" 1 
ATOM   255 O  "O3'" . DC  A 1 13 ? -5.223  5.743   -8.764  1.00 76.10  ? 19  DC  B "O3'" 1 
ATOM   256 C  "C2'" . DC  A 1 13 ? -4.044  5.920   -6.613  1.00 68.88  ? 19  DC  B "C2'" 1 
ATOM   257 C  "C1'" . DC  A 1 13 ? -3.532  4.542   -6.220  1.00 64.73  ? 19  DC  B "C1'" 1 
ATOM   258 N  N1    . DC  A 1 13 ? -2.820  4.518   -4.919  1.00 60.92  ? 19  DC  B N1    1 
ATOM   259 C  C2    . DC  A 1 13 ? -3.264  3.678   -3.899  1.00 61.14  ? 19  DC  B C2    1 
ATOM   260 O  O2    . DC  A 1 13 ? -4.263  2.969   -4.101  1.00 62.32  ? 19  DC  B O2    1 
ATOM   261 N  N3    . DC  A 1 13 ? -2.597  3.659   -2.719  1.00 60.74  ? 19  DC  B N3    1 
ATOM   262 C  C4    . DC  A 1 13 ? -1.523  4.440   -2.549  1.00 60.16  ? 19  DC  B C4    1 
ATOM   263 N  N4    . DC  A 1 13 ? -0.893  4.390   -1.368  1.00 61.20  ? 19  DC  B N4    1 
ATOM   264 C  C5    . DC  A 1 13 ? -1.052  5.302   -3.579  1.00 58.35  ? 19  DC  B C5    1 
ATOM   265 C  C6    . DC  A 1 13 ? -1.721  5.308   -4.735  1.00 60.34  ? 19  DC  B C6    1 
ATOM   266 P  P     . DG  A 1 14 ? -6.307  6.934   -8.746  1.00 79.11  ? 20  DG  B P     1 
ATOM   267 O  OP1   . DG  A 1 14 ? -6.805  7.104   -10.135 1.00 71.61  ? 20  DG  B OP1   1 
ATOM   268 O  OP2   . DG  A 1 14 ? -5.726  8.097   -8.032  1.00 71.03  ? 20  DG  B OP2   1 
ATOM   269 O  "O5'" . DG  A 1 14 ? -7.475  6.334   -7.836  1.00 71.37  ? 20  DG  B "O5'" 1 
ATOM   270 C  "C5'" . DG  A 1 14 ? -7.841  4.964   -7.979  1.00 70.40  ? 20  DG  B "C5'" 1 
ATOM   271 C  "C4'" . DG  A 1 14 ? -8.571  4.469   -6.743  1.00 75.01  ? 20  DG  B "C4'" 1 
ATOM   272 O  "O4'" . DG  A 1 14 ? -7.630  4.338   -5.645  1.00 72.88  ? 20  DG  B "O4'" 1 
ATOM   273 C  "C3'" . DG  A 1 14 ? -9.695  5.384   -6.238  1.00 78.48  ? 20  DG  B "C3'" 1 
ATOM   274 O  "O3'" . DG  A 1 14 ? -10.837 4.614   -5.864  1.00 83.64  ? 20  DG  B "O3'" 1 
ATOM   275 C  "C2'" . DG  A 1 14 ? -9.071  6.071   -5.028  1.00 75.28  ? 20  DG  B "C2'" 1 
ATOM   276 C  "C1'" . DG  A 1 14 ? -8.143  4.985   -4.504  1.00 69.19  ? 20  DG  B "C1'" 1 
ATOM   277 N  N9    . DG  A 1 14 ? -7.023  5.515   -3.738  1.00 65.27  ? 20  DG  B N9    1 
ATOM   278 C  C8    . DG  A 1 14 ? -6.143  6.487   -4.139  1.00 65.20  ? 20  DG  B C8    1 
ATOM   279 N  N7    . DG  A 1 14 ? -5.233  6.770   -3.245  1.00 63.19  ? 20  DG  B N7    1 
ATOM   280 C  C5    . DG  A 1 14 ? -5.534  5.933   -2.179  1.00 62.71  ? 20  DG  B C5    1 
ATOM   281 C  C6    . DG  A 1 14 ? -4.893  5.791   -0.924  1.00 62.41  ? 20  DG  B C6    1 
ATOM   282 O  O6    . DG  A 1 14 ? -3.898  6.402   -0.490  1.00 58.77  ? 20  DG  B O6    1 
ATOM   283 N  N1    . DG  A 1 14 ? -5.522  4.824   -0.132  1.00 63.11  ? 20  DG  B N1    1 
ATOM   284 C  C2    . DG  A 1 14 ? -6.625  4.089   -0.511  1.00 64.93  ? 20  DG  B C2    1 
ATOM   285 N  N2    . DG  A 1 14 ? -7.086  3.203   0.391   1.00 65.07  ? 20  DG  B N2    1 
ATOM   286 N  N3    . DG  A 1 14 ? -7.237  4.214   -1.687  1.00 65.51  ? 20  DG  B N3    1 
ATOM   287 C  C4    . DG  A 1 14 ? -6.636  5.149   -2.468  1.00 64.18  ? 20  DG  B C4    1 
ATOM   288 P  P     . DA  A 1 15 ? -12.234 5.349   -5.543  1.00 88.00  ? 21  DA  B P     1 
ATOM   289 O  OP1   . DA  A 1 15 ? -13.298 4.320   -5.587  1.00 80.08  ? 21  DA  B OP1   1 
ATOM   290 O  OP2   . DA  A 1 15 ? -12.302 6.557   -6.405  1.00 84.76  ? 21  DA  B OP2   1 
ATOM   291 O  "O5'" . DA  A 1 15 ? -12.084 5.835   -4.027  1.00 73.21  ? 21  DA  B "O5'" 1 
ATOM   292 C  "C5'" . DA  A 1 15 ? -13.004 5.375   -3.042  1.00 76.53  ? 21  DA  B "C5'" 1 
ATOM   293 C  "C4'" . DA  A 1 15 ? -12.266 4.874   -1.817  1.00 74.89  ? 21  DA  B "C4'" 1 
ATOM   294 O  "O4'" . DA  A 1 15 ? -10.912 5.333   -1.864  1.00 73.02  ? 21  DA  B "O4'" 1 
ATOM   295 C  "C3'" . DA  A 1 15 ? -12.817 5.378   -0.488  1.00 72.21  ? 21  DA  B "C3'" 1 
ATOM   296 O  "O3'" . DA  A 1 15 ? -13.594 4.368   0.121   1.00 73.87  ? 21  DA  B "O3'" 1 
ATOM   297 C  "C2'" . DA  A 1 15 ? -11.570 5.711   0.352   1.00 71.63  ? 21  DA  B "C2'" 1 
ATOM   298 C  "C1'" . DA  A 1 15 ? -10.405 5.340   -0.562  1.00 69.75  ? 21  DA  B "C1'" 1 
ATOM   299 N  N9    . DA  A 1 15 ? -9.295  6.282   -0.518  1.00 66.75  ? 21  DA  B N9    1 
ATOM   300 C  C8    . DA  A 1 15 ? -8.893  7.126   -1.518  1.00 67.12  ? 21  DA  B C8    1 
ATOM   301 N  N7    . DA  A 1 15 ? -7.848  7.858   -1.209  1.00 65.19  ? 21  DA  B N7    1 
ATOM   302 C  C5    . DA  A 1 15 ? -7.545  7.468   0.087   1.00 62.84  ? 21  DA  B C5    1 
ATOM   303 C  C6    . DA  A 1 15 ? -6.542  7.872   0.991   1.00 59.89  ? 21  DA  B C6    1 
ATOM   304 N  N6    . DA  A 1 15 ? -5.620  8.801   0.706   1.00 55.99  ? 21  DA  B N6    1 
ATOM   305 N  N1    . DA  A 1 15 ? -6.522  7.279   2.205   1.00 60.91  ? 21  DA  B N1    1 
ATOM   306 C  C2    . DA  A 1 15 ? -7.446  6.348   2.487   1.00 62.42  ? 21  DA  B C2    1 
ATOM   307 N  N3    . DA  A 1 15 ? -8.434  5.887   1.721   1.00 62.63  ? 21  DA  B N3    1 
ATOM   308 C  C4    . DA  A 1 15 ? -8.429  6.496   0.525   1.00 63.23  ? 21  DA  B C4    1 
ATOM   309 P  P     . DG  A 1 16 ? -14.880 4.775   0.992   1.00 89.10  ? 22  DG  B P     1 
ATOM   310 O  OP1   . DG  A 1 16 ? -15.830 3.639   0.959   1.00 83.32  ? 22  DG  B OP1   1 
ATOM   311 O  OP2   . DG  A 1 16 ? -15.297 6.113   0.514   1.00 82.54  ? 22  DG  B OP2   1 
ATOM   312 O  "O5'" . DG  A 1 16 ? -14.309 4.953   2.476   1.00 75.64  ? 22  DG  B "O5'" 1 
ATOM   313 C  "C5'" . DG  A 1 16 ? -13.719 3.850   3.152   1.00 72.61  ? 22  DG  B "C5'" 1 
ATOM   314 C  "C4'" . DG  A 1 16 ? -13.172 4.284   4.501   1.00 77.78  ? 22  DG  B "C4'" 1 
ATOM   315 O  "O4'" . DG  A 1 16 ? -11.923 5.001   4.310   1.00 75.86  ? 22  DG  B "O4'" 1 
ATOM   316 C  "C3'" . DG  A 1 16 ? -14.088 5.224   5.297   1.00 80.46  ? 22  DG  B "C3'" 1 
ATOM   317 O  "O3'" . DG  A 1 16 ? -14.130 4.831   6.666   1.00 82.59  ? 22  DG  B "O3'" 1 
ATOM   318 C  "C2'" . DG  A 1 16 ? -13.424 6.590   5.127   1.00 76.47  ? 22  DG  B "C2'" 1 
ATOM   319 C  "C1'" . DG  A 1 16 ? -11.955 6.205   5.038   1.00 69.68  ? 22  DG  B "C1'" 1 
ATOM   320 N  N9    . DG  A 1 16 ? -11.132 7.187   4.336   1.00 62.76  ? 22  DG  B N9    1 
ATOM   321 C  C8    . DG  A 1 16 ? -11.288 7.626   3.046   1.00 66.60  ? 22  DG  B C8    1 
ATOM   322 N  N7    . DG  A 1 16 ? -10.395 8.507   2.680   1.00 62.62  ? 22  DG  B N7    1 
ATOM   323 C  C5    . DG  A 1 16 ? -9.595  8.661   3.805   1.00 61.04  ? 22  DG  B C5    1 
ATOM   324 C  C6    . DG  A 1 16 ? -8.462  9.488   4.013   1.00 62.88  ? 22  DG  B C6    1 
ATOM   325 O  O6    . DG  A 1 16 ? -7.923  10.276  3.213   1.00 62.09  ? 22  DG  B O6    1 
ATOM   326 N  N1    . DG  A 1 16 ? -7.946  9.339   5.303   1.00 60.52  ? 22  DG  B N1    1 
ATOM   327 C  C2    . DG  A 1 16 ? -8.465  8.499   6.265   1.00 63.60  ? 22  DG  B C2    1 
ATOM   328 N  N2    . DG  A 1 16 ? -7.834  8.490   7.454   1.00 62.99  ? 22  DG  B N2    1 
ATOM   329 N  N3    . DG  A 1 16 ? -9.527  7.719   6.078   1.00 63.41  ? 22  DG  B N3    1 
ATOM   330 C  C4    . DG  A 1 16 ? -10.037 7.853   4.831   1.00 59.40  ? 22  DG  B C4    1 
ATOM   331 P  P     . DG  A 1 17 ? -15.210 5.499   7.654   1.00 88.36  ? 23  DG  B P     1 
ATOM   332 O  OP1   . DG  A 1 17 ? -15.783 4.411   8.482   1.00 77.57  ? 23  DG  B OP1   1 
ATOM   333 O  OP2   . DG  A 1 17 ? -16.075 6.363   6.817   1.00 81.40  ? 23  DG  B OP2   1 
ATOM   334 O  "O5'" . DG  A 1 17 ? -14.342 6.457   8.602   1.00 79.85  ? 23  DG  B "O5'" 1 
ATOM   335 C  "C5'" . DG  A 1 17 ? -13.385 5.890   9.494   1.00 81.36  ? 23  DG  B "C5'" 1 
ATOM   336 C  "C4'" . DG  A 1 17 ? -12.797 6.944   10.421  1.00 81.68  ? 23  DG  B "C4'" 1 
ATOM   337 O  "O4'" . DG  A 1 17 ? -11.922 7.832   9.681   1.00 79.62  ? 23  DG  B "O4'" 1 
ATOM   338 C  "C3'" . DG  A 1 17 ? -13.800 7.841   11.128  1.00 81.32  ? 23  DG  B "C3'" 1 
ATOM   339 O  "O3'" . DG  A 1 17 ? -13.299 8.155   12.416  1.00 84.55  ? 23  DG  B "O3'" 1 
ATOM   340 C  "C2'" . DG  A 1 17 ? -13.869 9.076   10.222  1.00 77.41  ? 23  DG  B "C2'" 1 
ATOM   341 C  "C1'" . DG  A 1 17 ? -12.459 9.144   9.637   1.00 74.70  ? 23  DG  B "C1'" 1 
ATOM   342 N  N9    . DG  A 1 17 ? -12.422 9.570   8.244   1.00 65.75  ? 23  DG  B N9    1 
ATOM   343 C  C8    . DG  A 1 17 ? -13.251 9.149   7.237   1.00 68.87  ? 23  DG  B C8    1 
ATOM   344 N  N7    . DG  A 1 17 ? -12.971 9.676   6.074   1.00 67.63  ? 23  DG  B N7    1 
ATOM   345 C  C5    . DG  A 1 17 ? -11.874 10.491  6.327   1.00 65.86  ? 23  DG  B C5    1 
ATOM   346 C  C6    . DG  A 1 17 ? -11.127 11.316  5.444   1.00 67.81  ? 23  DG  B C6    1 
ATOM   347 O  O6    . DG  A 1 17 ? -11.297 11.494  4.223   1.00 68.79  ? 23  DG  B O6    1 
ATOM   348 N  N1    . DG  A 1 17 ? -10.091 11.977  6.113   1.00 63.54  ? 23  DG  B N1    1 
ATOM   349 C  C2    . DG  A 1 17 ? -9.816  11.852  7.458   1.00 64.36  ? 23  DG  B C2    1 
ATOM   350 N  N2    . DG  A 1 17 ? -8.776  12.568  7.921   1.00 62.35  ? 23  DG  B N2    1 
ATOM   351 N  N3    . DG  A 1 17 ? -10.509 11.080  8.292   1.00 66.45  ? 23  DG  B N3    1 
ATOM   352 C  C4    . DG  A 1 17 ? -11.520 10.432  7.659   1.00 64.02  ? 23  DG  B C4    1 
ATOM   353 P  P     . DA  A 1 18 ? -14.057 9.205   13.364  1.00 90.22  ? 24  DA  B P     1 
ATOM   354 O  OP1   . DA  A 1 18 ? -13.690 8.856   14.758  1.00 85.00  ? 24  DA  B OP1   1 
ATOM   355 O  OP2   . DA  A 1 18 ? -15.476 9.273   12.942  1.00 90.05  ? 24  DA  B OP2   1 
ATOM   356 O  "O5'" . DA  A 1 18 ? -13.355 10.596  13.017  1.00 81.93  ? 24  DA  B "O5'" 1 
ATOM   357 C  "C5'" . DA  A 1 18 ? -11.937 10.687  13.037  1.00 80.52  ? 24  DA  B "C5'" 1 
ATOM   358 C  "C4'" . DA  A 1 18 ? -11.485 12.132  13.126  1.00 81.43  ? 24  DA  B "C4'" 1 
ATOM   359 O  "O4'" . DA  A 1 18 ? -11.177 12.631  11.799  1.00 77.71  ? 24  DA  B "O4'" 1 
ATOM   360 C  "C3'" . DA  A 1 18 ? -12.510 13.100  13.705  1.00 84.17  ? 24  DA  B "C3'" 1 
ATOM   361 O  "O3'" . DA  A 1 18 ? -11.838 14.112  14.433  1.00 87.77  ? 24  DA  B "O3'" 1 
ATOM   362 C  "C2'" . DA  A 1 18 ? -13.181 13.666  12.453  1.00 80.54  ? 24  DA  B "C2'" 1 
ATOM   363 C  "C1'" . DA  A 1 18 ? -12.003 13.739  11.494  1.00 77.10  ? 24  DA  B "C1'" 1 
ATOM   364 N  N9    . DA  A 1 18 ? -12.374 13.638  10.089  1.00 72.32  ? 24  DA  B N9    1 
ATOM   365 C  C8    . DA  A 1 18 ? -13.321 12.819  9.540   1.00 74.14  ? 24  DA  B C8    1 
ATOM   366 N  N7    . DA  A 1 18 ? -13.421 12.929  8.233   1.00 70.62  ? 24  DA  B N7    1 
ATOM   367 C  C5    . DA  A 1 18 ? -12.468 13.876  7.908   1.00 65.76  ? 24  DA  B C5    1 
ATOM   368 C  C6    . DA  A 1 18 ? -12.071 14.437  6.682   1.00 67.88  ? 24  DA  B C6    1 
ATOM   369 N  N6    . DA  A 1 18 ? -12.621 14.104  5.508   1.00 67.33  ? 24  DA  B N6    1 
ATOM   370 N  N1    . DA  A 1 18 ? -11.085 15.362  6.708   1.00 70.78  ? 24  DA  B N1    1 
ATOM   371 C  C2    . DA  A 1 18 ? -10.542 15.694  7.889   1.00 71.24  ? 24  DA  B C2    1 
ATOM   372 N  N3    . DA  A 1 18 ? -10.832 15.232  9.105   1.00 70.04  ? 24  DA  B N3    1 
ATOM   373 C  C4    . DA  A 1 18 ? -11.811 14.320  9.042   1.00 68.35  ? 24  DA  B C4    1 
ATOM   374 P  P     . DG  A 1 19 ? -12.608 14.921  15.586  1.00 96.73  ? 25  DG  B P     1 
ATOM   375 O  OP1   . DG  A 1 19 ? -11.831 14.750  16.839  1.00 98.86  ? 25  DG  B OP1   1 
ATOM   376 O  OP2   . DG  A 1 19 ? -14.034 14.526  15.528  1.00 92.40  ? 25  DG  B OP2   1 
ATOM   377 O  "O5'" . DG  A 1 19 ? -12.504 16.443  15.113  1.00 83.96  ? 25  DG  B "O5'" 1 
ATOM   378 C  "C5'" . DG  A 1 19 ? -11.266 17.125  15.190  1.00 83.85  ? 25  DG  B "C5'" 1 
ATOM   379 C  "C4'" . DG  A 1 19 ? -11.146 18.121  14.057  1.00 93.22  ? 25  DG  B "C4'" 1 
ATOM   380 O  "O4'" . DG  A 1 19 ? -11.480 17.466  12.805  1.00 87.99  ? 25  DG  B "O4'" 1 
ATOM   381 C  "C3'" . DG  A 1 19 ? -12.078 19.354  14.141  1.00 92.45  ? 25  DG  B "C3'" 1 
ATOM   382 O  "O3'" . DG  A 1 19 ? -11.319 20.540  13.916  1.00 96.31  ? 25  DG  B "O3'" 1 
ATOM   383 C  "C2'" . DG  A 1 19 ? -13.063 19.116  13.000  1.00 89.25  ? 25  DG  B "C2'" 1 
ATOM   384 C  "C1'" . DG  A 1 19 ? -12.149 18.411  12.027  1.00 85.01  ? 25  DG  B "C1'" 1 
ATOM   385 N  N9    . DG  A 1 19 ? -12.823 17.761  10.920  1.00 78.99  ? 25  DG  B N9    1 
ATOM   386 C  C8    . DG  A 1 19 ? -13.757 16.756  10.964  1.00 78.74  ? 25  DG  B C8    1 
ATOM   387 N  N7    . DG  A 1 19 ? -14.180 16.397  9.777   1.00 75.85  ? 25  DG  B N7    1 
ATOM   388 C  C5    . DG  A 1 19 ? -13.479 17.226  8.909   1.00 71.95  ? 25  DG  B C5    1 
ATOM   389 C  C6    . DG  A 1 19 ? -13.508 17.311  7.496   1.00 73.92  ? 25  DG  B C6    1 
ATOM   390 O  O6    . DG  A 1 19 ? -14.186 16.644  6.694   1.00 75.83  ? 25  DG  B O6    1 
ATOM   391 N  N1    . DG  A 1 19 ? -12.626 18.295  7.026   1.00 73.69  ? 25  DG  B N1    1 
ATOM   392 C  C2    . DG  A 1 19 ? -11.828 19.089  7.832   1.00 78.56  ? 25  DG  B C2    1 
ATOM   393 N  N2    . DG  A 1 19 ? -11.039 19.990  7.219   1.00 79.82  ? 25  DG  B N2    1 
ATOM   394 N  N3    . DG  A 1 19 ? -11.802 19.008  9.146   1.00 80.09  ? 25  DG  B N3    1 
ATOM   395 C  C4    . DG  A 1 19 ? -12.645 18.064  9.609   1.00 75.55  ? 25  DG  B C4    1 
ATOM   396 P  P     . DT  A 1 20 ? -12.049 21.959  13.688  1.00 108.33 ? 26  DT  B P     1 
ATOM   397 O  OP1   . DT  A 1 20 ? -11.040 22.995  14.011  1.00 105.46 ? 26  DT  B OP1   1 
ATOM   398 O  OP2   . DT  A 1 20 ? -13.358 21.929  14.386  1.00 102.71 ? 26  DT  B OP2   1 
ATOM   399 O  "O5'" . DT  A 1 20 ? -12.315 22.025  12.109  1.00 91.88  ? 26  DT  B "O5'" 1 
ATOM   400 C  "C5'" . DT  A 1 20 ? -11.230 21.872  11.200  1.00 89.70  ? 26  DT  B "C5'" 1 
ATOM   401 C  "C4'" . DT  A 1 20 ? -11.154 23.031  10.210  1.00 93.00  ? 26  DT  B "C4'" 1 
ATOM   402 O  "O4'" . DT  A 1 20 ? -11.663 22.614  8.918   1.00 89.59  ? 26  DT  B "O4'" 1 
ATOM   403 C  "C3'" . DT  A 1 20 ? -11.948 24.280  10.562  1.00 95.58  ? 26  DT  B "C3'" 1 
ATOM   404 O  "O3'" . DT  A 1 20 ? -11.303 25.410  9.956   1.00 97.52  ? 26  DT  B "O3'" 1 
ATOM   405 C  "C2'" . DT  A 1 20 ? -13.309 23.986  9.922   1.00 91.94  ? 26  DT  B "C2'" 1 
ATOM   406 C  "C1'" . DT  A 1 20 ? -12.893 23.268  8.640   1.00 87.72  ? 26  DT  B "C1'" 1 
ATOM   407 N  N1    . DT  A 1 20 ? -13.857 22.228  8.165   1.00 82.26  ? 26  DT  B N1    1 
ATOM   408 C  C2    . DT  A 1 20 ? -14.004 22.027  6.811   1.00 82.03  ? 26  DT  B C2    1 
ATOM   409 O  O2    . DT  A 1 20 ? -13.403 22.684  5.973   1.00 83.58  ? 26  DT  B O2    1 
ATOM   410 N  N3    . DT  A 1 20 ? -14.887 21.034  6.467   1.00 77.41  ? 26  DT  B N3    1 
ATOM   411 C  C4    . DT  A 1 20 ? -15.620 20.230  7.326   1.00 77.07  ? 26  DT  B C4    1 
ATOM   412 O  O4    . DT  A 1 20 ? -16.390 19.359  6.921   1.00 78.91  ? 26  DT  B O4    1 
ATOM   413 C  C5    . DT  A 1 20 ? -15.411 20.486  8.736   1.00 75.02  ? 26  DT  B C5    1 
ATOM   414 C  C7    . DT  A 1 20 ? -16.144 19.680  9.765   1.00 70.74  ? 26  DT  B C7    1 
ATOM   415 C  C6    . DT  A 1 20 ? -14.546 21.457  9.082   1.00 78.10  ? 26  DT  B C6    1 
ATOM   416 P  P     . DC  A 1 21 ? -12.037 26.833  9.831   1.00 101.90 ? 27  DC  B P     1 
ATOM   417 O  OP1   . DC  A 1 21 ? -10.971 27.856  9.702   1.00 97.96  ? 27  DC  B OP1   1 
ATOM   418 O  OP2   . DC  A 1 21 ? -13.051 26.928  10.911  1.00 101.25 ? 27  DC  B OP2   1 
ATOM   419 O  "O5'" . DC  A 1 21 ? -12.790 26.754  8.421   1.00 94.92  ? 27  DC  B "O5'" 1 
ATOM   420 C  "C5'" . DC  A 1 21 ? -12.031 26.658  7.207   1.00 92.09  ? 27  DC  B "C5'" 1 
ATOM   421 C  "C4'" . DC  A 1 21 ? -12.858 27.119  6.016   1.00 92.85  ? 27  DC  B "C4'" 1 
ATOM   422 O  "O4'" . DC  A 1 21 ? -13.724 26.040  5.570   1.00 89.91  ? 27  DC  B "O4'" 1 
ATOM   423 C  "C3'" . DC  A 1 21 ? -13.772 28.315  6.293   1.00 95.41  ? 27  DC  B "C3'" 1 
ATOM   424 O  "O3'" . DC  A 1 21 ? -13.743 29.225  5.194   1.00 98.36  ? 27  DC  B "O3'" 1 
ATOM   425 C  "C2'" . DC  A 1 21 ? -15.150 27.675  6.464   1.00 90.95  ? 27  DC  B "C2'" 1 
ATOM   426 C  "C1'" . DC  A 1 21 ? -15.062 26.489  5.516   1.00 87.55  ? 27  DC  B "C1'" 1 
ATOM   427 N  N1    . DC  A 1 21 ? -15.945 25.357  5.901   1.00 84.58  ? 27  DC  B N1    1 
ATOM   428 C  C2    . DC  A 1 21 ? -16.440 24.500  4.910   1.00 82.44  ? 27  DC  B C2    1 
ATOM   429 O  O2    . DC  A 1 21 ? -16.132 24.703  3.726   1.00 81.05  ? 27  DC  B O2    1 
ATOM   430 N  N3    . DC  A 1 21 ? -17.244 23.468  5.278   1.00 79.54  ? 27  DC  B N3    1 
ATOM   431 C  C4    . DC  A 1 21 ? -17.550 23.286  6.569   1.00 79.49  ? 27  DC  B C4    1 
ATOM   432 N  N4    . DC  A 1 21 ? -18.343 22.257  6.887   1.00 78.74  ? 27  DC  B N4    1 
ATOM   433 C  C5    . DC  A 1 21 ? -17.054 24.152  7.591   1.00 78.02  ? 27  DC  B C5    1 
ATOM   434 C  C6    . DC  A 1 21 ? -16.264 25.163  7.214   1.00 82.11  ? 27  DC  B C6    1 
ATOM   435 O  "O5'" . DT  B 2 1  ? -28.730 16.865  10.117  1.00 90.54  ? 28  DT  C "O5'" 1 
ATOM   436 C  "C5'" . DT  B 2 1  ? -28.424 18.247  9.998   1.00 88.32  ? 28  DT  C "C5'" 1 
ATOM   437 C  "C4'" . DT  B 2 1  ? -28.710 18.743  8.594   1.00 88.02  ? 28  DT  C "C4'" 1 
ATOM   438 O  "O4'" . DT  B 2 1  ? -28.440 20.153  8.527   1.00 84.51  ? 28  DT  C "O4'" 1 
ATOM   439 C  "C3'" . DT  B 2 1  ? -27.837 18.130  7.511   1.00 91.03  ? 28  DT  C "C3'" 1 
ATOM   440 O  "O3'" . DT  B 2 1  ? -28.450 16.951  6.992   1.00 94.39  ? 28  DT  C "O3'" 1 
ATOM   441 C  "C2'" . DT  B 2 1  ? -27.766 19.229  6.445   1.00 88.55  ? 28  DT  C "C2'" 1 
ATOM   442 C  "C1'" . DT  B 2 1  ? -28.181 20.502  7.188   1.00 84.23  ? 28  DT  C "C1'" 1 
ATOM   443 N  N1    . DT  B 2 1  ? -27.151 21.589  7.161   1.00 83.38  ? 28  DT  C N1    1 
ATOM   444 C  C2    . DT  B 2 1  ? -26.860 22.213  5.969   1.00 84.89  ? 28  DT  C C2    1 
ATOM   445 O  O2    . DT  B 2 1  ? -27.392 21.916  4.913   1.00 87.25  ? 28  DT  C O2    1 
ATOM   446 N  N3    . DT  B 2 1  ? -25.913 23.205  6.052   1.00 82.61  ? 28  DT  C N3    1 
ATOM   447 C  C4    . DT  B 2 1  ? -25.241 23.630  7.187   1.00 81.22  ? 28  DT  C C4    1 
ATOM   448 O  O4    . DT  B 2 1  ? -24.403 24.533  7.162   1.00 80.82  ? 28  DT  C O4    1 
ATOM   449 C  C5    . DT  B 2 1  ? -25.596 22.939  8.405   1.00 78.87  ? 28  DT  C C5    1 
ATOM   450 C  C7    . DT  B 2 1  ? -24.934 23.308  9.697   1.00 77.38  ? 28  DT  C C7    1 
ATOM   451 C  C6    . DT  B 2 1  ? -26.522 21.963  8.333   1.00 81.65  ? 28  DT  C C6    1 
ATOM   452 P  P     . DC  B 2 2  ? -27.547 15.791  6.338   1.00 105.08 ? 29  DC  C P     1 
ATOM   453 O  OP1   . DC  B 2 2  ? -28.444 14.676  5.953   1.00 98.09  ? 29  DC  C OP1   1 
ATOM   454 O  OP2   . DC  B 2 2  ? -26.412 15.553  7.260   1.00 102.99 ? 29  DC  C OP2   1 
ATOM   455 O  "O5'" . DC  B 2 2  ? -26.952 16.458  5.007   1.00 100.85 ? 29  DC  C "O5'" 1 
ATOM   456 C  "C5'" . DC  B 2 2  ? -27.812 16.770  3.914   1.00 101.04 ? 29  DC  C "C5'" 1 
ATOM   457 C  "C4'" . DC  B 2 2  ? -27.062 17.553  2.847   1.00 103.82 ? 29  DC  C "C4'" 1 
ATOM   458 O  "O4'" . DC  B 2 2  ? -26.553 18.791  3.417   1.00 99.10  ? 29  DC  C "O4'" 1 
ATOM   459 C  "C3'" . DC  B 2 2  ? -25.849 16.834  2.233   1.00 105.45 ? 29  DC  C "C3'" 1 
ATOM   460 O  "O3'" . DC  B 2 2  ? -25.902 16.916  0.803   1.00 110.51 ? 29  DC  C "O3'" 1 
ATOM   461 C  "C2'" . DC  B 2 2  ? -24.654 17.604  2.797   1.00 99.92  ? 29  DC  C "C2'" 1 
ATOM   462 C  "C1'" . DC  B 2 2  ? -25.242 18.996  2.953   1.00 95.50  ? 29  DC  C "C1'" 1 
ATOM   463 N  N1    . DC  B 2 2  ? -24.512 19.833  3.936   1.00 88.67  ? 29  DC  C N1    1 
ATOM   464 C  C2    . DC  B 2 2  ? -23.738 20.909  3.486   1.00 84.49  ? 29  DC  C C2    1 
ATOM   465 O  O2    . DC  B 2 2  ? -23.687 21.151  2.271   1.00 84.20  ? 29  DC  C O2    1 
ATOM   466 N  N3    . DC  B 2 2  ? -23.067 21.659  4.399   1.00 81.08  ? 29  DC  C N3    1 
ATOM   467 C  C4    . DC  B 2 2  ? -23.151 21.361  5.701   1.00 79.93  ? 29  DC  C C4    1 
ATOM   468 N  N4    . DC  B 2 2  ? -22.474 22.126  6.565   1.00 76.14  ? 29  DC  C N4    1 
ATOM   469 C  C5    . DC  B 2 2  ? -23.933 20.266  6.175   1.00 80.71  ? 29  DC  C C5    1 
ATOM   470 C  C6    . DC  B 2 2  ? -24.586 19.536  5.265   1.00 85.84  ? 29  DC  C C6    1 
ATOM   471 P  P     . DG  B 2 3  ? -24.990 15.952  -0.110  1.00 118.26 ? 30  DG  C P     1 
ATOM   472 O  OP1   . DG  B 2 3  ? -25.904 15.129  -0.939  1.00 116.19 ? 30  DG  C OP1   1 
ATOM   473 O  OP2   . DG  B 2 3  ? -23.989 15.297  0.764   1.00 109.97 ? 30  DG  C OP2   1 
ATOM   474 O  "O5'" . DG  B 2 3  ? -24.215 16.967  -1.078  1.00 110.53 ? 30  DG  C "O5'" 1 
ATOM   475 C  "C5'" . DG  B 2 3  ? -23.982 18.310  -0.657  1.00 103.94 ? 30  DG  C "C5'" 1 
ATOM   476 C  "C4'" . DG  B 2 3  ? -22.873 18.957  -1.468  1.00 101.73 ? 30  DG  C "C4'" 1 
ATOM   477 O  "O4'" . DG  B 2 3  ? -22.173 19.906  -0.623  1.00 96.24  ? 30  DG  C "O4'" 1 
ATOM   478 C  "C3'" . DG  B 2 3  ? -21.795 18.001  -1.959  1.00 98.30  ? 30  DG  C "C3'" 1 
ATOM   479 O  "O3'" . DG  B 2 3  ? -21.121 18.555  -3.090  1.00 101.54 ? 30  DG  C "O3'" 1 
ATOM   480 C  "C2'" . DG  B 2 3  ? -20.877 17.928  -0.751  1.00 92.36  ? 30  DG  C "C2'" 1 
ATOM   481 C  "C1'" . DG  B 2 3  ? -20.920 19.367  -0.240  1.00 88.57  ? 30  DG  C "C1'" 1 
ATOM   482 N  N9    . DG  B 2 3  ? -20.784 19.451  1.211   1.00 83.70  ? 30  DG  C N9    1 
ATOM   483 C  C8    . DG  B 2 3  ? -21.378 18.634  2.145   1.00 81.89  ? 30  DG  C C8    1 
ATOM   484 N  N7    . DG  B 2 3  ? -21.056 18.928  3.375   1.00 76.51  ? 30  DG  C N7    1 
ATOM   485 C  C5    . DG  B 2 3  ? -20.186 20.003  3.249   1.00 76.33  ? 30  DG  C C5    1 
ATOM   486 C  C6    . DG  B 2 3  ? -19.513 20.745  4.244   1.00 73.03  ? 30  DG  C C6    1 
ATOM   487 O  O6    . DG  B 2 3  ? -19.554 20.591  5.473   1.00 73.84  ? 30  DG  C O6    1 
ATOM   488 N  N1    . DG  B 2 3  ? -18.724 21.754  3.690   1.00 71.90  ? 30  DG  C N1    1 
ATOM   489 C  C2    . DG  B 2 3  ? -18.604 22.010  2.339   1.00 77.54  ? 30  DG  C C2    1 
ATOM   490 N  N2    . DG  B 2 3  ? -17.795 23.026  1.991   1.00 77.66  ? 30  DG  C N2    1 
ATOM   491 N  N3    . DG  B 2 3  ? -19.233 21.319  1.394   1.00 77.51  ? 30  DG  C N3    1 
ATOM   492 C  C4    . DG  B 2 3  ? -20.003 20.334  1.921   1.00 79.64  ? 30  DG  C C4    1 
ATOM   493 P  P     . DA  B 2 4  ? -20.115 17.651  -3.960  1.00 110.49 ? 31  DA  C P     1 
ATOM   494 O  OP1   . DA  B 2 4  ? -20.571 17.699  -5.370  1.00 103.65 ? 31  DA  C OP1   1 
ATOM   495 O  OP2   . DA  B 2 4  ? -19.962 16.346  -3.274  1.00 104.08 ? 31  DA  C OP2   1 
ATOM   496 O  "O5'" . DA  B 2 4  ? -18.714 18.414  -3.849  1.00 98.48  ? 31  DA  C "O5'" 1 
ATOM   497 C  "C5'" . DA  B 2 4  ? -18.628 19.797  -4.160  1.00 95.22  ? 31  DA  C "C5'" 1 
ATOM   498 C  "C4'" . DA  B 2 4  ? -17.381 20.405  -3.544  1.00 95.07  ? 31  DA  C "C4'" 1 
ATOM   499 O  "O4'" . DA  B 2 4  ? -17.526 20.459  -2.100  1.00 90.56  ? 31  DA  C "O4'" 1 
ATOM   500 C  "C3'" . DA  B 2 4  ? -16.082 19.637  -3.816  1.00 94.34  ? 31  DA  C "C3'" 1 
ATOM   501 O  "O3'" . DA  B 2 4  ? -15.048 20.548  -4.172  1.00 97.79  ? 31  DA  C "O3'" 1 
ATOM   502 C  "C2'" . DA  B 2 4  ? -15.789 18.949  -2.481  1.00 90.13  ? 31  DA  C "C2'" 1 
ATOM   503 C  "C1'" . DA  B 2 4  ? -16.367 19.944  -1.488  1.00 84.50  ? 31  DA  C "C1'" 1 
ATOM   504 N  N9    . DA  B 2 4  ? -16.754 19.342  -0.213  1.00 79.45  ? 31  DA  C N9    1 
ATOM   505 C  C8    . DA  B 2 4  ? -17.662 18.338  -0.020  1.00 80.37  ? 31  DA  C C8    1 
ATOM   506 N  N7    . DA  B 2 4  ? -17.820 18.001  1.239   1.00 73.26  ? 31  DA  C N7    1 
ATOM   507 C  C5    . DA  B 2 4  ? -16.956 18.840  1.919   1.00 71.62  ? 31  DA  C C5    1 
ATOM   508 C  C6    . DA  B 2 4  ? -16.651 18.985  3.286   1.00 71.86  ? 31  DA  C C6    1 
ATOM   509 N  N6    . DA  B 2 4  ? -17.215 18.243  4.249   1.00 69.92  ? 31  DA  C N6    1 
ATOM   510 N  N1    . DA  B 2 4  ? -15.739 19.922  3.628   1.00 69.13  ? 31  DA  C N1    1 
ATOM   511 C  C2    . DA  B 2 4  ? -15.178 20.661  2.661   1.00 69.90  ? 31  DA  C C2    1 
ATOM   512 N  N3    . DA  B 2 4  ? -15.385 20.617  1.347   1.00 72.29  ? 31  DA  C N3    1 
ATOM   513 C  C4    . DA  B 2 4  ? -16.293 19.678  1.038   1.00 73.76  ? 31  DA  C C4    1 
ATOM   514 P  P     . DG  B 2 5  ? -13.697 20.015  -4.864  1.00 104.51 ? 32  DG  C P     1 
ATOM   515 O  OP1   . DG  B 2 5  ? -13.485 20.834  -6.079  1.00 109.27 ? 32  DG  C OP1   1 
ATOM   516 O  OP2   . DG  B 2 5  ? -13.782 18.539  -4.965  1.00 95.17  ? 32  DG  C OP2   1 
ATOM   517 O  "O5'" . DG  B 2 5  ? -12.553 20.378  -3.805  1.00 97.79  ? 32  DG  C "O5'" 1 
ATOM   518 C  "C5'" . DG  B 2 5  ? -12.271 21.745  -3.484  1.00 95.48  ? 32  DG  C "C5'" 1 
ATOM   519 C  "C4'" . DG  B 2 5  ? -11.349 21.835  -2.277  1.00 93.70  ? 32  DG  C "C4'" 1 
ATOM   520 O  "O4'" . DG  B 2 5  ? -12.036 21.317  -1.104  1.00 86.28  ? 32  DG  C "O4'" 1 
ATOM   521 C  "C3'" . DG  B 2 5  ? -10.049 21.026  -2.389  1.00 92.39  ? 32  DG  C "C3'" 1 
ATOM   522 O  "O3'" . DG  B 2 5  ? -8.977  21.730  -1.765  1.00 91.34  ? 32  DG  C "O3'" 1 
ATOM   523 C  "C2'" . DG  B 2 5  ? -10.389 19.747  -1.637  1.00 85.94  ? 32  DG  C "C2'" 1 
ATOM   524 C  "C1'" . DG  B 2 5  ? -11.268 20.286  -0.525  1.00 80.61  ? 32  DG  C "C1'" 1 
ATOM   525 N  N9    . DG  B 2 5  ? -12.171 19.286  0.016   1.00 75.55  ? 32  DG  C N9    1 
ATOM   526 C  C8    . DG  B 2 5  ? -13.001 18.449  -0.686  1.00 80.90  ? 32  DG  C C8    1 
ATOM   527 N  N7    . DG  B 2 5  ? -13.694 17.644  0.076   1.00 78.87  ? 32  DG  C N7    1 
ATOM   528 C  C5    . DG  B 2 5  ? -13.283 17.967  1.364   1.00 71.94  ? 32  DG  C C5    1 
ATOM   529 C  C6    . DG  B 2 5  ? -13.682 17.430  2.613   1.00 68.94  ? 32  DG  C C6    1 
ATOM   530 O  O6    . DG  B 2 5  ? -14.508 16.529  2.841   1.00 66.78  ? 32  DG  C O6    1 
ATOM   531 N  N1    . DG  B 2 5  ? -13.012 18.053  3.670   1.00 67.94  ? 32  DG  C N1    1 
ATOM   532 C  C2    . DG  B 2 5  ? -12.081 19.065  3.522   1.00 70.31  ? 32  DG  C C2    1 
ATOM   533 N  N2    . DG  B 2 5  ? -11.540 19.545  4.638   1.00 67.50  ? 32  DG  C N2    1 
ATOM   534 N  N3    . DG  B 2 5  ? -11.708 19.568  2.362   1.00 69.73  ? 32  DG  C N3    1 
ATOM   535 C  C4    . DG  B 2 5  ? -12.343 18.977  1.334   1.00 71.17  ? 32  DG  C C4    1 
ATOM   536 P  P     . DT  B 2 6  ? -7.470  21.163  -1.838  1.00 97.14  ? 33  DT  C P     1 
ATOM   537 O  OP1   . DT  B 2 6  ? -6.666  22.113  -2.639  1.00 101.30 ? 33  DT  C OP1   1 
ATOM   538 O  OP2   . DT  B 2 6  ? -7.488  19.730  -2.217  1.00 86.66  ? 33  DT  C OP2   1 
ATOM   539 O  "O5'" . DT  B 2 6  ? -6.972  21.265  -0.326  1.00 92.22  ? 33  DT  C "O5'" 1 
ATOM   540 C  "C5'" . DT  B 2 6  ? -7.833  20.871  0.729   1.00 82.01  ? 33  DT  C "C5'" 1 
ATOM   541 C  "C4'" . DT  B 2 6  ? -7.077  20.816  2.041   1.00 78.90  ? 33  DT  C "C4'" 1 
ATOM   542 O  "O4'" . DT  B 2 6  ? -7.910  20.163  3.028   1.00 76.88  ? 33  DT  C "O4'" 1 
ATOM   543 C  "C3'" . DT  B 2 6  ? -5.773  20.018  2.000   1.00 76.16  ? 33  DT  C "C3'" 1 
ATOM   544 O  "O3'" . DT  B 2 6  ? -4.819  20.571  2.914   1.00 74.92  ? 33  DT  C "O3'" 1 
ATOM   545 C  "C2'" . DT  B 2 6  ? -6.220  18.631  2.431   1.00 72.57  ? 33  DT  C "C2'" 1 
ATOM   546 C  "C1'" . DT  B 2 6  ? -7.307  18.956  3.445   1.00 70.69  ? 33  DT  C "C1'" 1 
ATOM   547 N  N1    . DT  B 2 6  ? -8.356  17.910  3.536   1.00 66.64  ? 33  DT  C N1    1 
ATOM   548 C  C2    . DT  B 2 6  ? -8.751  17.462  4.773   1.00 67.85  ? 33  DT  C C2    1 
ATOM   549 O  O2    . DT  B 2 6  ? -8.290  17.895  5.817   1.00 69.04  ? 33  DT  C O2    1 
ATOM   550 N  N3    . DT  B 2 6  ? -9.718  16.489  4.752   1.00 66.12  ? 33  DT  C N3    1 
ATOM   551 C  C4    . DT  B 2 6  ? -10.311 15.926  3.632   1.00 68.94  ? 33  DT  C C4    1 
ATOM   552 O  O4    . DT  B 2 6  ? -11.177 15.052  3.713   1.00 71.34  ? 33  DT  C O4    1 
ATOM   553 C  C5    . DT  B 2 6  ? -9.842  16.440  2.366   1.00 62.87  ? 33  DT  C C5    1 
ATOM   554 C  C7    . DT  B 2 6  ? -10.410 15.913  1.087   1.00 62.60  ? 33  DT  C C7    1 
ATOM   555 C  C6    . DT  B 2 6  ? -8.897  17.391  2.377   1.00 62.88  ? 33  DT  C C6    1 
ATOM   556 P  P     . DC  B 2 7  ? -3.374  19.884  3.098   1.00 81.11  ? 34  DC  C P     1 
ATOM   557 O  OP1   . DC  B 2 7  ? -2.439  20.948  3.537   1.00 76.36  ? 34  DC  C OP1   1 
ATOM   558 O  OP2   . DC  B 2 7  ? -3.072  19.065  1.901   1.00 80.66  ? 34  DC  C OP2   1 
ATOM   559 O  "O5'" . DC  B 2 7  ? -3.591  18.869  4.311   1.00 74.99  ? 34  DC  C "O5'" 1 
ATOM   560 C  "C5'" . DC  B 2 7  ? -4.087  19.358  5.549   1.00 74.55  ? 34  DC  C "C5'" 1 
ATOM   561 C  "C4'" . DC  B 2 7  ? -4.019  18.285  6.619   1.00 74.05  ? 34  DC  C "C4'" 1 
ATOM   562 O  "O4'" . DC  B 2 7  ? -5.161  17.401  6.499   1.00 70.98  ? 34  DC  C "O4'" 1 
ATOM   563 C  "C3'" . DC  B 2 7  ? -2.774  17.391  6.583   1.00 70.50  ? 34  DC  C "C3'" 1 
ATOM   564 O  "O3'" . DC  B 2 7  ? -2.322  17.170  7.915   1.00 72.21  ? 34  DC  C "O3'" 1 
ATOM   565 C  "C2'" . DC  B 2 7  ? -3.290  16.102  5.938   1.00 66.31  ? 34  DC  C "C2'" 1 
ATOM   566 C  "C1'" . DC  B 2 7  ? -4.723  16.062  6.457   1.00 67.41  ? 34  DC  C "C1'" 1 
ATOM   567 N  N1    . DC  B 2 7  ? -5.669  15.297  5.595   1.00 64.16  ? 34  DC  C N1    1 
ATOM   568 C  C2    . DC  B 2 7  ? -6.557  14.389  6.185   1.00 62.20  ? 34  DC  C C2    1 
ATOM   569 O  O2    . DC  B 2 7  ? -6.528  14.230  7.413   1.00 62.58  ? 34  DC  C O2    1 
ATOM   570 N  N3    . DC  B 2 7  ? -7.422  13.705  5.394   1.00 62.77  ? 34  DC  C N3    1 
ATOM   571 C  C4    . DC  B 2 7  ? -7.418  13.906  4.071   1.00 65.69  ? 34  DC  C C4    1 
ATOM   572 N  N4    . DC  B 2 7  ? -8.289  13.205  3.329   1.00 68.96  ? 34  DC  C N4    1 
ATOM   573 C  C5    . DC  B 2 7  ? -6.522  14.832  3.451   1.00 60.43  ? 34  DC  C C5    1 
ATOM   574 C  C6    . DC  B 2 7  ? -5.676  15.501  4.243   1.00 60.90  ? 34  DC  C C6    1 
ATOM   575 P  P     . DC  B 2 8  ? -0.813  16.706  8.208   1.00 70.35  ? 35  DC  C P     1 
ATOM   576 O  OP1   . DC  B 2 8  ? -0.293  17.514  9.338   1.00 69.71  ? 35  DC  C OP1   1 
ATOM   577 O  OP2   . DC  B 2 8  ? -0.096  16.621  6.913   1.00 73.30  ? 35  DC  C OP2   1 
ATOM   578 O  "O5'" . DC  B 2 8  ? -0.987  15.228  8.743   1.00 62.36  ? 35  DC  C "O5'" 1 
ATOM   579 C  "C5'" . DC  B 2 8  ? -1.989  14.943  9.681   1.00 63.41  ? 35  DC  C "C5'" 1 
ATOM   580 C  "C4'" . DC  B 2 8  ? -2.192  13.449  9.752   1.00 67.47  ? 35  DC  C "C4'" 1 
ATOM   581 O  "O4'" . DC  B 2 8  ? -3.381  13.088  9.033   1.00 65.73  ? 35  DC  C "O4'" 1 
ATOM   582 C  "C3'" . DC  B 2 8  ? -1.101  12.629  9.090   1.00 66.66  ? 35  DC  C "C3'" 1 
ATOM   583 O  "O3'" . DC  B 2 8  ? -0.004  12.465  9.977   1.00 67.32  ? 35  DC  C "O3'" 1 
ATOM   584 C  "C2'" . DC  B 2 8  ? -1.815  11.306  8.830   1.00 60.64  ? 35  DC  C "C2'" 1 
ATOM   585 C  "C1'" . DC  B 2 8  ? -3.268  11.743  8.611   1.00 59.68  ? 35  DC  C "C1'" 1 
ATOM   586 N  N1    . DC  B 2 8  ? -3.673  11.670  7.213   1.00 57.75  ? 35  DC  C N1    1 
ATOM   587 C  C2    . DC  B 2 8  ? -4.687  10.786  6.834   1.00 59.49  ? 35  DC  C C2    1 
ATOM   588 O  O2    . DC  B 2 8  ? -5.233  10.084  7.701   1.00 58.74  ? 35  DC  C O2    1 
ATOM   589 N  N3    . DC  B 2 8  ? -5.045  10.725  5.527   1.00 55.89  ? 35  DC  C N3    1 
ATOM   590 C  C4    . DC  B 2 8  ? -4.428  11.502  4.632   1.00 56.54  ? 35  DC  C C4    1 
ATOM   591 N  N4    . DC  B 2 8  ? -4.811  11.412  3.356   1.00 59.68  ? 35  DC  C N4    1 
ATOM   592 C  C5    . DC  B 2 8  ? -3.389  12.404  5.004   1.00 57.25  ? 35  DC  C C5    1 
ATOM   593 C  C6    . DC  B 2 8  ? -3.047  12.453  6.292   1.00 59.59  ? 35  DC  C C6    1 
ATOM   594 P  P     . DA  C 3 1  ? 3.709   -11.043 -12.400 1.00 64.16  ? 36  DA  D P     1 
ATOM   595 O  OP1   . DA  C 3 1  ? 3.239   -11.956 -11.332 1.00 64.33  ? 36  DA  D OP1   1 
ATOM   596 O  OP2   . DA  C 3 1  ? 2.982   -10.875 -13.684 1.00 64.66  ? 36  DA  D OP2   1 
ATOM   597 O  "O5'" . DA  C 3 1  ? 3.926   -9.594  -11.757 1.00 62.60  ? 36  DA  D "O5'" 1 
ATOM   598 C  "C5'" . DA  C 3 1  ? 3.960   -8.439  -12.590 1.00 63.30  ? 36  DA  D "C5'" 1 
ATOM   599 C  "C4'" . DA  C 3 1  ? 4.699   -7.309  -11.903 1.00 62.56  ? 36  DA  D "C4'" 1 
ATOM   600 O  "O4'" . DA  C 3 1  ? 3.958   -6.902  -10.738 1.00 61.65  ? 36  DA  D "O4'" 1 
ATOM   601 C  "C3'" . DA  C 3 1  ? 6.074   -7.682  -11.389 1.00 62.85  ? 36  DA  D "C3'" 1 
ATOM   602 O  "O3'" . DA  C 3 1  ? 7.037   -7.428  -12.396 1.00 64.02  ? 36  DA  D "O3'" 1 
ATOM   603 C  "C2'" . DA  C 3 1  ? 6.262   -6.752  -10.188 1.00 59.37  ? 36  DA  D "C2'" 1 
ATOM   604 C  "C1'" . DA  C 3 1  ? 4.837   -6.504  -9.711  1.00 54.66  ? 36  DA  D "C1'" 1 
ATOM   605 N  N9    . DA  C 3 1  ? 4.465   -7.229  -8.508  1.00 55.28  ? 36  DA  D N9    1 
ATOM   606 C  C8    . DA  C 3 1  ? 3.529   -8.216  -8.413  1.00 59.47  ? 36  DA  D C8    1 
ATOM   607 N  N7    . DA  C 3 1  ? 3.372   -8.682  -7.197  1.00 59.49  ? 36  DA  D N7    1 
ATOM   608 C  C5    . DA  C 3 1  ? 4.263   -7.945  -6.442  1.00 57.28  ? 36  DA  D C5    1 
ATOM   609 C  C6    . DA  C 3 1  ? 4.579   -7.961  -5.071  1.00 59.53  ? 36  DA  D C6    1 
ATOM   610 N  N6    . DA  C 3 1  ? 3.999   -8.784  -4.191  1.00 58.01  ? 36  DA  D N6    1 
ATOM   611 N  N1    . DA  C 3 1  ? 5.517   -7.094  -4.637  1.00 62.17  ? 36  DA  D N1    1 
ATOM   612 C  C2    . DA  C 3 1  ? 6.095   -6.268  -5.525  1.00 63.92  ? 36  DA  D C2    1 
ATOM   613 N  N3    . DA  C 3 1  ? 5.882   -6.165  -6.838  1.00 58.02  ? 36  DA  D N3    1 
ATOM   614 C  C4    . DA  C 3 1  ? 4.948   -7.042  -7.236  1.00 56.15  ? 36  DA  D C4    1 
ATOM   615 P  P     . DT  C 3 2  ? 8.467   -8.152  -12.334 1.00 67.63  ? 37  DT  D P     1 
ATOM   616 O  OP1   . DT  C 3 2  ? 9.234   -7.690  -13.514 1.00 60.95  ? 37  DT  D OP1   1 
ATOM   617 O  OP2   . DT  C 3 2  ? 8.208   -9.592  -12.108 1.00 64.68  ? 37  DT  D OP2   1 
ATOM   618 O  "O5'" . DT  C 3 2  ? 9.165   -7.541  -11.028 1.00 55.64  ? 37  DT  D "O5'" 1 
ATOM   619 C  "C5'" . DT  C 3 2  ? 9.678   -6.217  -11.058 1.00 56.28  ? 37  DT  D "C5'" 1 
ATOM   620 C  "C4'" . DT  C 3 2  ? 10.290  -5.849  -9.722  1.00 59.98  ? 37  DT  D "C4'" 1 
ATOM   621 O  "O4'" . DT  C 3 2  ? 9.401   -6.258  -8.650  1.00 58.32  ? 37  DT  D "O4'" 1 
ATOM   622 C  "C3'" . DT  C 3 2  ? 11.632  -6.503  -9.419  1.00 65.38  ? 37  DT  D "C3'" 1 
ATOM   623 O  "O3'" . DT  C 3 2  ? 12.427  -5.596  -8.666  1.00 74.32  ? 37  DT  D "O3'" 1 
ATOM   624 C  "C2'" . DT  C 3 2  ? 11.227  -7.721  -8.590  1.00 66.50  ? 37  DT  D "C2'" 1 
ATOM   625 C  "C1'" . DT  C 3 2  ? 10.060  -7.163  -7.793  1.00 57.81  ? 37  DT  D "C1'" 1 
ATOM   626 N  N1    . DT  C 3 2  ? 9.076   -8.185  -7.376  1.00 58.38  ? 37  DT  D N1    1 
ATOM   627 C  C2    . DT  C 3 2  ? 8.855   -8.397  -6.037  1.00 63.00  ? 37  DT  D C2    1 
ATOM   628 O  O2    . DT  C 3 2  ? 9.451   -7.793  -5.161  1.00 67.66  ? 37  DT  D O2    1 
ATOM   629 N  N3    . DT  C 3 2  ? 7.910   -9.351  -5.753  1.00 60.19  ? 37  DT  D N3    1 
ATOM   630 C  C4    . DT  C 3 2  ? 7.178   -10.096 -6.660  1.00 60.49  ? 37  DT  D C4    1 
ATOM   631 O  O4    . DT  C 3 2  ? 6.348   -10.936 -6.308  1.00 60.99  ? 37  DT  D O4    1 
ATOM   632 C  C5    . DT  C 3 2  ? 7.458   -9.816  -8.052  1.00 61.08  ? 37  DT  D C5    1 
ATOM   633 C  C7    . DT  C 3 2  ? 6.729   -10.557 -9.130  1.00 62.27  ? 37  DT  D C7    1 
ATOM   634 C  C6    . DT  C 3 2  ? 8.379   -8.884  -8.337  1.00 57.71  ? 37  DT  D C6    1 
ATOM   635 P  P     . DG  C 3 3  ? 14.000  -5.852  -8.452  1.00 80.36  ? 38  DG  D P     1 
ATOM   636 O  OP1   . DG  C 3 3  ? 14.730  -4.702  -9.040  1.00 75.21  ? 38  DG  D OP1   1 
ATOM   637 O  OP2   . DG  C 3 3  ? 14.302  -7.242  -8.866  1.00 77.42  ? 38  DG  D OP2   1 
ATOM   638 O  "O5'" . DG  C 3 3  ? 14.164  -5.773  -6.870  1.00 68.48  ? 38  DG  D "O5'" 1 
ATOM   639 C  "C5'" . DG  C 3 3  ? 13.109  -6.209  -6.042  1.00 66.53  ? 38  DG  D "C5'" 1 
ATOM   640 C  "C4'" . DG  C 3 3  ? 13.541  -6.197  -4.601  1.00 72.51  ? 38  DG  D "C4'" 1 
ATOM   641 O  "O4'" . DG  C 3 3  ? 12.674  -7.066  -3.837  1.00 73.40  ? 38  DG  D "O4'" 1 
ATOM   642 C  "C3'" . DG  C 3 3  ? 14.926  -6.752  -4.371  1.00 80.13  ? 38  DG  D "C3'" 1 
ATOM   643 O  "O3'" . DG  C 3 3  ? 15.404  -6.300  -3.115  1.00 87.13  ? 38  DG  D "O3'" 1 
ATOM   644 C  "C2'" . DG  C 3 3  ? 14.651  -8.253  -4.372  1.00 79.95  ? 38  DG  D "C2'" 1 
ATOM   645 C  "C1'" . DG  C 3 3  ? 13.301  -8.324  -3.652  1.00 74.83  ? 38  DG  D "C1'" 1 
ATOM   646 N  N9    . DG  C 3 3  ? 12.412  -9.353  -4.183  1.00 71.78  ? 38  DG  D N9    1 
ATOM   647 C  C8    . DG  C 3 3  ? 12.176  -9.631  -5.507  1.00 75.00  ? 38  DG  D C8    1 
ATOM   648 N  N7    . DG  C 3 3  ? 11.326  -10.604 -5.692  1.00 73.64  ? 38  DG  D N7    1 
ATOM   649 C  C5    . DG  C 3 3  ? 10.970  -10.995 -4.407  1.00 68.97  ? 38  DG  D C5    1 
ATOM   650 C  C6    . DG  C 3 3  ? 10.077  -12.006 -3.978  1.00 69.36  ? 38  DG  D C6    1 
ATOM   651 O  O6    . DG  C 3 3  ? 9.400   -12.783 -4.672  1.00 72.25  ? 38  DG  D O6    1 
ATOM   652 N  N1    . DG  C 3 3  ? 10.006  -12.074 -2.587  1.00 68.89  ? 38  DG  D N1    1 
ATOM   653 C  C2    . DG  C 3 3  ? 10.716  -11.274 -1.722  1.00 72.71  ? 38  DG  D C2    1 
ATOM   654 N  N2    . DG  C 3 3  ? 10.507  -11.488 -0.410  1.00 73.06  ? 38  DG  D N2    1 
ATOM   655 N  N3    . DG  C 3 3  ? 11.552  -10.313 -2.112  1.00 71.91  ? 38  DG  D N3    1 
ATOM   656 C  C4    . DG  C 3 3  ? 11.631  -10.233 -3.464  1.00 68.97  ? 38  DG  D C4    1 
ATOM   657 P  P     . DT  C 3 4  ? 16.961  -6.430  -2.737  1.00 93.64  ? 39  DT  D P     1 
ATOM   658 O  OP1   . DT  C 3 4  ? 17.484  -5.069  -2.455  1.00 87.01  ? 39  DT  D OP1   1 
ATOM   659 O  OP2   . DT  C 3 4  ? 17.599  -7.282  -3.766  1.00 83.71  ? 39  DT  D OP2   1 
ATOM   660 O  "O5'" . DT  C 3 4  ? 16.929  -7.267  -1.380  1.00 82.03  ? 39  DT  D "O5'" 1 
ATOM   661 C  "C5'" . DT  C 3 4  ? 16.093  -8.398  -1.295  1.00 80.67  ? 39  DT  D "C5'" 1 
ATOM   662 C  "C4'" . DT  C 3 4  ? 15.927  -8.839  0.134   1.00 89.48  ? 39  DT  D "C4'" 1 
ATOM   663 O  "O4'" . DT  C 3 4  ? 14.776  -9.712  0.218   1.00 88.90  ? 39  DT  D "O4'" 1 
ATOM   664 C  "C3'" . DT  C 3 4  ? 17.096  -9.644  0.683   1.00 98.73  ? 39  DT  D "C3'" 1 
ATOM   665 O  "O3'" . DT  C 3 4  ? 17.192  -9.465  2.100   1.00 108.26 ? 39  DT  D "O3'" 1 
ATOM   666 C  "C2'" . DT  C 3 4  ? 16.720  -11.074 0.298   1.00 94.02  ? 39  DT  D "C2'" 1 
ATOM   667 C  "C1'" . DT  C 3 4  ? 15.195  -11.054 0.409   1.00 90.12  ? 39  DT  D "C1'" 1 
ATOM   668 N  N1    . DT  C 3 4  ? 14.499  -11.929 -0.597  1.00 83.39  ? 39  DT  D N1    1 
ATOM   669 C  C2    . DT  C 3 4  ? 13.614  -12.890 -0.155  1.00 82.67  ? 39  DT  D C2    1 
ATOM   670 O  O2    . DT  C 3 4  ? 13.356  -13.068 1.025   1.00 84.04  ? 39  DT  D O2    1 
ATOM   671 N  N3    . DT  C 3 4  ? 13.031  -13.638 -1.149  1.00 77.62  ? 39  DT  D N3    1 
ATOM   672 C  C4    . DT  C 3 4  ? 13.242  -13.527 -2.515  1.00 76.17  ? 39  DT  D C4    1 
ATOM   673 O  O4    . DT  C 3 4  ? 12.669  -14.249 -3.331  1.00 71.57  ? 39  DT  D O4    1 
ATOM   674 C  C5    . DT  C 3 4  ? 14.185  -12.501 -2.912  1.00 77.15  ? 39  DT  D C5    1 
ATOM   675 C  C7    . DT  C 3 4  ? 14.496  -12.283 -4.362  1.00 71.26  ? 39  DT  D C7    1 
ATOM   676 C  C6    . DT  C 3 4  ? 14.763  -11.763 -1.946  1.00 79.47  ? 39  DT  D C6    1 
ATOM   677 P  P     . DC  C 3 5  ? 18.265  -10.297 2.962   1.00 114.49 ? 40  DC  D P     1 
ATOM   678 O  OP1   . DC  C 3 5  ? 18.599  -9.469  4.144   1.00 110.84 ? 40  DC  D OP1   1 
ATOM   679 O  OP2   . DC  C 3 5  ? 19.348  -10.751 2.055   1.00 109.69 ? 40  DC  D OP2   1 
ATOM   680 O  "O5'" . DC  C 3 5  ? 17.433  -11.579 3.449   1.00 102.35 ? 40  DC  D "O5'" 1 
ATOM   681 C  "C5'" . DC  C 3 5  ? 18.109  -12.735 3.934   1.00 105.82 ? 40  DC  D "C5'" 1 
ATOM   682 C  "C4'" . DC  C 3 5  ? 17.150  -13.909 4.033   1.00 104.75 ? 40  DC  D "C4'" 1 
ATOM   683 O  "O4'" . DC  C 3 5  ? 16.317  -13.933 2.863   1.00 98.68  ? 40  DC  D "O4'" 1 
ATOM   684 C  "C3'" . DC  C 3 5  ? 17.811  -15.281 4.066   1.00 107.44 ? 40  DC  D "C3'" 1 
ATOM   685 O  "O3'" . DC  C 3 5  ? 18.067  -15.671 5.414   1.00 113.12 ? 40  DC  D "O3'" 1 
ATOM   686 C  "C2'" . DC  C 3 5  ? 16.774  -16.203 3.410   1.00 100.16 ? 40  DC  D "C2'" 1 
ATOM   687 C  "C1'" . DC  C 3 5  ? 15.841  -15.247 2.663   1.00 95.27  ? 40  DC  D "C1'" 1 
ATOM   688 N  N1    . DC  C 3 5  ? 15.753  -15.495 1.194   1.00 89.53  ? 40  DC  D N1    1 
ATOM   689 C  C2    . DC  C 3 5  ? 14.890  -16.485 0.706   1.00 87.35  ? 40  DC  D C2    1 
ATOM   690 O  O2    . DC  C 3 5  ? 14.228  -17.159 1.511   1.00 87.30  ? 40  DC  D O2    1 
ATOM   691 N  N3    . DC  C 3 5  ? 14.809  -16.684 -0.637  1.00 82.22  ? 40  DC  D N3    1 
ATOM   692 C  C4    . DC  C 3 5  ? 15.541  -15.933 -1.469  1.00 82.58  ? 40  DC  D C4    1 
ATOM   693 N  N4    . DC  C 3 5  ? 15.430  -16.161 -2.785  1.00 81.62  ? 40  DC  D N4    1 
ATOM   694 C  C5    . DC  C 3 5  ? 16.419  -14.917 -0.989  1.00 82.87  ? 40  DC  D C5    1 
ATOM   695 C  C6    . DC  C 3 5  ? 16.491  -14.731 0.335   1.00 86.08  ? 40  DC  D C6    1 
ATOM   696 P  P     . DG  C 3 6  ? 19.147  -16.823 5.731   1.00 121.71 ? 41  DG  D P     1 
ATOM   697 O  OP1   . DG  C 3 6  ? 19.422  -16.799 7.187   1.00 121.06 ? 41  DG  D OP1   1 
ATOM   698 O  OP2   . DG  C 3 6  ? 20.249  -16.650 4.757   1.00 116.40 ? 41  DG  D OP2   1 
ATOM   699 O  "O5'" . DG  C 3 6  ? 18.394  -18.188 5.362   1.00 104.89 ? 41  DG  D "O5'" 1 
ATOM   700 C  "C5'" . DG  C 3 6  ? 17.224  -18.586 6.072   1.00 101.41 ? 41  DG  D "C5'" 1 
ATOM   701 C  "C4'" . DG  C 3 6  ? 16.523  -19.726 5.349   1.00 102.76 ? 41  DG  D "C4'" 1 
ATOM   702 O  "O4'" . DG  C 3 6  ? 16.277  -19.345 3.968   1.00 101.40 ? 41  DG  D "O4'" 1 
ATOM   703 C  "C3'" . DG  C 3 6  ? 17.303  -21.045 5.293   1.00 102.64 ? 41  DG  D "C3'" 1 
ATOM   704 O  "O3'" . DG  C 3 6  ? 16.427  -22.147 5.532   1.00 110.15 ? 41  DG  D "O3'" 1 
ATOM   705 C  "C2'" . DG  C 3 6  ? 17.847  -21.071 3.867   1.00 97.32  ? 41  DG  D "C2'" 1 
ATOM   706 C  "C1'" . DG  C 3 6  ? 16.737  -20.363 3.107   1.00 94.10  ? 41  DG  D "C1'" 1 
ATOM   707 N  N9    . DG  C 3 6  ? 17.181  -19.748 1.855   1.00 88.92  ? 41  DG  D N9    1 
ATOM   708 C  C8    . DG  C 3 6  ? 18.085  -18.720 1.709   1.00 89.09  ? 41  DG  D C8    1 
ATOM   709 N  N7    . DG  C 3 6  ? 18.284  -18.372 0.466   1.00 83.24  ? 41  DG  D N7    1 
ATOM   710 C  C5    . DG  C 3 6  ? 17.458  -19.222 -0.261  1.00 82.98  ? 41  DG  D C5    1 
ATOM   711 C  C6    . DG  C 3 6  ? 17.249  -19.315 -1.661  1.00 82.09  ? 41  DG  D C6    1 
ATOM   712 O  O6    . DG  C 3 6  ? 17.771  -18.640 -2.567  1.00 79.35  ? 41  DG  D O6    1 
ATOM   713 N  N1    . DG  C 3 6  ? 16.325  -20.318 -1.975  1.00 81.19  ? 41  DG  D N1    1 
ATOM   714 C  C2    . DG  C 3 6  ? 15.688  -21.126 -1.052  1.00 81.33  ? 41  DG  D C2    1 
ATOM   715 N  N2    . DG  C 3 6  ? 14.830  -22.038 -1.546  1.00 80.16  ? 41  DG  D N2    1 
ATOM   716 N  N3    . DG  C 3 6  ? 15.878  -21.046 0.262   1.00 79.59  ? 41  DG  D N3    1 
ATOM   717 C  C4    . DG  C 3 6  ? 16.772  -20.077 0.582   1.00 83.56  ? 41  DG  D C4    1 
ATOM   718 P  P     . DT  C 3 7  ? 17.033  -23.593 5.897   1.00 113.34 ? 42  DT  D P     1 
ATOM   719 O  OP1   . DT  C 3 7  ? 16.141  -24.236 6.890   1.00 101.84 ? 42  DT  D OP1   1 
ATOM   720 O  OP2   . DT  C 3 7  ? 18.468  -23.377 6.201   1.00 108.54 ? 42  DT  D OP2   1 
ATOM   721 O  "O5'" . DT  C 3 7  ? 16.930  -24.417 4.529   1.00 99.23  ? 42  DT  D "O5'" 1 
ATOM   722 C  "C5'" . DT  C 3 7  ? 15.656  -24.680 3.951   1.00 97.13  ? 42  DT  D "C5'" 1 
ATOM   723 C  "C4'" . DT  C 3 7  ? 15.809  -25.310 2.576   1.00 97.57  ? 42  DT  D "C4'" 1 
ATOM   724 O  "O4'" . DT  C 3 7  ? 16.301  -24.318 1.634   1.00 94.01  ? 42  DT  D "O4'" 1 
ATOM   725 C  "C3'" . DT  C 3 7  ? 16.790  -26.488 2.508   1.00 93.18  ? 42  DT  D "C3'" 1 
ATOM   726 O  "O3'" . DT  C 3 7  ? 16.186  -27.588 1.827   1.00 90.51  ? 42  DT  D "O3'" 1 
ATOM   727 C  "C2'" . DT  C 3 7  ? 17.978  -25.921 1.722   1.00 87.41  ? 42  DT  D "C2'" 1 
ATOM   728 C  "C1'" . DT  C 3 7  ? 17.283  -24.914 0.825   1.00 85.74  ? 42  DT  D "C1'" 1 
ATOM   729 N  N1    . DT  C 3 7  ? 18.187  -23.847 0.284   1.00 84.07  ? 42  DT  D N1    1 
ATOM   730 C  C2    . DT  C 3 7  ? 18.211  -23.618 -1.075  1.00 84.03  ? 42  DT  D C2    1 
ATOM   731 O  O2    . DT  C 3 7  ? 17.526  -24.243 -1.871  1.00 83.34  ? 42  DT  D O2    1 
ATOM   732 N  N3    . DT  C 3 7  ? 19.069  -22.622 -1.477  1.00 81.98  ? 42  DT  D N3    1 
ATOM   733 C  C4    . DT  C 3 7  ? 19.890  -21.849 -0.673  1.00 82.70  ? 42  DT  D C4    1 
ATOM   734 O  O4    . DT  C 3 7  ? 20.628  -20.974 -1.130  1.00 79.98  ? 42  DT  D O4    1 
ATOM   735 C  C5    . DT  C 3 7  ? 19.816  -22.141 0.744   1.00 82.43  ? 42  DT  D C5    1 
ATOM   736 C  C7    . DT  C 3 7  ? 20.660  -21.370 1.714   1.00 82.01  ? 42  DT  D C7    1 
ATOM   737 C  C6    . DT  C 3 7  ? 18.976  -23.113 1.150   1.00 81.52  ? 42  DT  D C6    1 
ATOM   738 P  P     . DT  D 4 1  ? 1.812   7.420   7.861   1.00 73.04  ? 1   DT  A P     1 
ATOM   739 O  OP1   . DT  D 4 1  ? 2.619   8.148   8.875   1.00 62.86  ? 1   DT  A OP1   1 
ATOM   740 O  OP2   . DT  D 4 1  ? 2.169   7.446   6.419   1.00 69.95  ? 1   DT  A OP2   1 
ATOM   741 O  "O5'" . DT  D 4 1  ? 0.275   7.866   7.956   1.00 65.98  ? 1   DT  A "O5'" 1 
ATOM   742 C  "C5'" . DT  D 4 1  ? -0.402  7.829   9.196   1.00 64.23  ? 1   DT  A "C5'" 1 
ATOM   743 C  "C4'" . DT  D 4 1  ? -1.762  7.203   9.025   1.00 59.81  ? 1   DT  A "C4'" 1 
ATOM   744 O  "O4'" . DT  D 4 1  ? -2.559  8.047   8.181   1.00 53.56  ? 1   DT  A "O4'" 1 
ATOM   745 C  "C3'" . DT  D 4 1  ? -1.748  5.871   8.311   1.00 57.91  ? 1   DT  A "C3'" 1 
ATOM   746 O  "O3'" . DT  D 4 1  ? -1.508  4.845   9.236   1.00 58.91  ? 1   DT  A "O3'" 1 
ATOM   747 C  "C2'" . DT  D 4 1  ? -3.159  5.788   7.738   1.00 53.75  ? 1   DT  A "C2'" 1 
ATOM   748 C  "C1'" . DT  D 4 1  ? -3.513  7.259   7.500   1.00 52.46  ? 1   DT  A "C1'" 1 
ATOM   749 N  N1    . DT  D 4 1  ? -3.494  7.666   6.092   1.00 54.64  ? 1   DT  A N1    1 
ATOM   750 C  C2    . DT  D 4 1  ? -4.487  7.235   5.249   1.00 59.53  ? 1   DT  A C2    1 
ATOM   751 O  O2    . DT  D 4 1  ? -5.393  6.498   5.605   1.00 61.10  ? 1   DT  A O2    1 
ATOM   752 N  N3    . DT  D 4 1  ? -4.381  7.694   3.959   1.00 58.11  ? 1   DT  A N3    1 
ATOM   753 C  C4    . DT  D 4 1  ? -3.403  8.529   3.447   1.00 55.69  ? 1   DT  A C4    1 
ATOM   754 O  O4    . DT  D 4 1  ? -3.391  8.888   2.269   1.00 56.17  ? 1   DT  A O4    1 
ATOM   755 C  C5    . DT  D 4 1  ? -2.396  8.944   4.393   1.00 53.05  ? 1   DT  A C5    1 
ATOM   756 C  C7    . DT  D 4 1  ? -1.283  9.846   3.959   1.00 57.24  ? 1   DT  A C7    1 
ATOM   757 C  C6    . DT  D 4 1  ? -2.494  8.502   5.654   1.00 53.43  ? 1   DT  A C6    1 
ATOM   758 P  P     . DC  D 4 2  ? -0.766  3.509   8.753   1.00 65.41  ? 2   DC  A P     1 
ATOM   759 O  OP1   . DC  D 4 2  ? -0.314  2.779   9.963   1.00 66.04  ? 2   DC  A OP1   1 
ATOM   760 O  OP2   . DC  D 4 2  ? 0.184   3.898   7.683   1.00 65.28  ? 2   DC  A OP2   1 
ATOM   761 O  "O5'" . DC  D 4 2  ? -1.933  2.681   8.058   1.00 59.83  ? 2   DC  A "O5'" 1 
ATOM   762 C  "C5'" . DC  D 4 2  ? -3.089  2.320   8.800   1.00 62.78  ? 2   DC  A "C5'" 1 
ATOM   763 C  "C4'" . DC  D 4 2  ? -4.156  1.841   7.852   1.00 63.97  ? 2   DC  A "C4'" 1 
ATOM   764 O  "O4'" . DC  D 4 2  ? -4.422  2.899   6.918   1.00 61.96  ? 2   DC  A "O4'" 1 
ATOM   765 C  "C3'" . DC  D 4 2  ? -3.740  0.648   7.007   1.00 65.16  ? 2   DC  A "C3'" 1 
ATOM   766 O  "O3'" . DC  D 4 2  ? -4.238  -0.550  7.584   1.00 68.65  ? 2   DC  A "O3'" 1 
ATOM   767 C  "C2'" . DC  D 4 2  ? -4.376  0.902   5.639   1.00 63.95  ? 2   DC  A "C2'" 1 
ATOM   768 C  "C1'" . DC  D 4 2  ? -4.791  2.366   5.671   1.00 59.24  ? 2   DC  A "C1'" 1 
ATOM   769 N  N1    . DC  D 4 2  ? -4.162  3.192   4.618   1.00 58.17  ? 2   DC  A N1    1 
ATOM   770 C  C2    . DC  D 4 2  ? -4.811  3.358   3.395   1.00 59.85  ? 2   DC  A C2    1 
ATOM   771 O  O2    . DC  D 4 2  ? -5.894  2.782   3.205   1.00 60.78  ? 2   DC  A O2    1 
ATOM   772 N  N3    . DC  D 4 2  ? -4.237  4.137   2.445   1.00 59.52  ? 2   DC  A N3    1 
ATOM   773 C  C4    . DC  D 4 2  ? -3.070  4.739   2.692   1.00 59.06  ? 2   DC  A C4    1 
ATOM   774 N  N4    . DC  D 4 2  ? -2.540  5.499   1.720   1.00 61.46  ? 2   DC  A N4    1 
ATOM   775 C  C5    . DC  D 4 2  ? -2.394  4.589   3.938   1.00 53.68  ? 2   DC  A C5    1 
ATOM   776 C  C6    . DC  D 4 2  ? -2.971  3.815   4.864   1.00 55.25  ? 2   DC  A C6    1 
ATOM   777 P  P     . DG  D 4 3  ? -3.711  -1.965  7.045   1.00 83.96  ? 3   DG  A P     1 
ATOM   778 O  OP1   . DG  D 4 3  ? -4.129  -3.007  8.012   1.00 83.65  ? 3   DG  A OP1   1 
ATOM   779 O  OP2   . DG  D 4 3  ? -2.278  -1.785  6.697   1.00 78.86  ? 3   DG  A OP2   1 
ATOM   780 O  "O5'" . DG  D 4 3  ? -4.498  -2.179  5.672   1.00 68.20  ? 3   DG  A "O5'" 1 
ATOM   781 C  "C5'" . DG  D 4 3  ? -5.907  -2.296  5.664   1.00 69.45  ? 3   DG  A "C5'" 1 
ATOM   782 C  "C4'" . DG  D 4 3  ? -6.408  -2.298  4.236   1.00 72.38  ? 3   DG  A "C4'" 1 
ATOM   783 O  "O4'" . DG  D 4 3  ? -5.932  -1.102  3.576   1.00 69.71  ? 3   DG  A "O4'" 1 
ATOM   784 C  "C3'" . DG  D 4 3  ? -5.926  -3.483  3.394   1.00 70.58  ? 3   DG  A "C3'" 1 
ATOM   785 O  "O3'" . DG  D 4 3  ? -7.021  -4.095  2.735   1.00 75.20  ? 3   DG  A "O3'" 1 
ATOM   786 C  "C2'" . DG  D 4 3  ? -4.936  -2.877  2.398   1.00 67.85  ? 3   DG  A "C2'" 1 
ATOM   787 C  "C1'" . DG  D 4 3  ? -5.360  -1.419  2.328   1.00 64.05  ? 3   DG  A "C1'" 1 
ATOM   788 N  N9    . DG  D 4 3  ? -4.239  -0.514  2.107   1.00 60.13  ? 3   DG  A N9    1 
ATOM   789 C  C8    . DG  D 4 3  ? -3.192  -0.275  2.963   1.00 62.04  ? 3   DG  A C8    1 
ATOM   790 N  N7    . DG  D 4 3  ? -2.334  0.594   2.508   1.00 59.06  ? 3   DG  A N7    1 
ATOM   791 C  C5    . DG  D 4 3  ? -2.840  0.948   1.270   1.00 58.83  ? 3   DG  A C5    1 
ATOM   792 C  C6    . DG  D 4 3  ? -2.335  1.853   0.311   1.00 63.10  ? 3   DG  A C6    1 
ATOM   793 O  O6    . DG  D 4 3  ? -1.300  2.543   0.373   1.00 62.77  ? 3   DG  A O6    1 
ATOM   794 N  N1    . DG  D 4 3  ? -3.161  1.920   -0.815  1.00 62.98  ? 3   DG  A N1    1 
ATOM   795 C  C2    . DG  D 4 3  ? -4.326  1.200   -0.983  1.00 63.76  ? 3   DG  A C2    1 
ATOM   796 N  N2    . DG  D 4 3  ? -4.990  1.396   -2.136  1.00 63.59  ? 3   DG  A N2    1 
ATOM   797 N  N3    . DG  D 4 3  ? -4.806  0.348   -0.087  1.00 64.74  ? 3   DG  A N3    1 
ATOM   798 C  C4    . DG  D 4 3  ? -4.014  0.273   1.008   1.00 59.81  ? 3   DG  A C4    1 
ATOM   799 P  P     . DT  D 4 4  ? -6.802  -5.467  1.924   1.00 86.44  ? 4   DT  A P     1 
ATOM   800 O  OP1   . DT  D 4 4  ? -8.059  -6.246  2.011   1.00 79.23  ? 4   DT  A OP1   1 
ATOM   801 O  OP2   . DT  D 4 4  ? -5.524  -6.055  2.396   1.00 84.52  ? 4   DT  A OP2   1 
ATOM   802 O  "O5'" . DT  D 4 4  ? -6.614  -4.989  0.406   1.00 77.80  ? 4   DT  A "O5'" 1 
ATOM   803 C  "C5'" . DT  D 4 4  ? -7.678  -4.305  -0.256  1.00 73.86  ? 4   DT  A "C5'" 1 
ATOM   804 C  "C4'" . DT  D 4 4  ? -7.292  -3.942  -1.680  1.00 74.53  ? 4   DT  A "C4'" 1 
ATOM   805 O  "O4'" . DT  D 4 4  ? -6.261  -2.922  -1.659  1.00 71.91  ? 4   DT  A "O4'" 1 
ATOM   806 C  "C3'" . DT  D 4 4  ? -6.734  -5.097  -2.529  1.00 73.00  ? 4   DT  A "C3'" 1 
ATOM   807 O  "O3'" . DT  D 4 4  ? -7.387  -5.119  -3.808  1.00 72.20  ? 4   DT  A "O3'" 1 
ATOM   808 C  "C2'" . DT  D 4 4  ? -5.250  -4.750  -2.663  1.00 69.56  ? 4   DT  A "C2'" 1 
ATOM   809 C  "C1'" . DT  D 4 4  ? -5.303  -3.232  -2.635  1.00 67.10  ? 4   DT  A "C1'" 1 
ATOM   810 N  N1    . DT  D 4 4  ? -4.017  -2.570  -2.271  1.00 64.53  ? 4   DT  A N1    1 
ATOM   811 C  C2    . DT  D 4 4  ? -3.403  -1.761  -3.197  1.00 65.22  ? 4   DT  A C2    1 
ATOM   812 O  O2    . DT  D 4 4  ? -3.854  -1.565  -4.313  1.00 67.70  ? 4   DT  A O2    1 
ATOM   813 N  N3    . DT  D 4 4  ? -2.232  -1.186  -2.775  1.00 64.79  ? 4   DT  A N3    1 
ATOM   814 C  C4    . DT  D 4 4  ? -1.625  -1.332  -1.539  1.00 67.27  ? 4   DT  A C4    1 
ATOM   815 O  O4    . DT  D 4 4  ? -0.565  -0.768  -1.253  1.00 67.82  ? 4   DT  A O4    1 
ATOM   816 C  C5    . DT  D 4 4  ? -2.326  -2.194  -0.610  1.00 65.66  ? 4   DT  A C5    1 
ATOM   817 C  C7    . DT  D 4 4  ? -1.767  -2.432  0.760   1.00 59.60  ? 4   DT  A C7    1 
ATOM   818 C  C6    . DT  D 4 4  ? -3.477  -2.762  -1.016  1.00 65.61  ? 4   DT  A C6    1 
ATOM   819 P  P     . DC  D 4 5  ? -7.131  -6.330  -4.839  1.00 78.16  ? 5   DC  A P     1 
ATOM   820 O  OP1   . DC  D 4 5  ? -8.406  -6.593  -5.548  1.00 68.06  ? 5   DC  A OP1   1 
ATOM   821 O  OP2   . DC  D 4 5  ? -6.443  -7.412  -4.095  1.00 73.66  ? 5   DC  A OP2   1 
ATOM   822 O  "O5'" . DC  D 4 5  ? -6.101  -5.718  -5.900  1.00 67.69  ? 5   DC  A "O5'" 1 
ATOM   823 C  "C5'" . DC  D 4 5  ? -6.447  -4.528  -6.599  1.00 67.54  ? 5   DC  A "C5'" 1 
ATOM   824 C  "C4'" . DC  D 4 5  ? -5.299  -4.046  -7.468  1.00 63.99  ? 5   DC  A "C4'" 1 
ATOM   825 O  "O4'" . DC  D 4 5  ? -4.251  -3.487  -6.639  1.00 64.60  ? 5   DC  A "O4'" 1 
ATOM   826 C  "C3'" . DC  D 4 5  ? -4.627  -5.111  -8.331  1.00 61.04  ? 5   DC  A "C3'" 1 
ATOM   827 O  "O3'" . DC  D 4 5  ? -4.340  -4.554  -9.598  1.00 59.22  ? 5   DC  A "O3'" 1 
ATOM   828 C  "C2'" . DC  D 4 5  ? -3.343  -5.418  -7.556  1.00 66.68  ? 5   DC  A "C2'" 1 
ATOM   829 C  "C1'" . DC  D 4 5  ? -3.010  -4.038  -7.022  1.00 62.10  ? 5   DC  A "C1'" 1 
ATOM   830 N  N1    . DC  D 4 5  ? -2.129  -4.012  -5.828  1.00 60.92  ? 5   DC  A N1    1 
ATOM   831 C  C2    . DC  D 4 5  ? -0.967  -3.225  -5.838  1.00 63.48  ? 5   DC  A C2    1 
ATOM   832 O  O2    . DC  D 4 5  ? -0.671  -2.596  -6.867  1.00 61.55  ? 5   DC  A O2    1 
ATOM   833 N  N3    . DC  D 4 5  ? -0.192  -3.179  -4.725  1.00 62.64  ? 5   DC  A N3    1 
ATOM   834 C  C4    . DC  D 4 5  ? -0.549  -3.868  -3.634  1.00 61.92  ? 5   DC  A C4    1 
ATOM   835 N  N4    . DC  D 4 5  ? 0.243   -3.792  -2.557  1.00 61.29  ? 5   DC  A N4    1 
ATOM   836 C  C5    . DC  D 4 5  ? -1.733  -4.663  -3.602  1.00 62.25  ? 5   DC  A C5    1 
ATOM   837 C  C6    . DC  D 4 5  ? -2.488  -4.701  -4.708  1.00 61.47  ? 5   DC  A C6    1 
ATOM   838 P  P     . DA  D 4 6  ? -4.456  -5.448  -10.924 1.00 65.83  ? 6   DA  A P     1 
ATOM   839 O  OP1   . DA  D 4 6  ? -5.227  -4.694  -11.936 1.00 64.93  ? 6   DA  A OP1   1 
ATOM   840 O  OP2   . DA  D 4 6  ? -4.899  -6.798  -10.501 1.00 69.95  ? 6   DA  A OP2   1 
ATOM   841 O  "O5'" . DA  D 4 6  ? -2.952  -5.533  -11.438 1.00 60.05  ? 6   DA  A "O5'" 1 
ATOM   842 C  "C5'" . DA  D 4 6  ? -2.120  -4.387  -11.361 1.00 64.69  ? 6   DA  A "C5'" 1 
ATOM   843 C  "C4'" . DA  D 4 6  ? -0.664  -4.790  -11.455 1.00 66.33  ? 6   DA  A "C4'" 1 
ATOM   844 O  "O4'" . DA  D 4 6  ? 0.029   -4.398  -10.248 1.00 68.45  ? 6   DA  A "O4'" 1 
ATOM   845 C  "C3'" . DA  D 4 6  ? -0.432  -6.281  -11.556 1.00 65.94  ? 6   DA  A "C3'" 1 
ATOM   846 O  "O3'" . DA  D 4 6  ? -0.549  -6.692  -12.898 1.00 62.06  ? 6   DA  A "O3'" 1 
ATOM   847 C  "C2'" . DA  D 4 6  ? 0.999   -6.404  -11.055 1.00 62.58  ? 6   DA  A "C2'" 1 
ATOM   848 C  "C1'" . DA  D 4 6  ? 1.057   -5.330  -9.966  1.00 61.22  ? 6   DA  A "C1'" 1 
ATOM   849 N  N9    . DA  D 4 6  ? 0.846   -5.860  -8.626  1.00 60.40  ? 6   DA  A N9    1 
ATOM   850 C  C8    . DA  D 4 6  ? -0.115  -6.749  -8.236  1.00 61.78  ? 6   DA  A C8    1 
ATOM   851 N  N7    . DA  D 4 6  ? -0.065  -7.058  -6.962  1.00 60.98  ? 6   DA  A N7    1 
ATOM   852 C  C5    . DA  D 4 6  ? 1.009   -6.327  -6.485  1.00 57.09  ? 6   DA  A C5    1 
ATOM   853 C  C6    . DA  D 4 6  ? 1.586   -6.215  -5.207  1.00 57.65  ? 6   DA  A C6    1 
ATOM   854 N  N6    . DA  D 4 6  ? 1.132   -6.871  -4.133  1.00 62.00  ? 6   DA  A N6    1 
ATOM   855 N  N1    . DA  D 4 6  ? 2.653   -5.398  -5.072  1.00 58.08  ? 6   DA  A N1    1 
ATOM   856 C  C2    . DA  D 4 6  ? 3.098   -4.735  -6.146  1.00 58.56  ? 6   DA  A C2    1 
ATOM   857 N  N3    . DA  D 4 6  ? 2.641   -4.764  -7.397  1.00 59.04  ? 6   DA  A N3    1 
ATOM   858 C  C4    . DA  D 4 6  ? 1.585   -5.585  -7.499  1.00 59.31  ? 6   DA  A C4    1 
HETATM 859 AS AS    . CAC E 5 .  ? 6.257   0.074   -8.843  1.00 179.35 ? 101 CAC B AS    1 
HETATM 860 AS AS    . CAC F 5 .  ? -9.153  0.253   -1.721  1.00 145.01 ? 101 CAC A AS    1 
# 
loop_
_pdbx_poly_seq_scheme.asym_id 
_pdbx_poly_seq_scheme.entity_id 
_pdbx_poly_seq_scheme.seq_id 
_pdbx_poly_seq_scheme.mon_id 
_pdbx_poly_seq_scheme.ndb_seq_num 
_pdbx_poly_seq_scheme.pdb_seq_num 
_pdbx_poly_seq_scheme.auth_seq_num 
_pdbx_poly_seq_scheme.pdb_mon_id 
_pdbx_poly_seq_scheme.auth_mon_id 
_pdbx_poly_seq_scheme.pdb_strand_id 
_pdbx_poly_seq_scheme.pdb_ins_code 
_pdbx_poly_seq_scheme.hetero 
A 1 1  DG 1  7  7  DG DG B . n 
A 1 2  DA 2  8  8  DA DA B . n 
A 1 3  DA 3  9  9  DA DA B . n 
A 1 4  DC 4  10 10 DC DC B . n 
A 1 5  DG 5  11 11 DG DG B . n 
A 1 6  DA 6  12 12 DA DA B . n 
A 1 7  DC 7  13 13 DC DC B . n 
A 1 8  DA 8  14 14 DA DA B . n 
A 1 9  DT 9  15 15 DT DT B . n 
A 1 10 DT 10 16 16 DT DT B . n 
A 1 11 DG 11 17 17 DG DG B . n 
A 1 12 DA 12 18 18 DA DA B . n 
A 1 13 DC 13 19 19 DC DC B . n 
A 1 14 DG 14 20 20 DG DG B . n 
A 1 15 DA 15 21 21 DA DA B . n 
A 1 16 DG 16 22 22 DG DG B . n 
A 1 17 DG 17 23 23 DG DG B . n 
A 1 18 DA 18 24 24 DA DA B . n 
A 1 19 DG 19 25 25 DG DG B . n 
A 1 20 DT 20 26 26 DT DT B . n 
A 1 21 DC 21 27 27 DC DC B . n 
B 2 1  DT 1  28 28 DT DT C . n 
B 2 2  DC 2  29 29 DC DC C . n 
B 2 3  DG 3  30 30 DG DG C . n 
B 2 4  DA 4  31 31 DA DA C . n 
B 2 5  DG 5  32 32 DG DG C . n 
B 2 6  DT 6  33 33 DT DT C . n 
B 2 7  DC 7  34 34 DC DC C . n 
B 2 8  DC 8  35 35 DC DC C . n 
C 3 1  DA 1  36 36 DA DA D . n 
C 3 2  DT 2  37 37 DT DT D . n 
C 3 3  DG 3  38 38 DG DG D . n 
C 3 4  DT 4  39 39 DT DT D . n 
C 3 5  DC 5  40 40 DC DC D . n 
C 3 6  DG 6  41 41 DG DG D . n 
C 3 7  DT 7  42 42 DT DT D . n 
D 4 1  DT 1  1  1  DT DT A . n 
D 4 2  DC 2  2  2  DC DC A . n 
D 4 3  DG 3  3  3  DG DG A . n 
D 4 4  DT 4  4  4  DT DT A . n 
D 4 5  DC 5  5  5  DC DC A . n 
D 4 6  DA 6  6  6  DA DA A . n 
# 
loop_
_pdbx_nonpoly_scheme.asym_id 
_pdbx_nonpoly_scheme.entity_id 
_pdbx_nonpoly_scheme.mon_id 
_pdbx_nonpoly_scheme.ndb_seq_num 
_pdbx_nonpoly_scheme.pdb_seq_num 
_pdbx_nonpoly_scheme.auth_seq_num 
_pdbx_nonpoly_scheme.pdb_mon_id 
_pdbx_nonpoly_scheme.auth_mon_id 
_pdbx_nonpoly_scheme.pdb_strand_id 
_pdbx_nonpoly_scheme.pdb_ins_code 
E 5 CAC 1 101 2 CAC AS B . 
F 5 CAC 1 101 1 CAC AS A . 
# 
_pdbx_struct_assembly.id                   1 
_pdbx_struct_assembly.details              author_and_software_defined_assembly 
_pdbx_struct_assembly.method_details       PISA 
_pdbx_struct_assembly.oligomeric_details   tetrameric 
_pdbx_struct_assembly.oligomeric_count     4 
# 
_pdbx_struct_assembly_gen.assembly_id       1 
_pdbx_struct_assembly_gen.oper_expression   1 
_pdbx_struct_assembly_gen.asym_id_list      A,B,C,D,E,F 
# 
loop_
_pdbx_struct_assembly_prop.biol_id 
_pdbx_struct_assembly_prop.type 
_pdbx_struct_assembly_prop.value 
_pdbx_struct_assembly_prop.details 
1 'ABSA (A^2)' 2460 ? 
1 MORE         -8   ? 
1 'SSA (A^2)'  7960 ? 
# 
_pdbx_struct_oper_list.id                   1 
_pdbx_struct_oper_list.type                 'identity operation' 
_pdbx_struct_oper_list.name                 1_555 
_pdbx_struct_oper_list.symmetry_operation   x,y,z 
_pdbx_struct_oper_list.matrix[1][1]         1.0000000000 
_pdbx_struct_oper_list.matrix[1][2]         0.0000000000 
_pdbx_struct_oper_list.matrix[1][3]         0.0000000000 
_pdbx_struct_oper_list.vector[1]            0.0000000000 
_pdbx_struct_oper_list.matrix[2][1]         0.0000000000 
_pdbx_struct_oper_list.matrix[2][2]         1.0000000000 
_pdbx_struct_oper_list.matrix[2][3]         0.0000000000 
_pdbx_struct_oper_list.vector[2]            0.0000000000 
_pdbx_struct_oper_list.matrix[3][1]         0.0000000000 
_pdbx_struct_oper_list.matrix[3][2]         0.0000000000 
_pdbx_struct_oper_list.matrix[3][3]         1.0000000000 
_pdbx_struct_oper_list.vector[3]            0.0000000000 
# 
loop_
_pdbx_audit_revision_history.ordinal 
_pdbx_audit_revision_history.data_content_type 
_pdbx_audit_revision_history.major_revision 
_pdbx_audit_revision_history.minor_revision 
_pdbx_audit_revision_history.revision_date 
1 'Structure model' 1 0 2021-07-14 
2 'Structure model' 1 1 2022-07-06 
3 'Structure model' 1 2 2023-10-18 
# 
_pdbx_audit_revision_details.ordinal             1 
_pdbx_audit_revision_details.revision_ordinal    1 
_pdbx_audit_revision_details.data_content_type   'Structure model' 
_pdbx_audit_revision_details.provider            repository 
_pdbx_audit_revision_details.type                'Initial release' 
_pdbx_audit_revision_details.description         ? 
_pdbx_audit_revision_details.details             ? 
# 
loop_
_pdbx_audit_revision_group.ordinal 
_pdbx_audit_revision_group.revision_ordinal 
_pdbx_audit_revision_group.data_content_type 
_pdbx_audit_revision_group.group 
1 2 'Structure model' 'Database references'    
2 3 'Structure model' 'Data collection'        
3 3 'Structure model' 'Refinement description' 
# 
loop_
_pdbx_audit_revision_category.ordinal 
_pdbx_audit_revision_category.revision_ordinal 
_pdbx_audit_revision_category.data_content_type 
_pdbx_audit_revision_category.category 
1 2 'Structure model' citation                      
2 2 'Structure model' citation_author               
3 2 'Structure model' database_2                    
4 3 'Structure model' chem_comp_atom                
5 3 'Structure model' chem_comp_bond                
6 3 'Structure model' pdbx_initial_refinement_model 
# 
loop_
_pdbx_audit_revision_item.ordinal 
_pdbx_audit_revision_item.revision_ordinal 
_pdbx_audit_revision_item.data_content_type 
_pdbx_audit_revision_item.item 
1  2 'Structure model' '_citation.country'                   
2  2 'Structure model' '_citation.journal_abbrev'            
3  2 'Structure model' '_citation.journal_id_CSD'            
4  2 'Structure model' '_citation.journal_id_ISSN'           
5  2 'Structure model' '_citation.journal_volume'            
6  2 'Structure model' '_citation.page_first'                
7  2 'Structure model' '_citation.page_last'                 
8  2 'Structure model' '_citation.pdbx_database_id_DOI'      
9  2 'Structure model' '_citation.pdbx_database_id_PubMed'   
10 2 'Structure model' '_citation.title'                     
11 2 'Structure model' '_citation.year'                      
12 2 'Structure model' '_database_2.pdbx_DOI'                
13 2 'Structure model' '_database_2.pdbx_database_accession' 
# 
loop_
_software.citation_id 
_software.classification 
_software.compiler_name 
_software.compiler_version 
_software.contact_author 
_software.contact_author_email 
_software.date 
_software.description 
_software.dependencies 
_software.hardware 
_software.language 
_software.location 
_software.mods 
_software.name 
_software.os 
_software.os_version 
_software.type 
_software.version 
_software.pdbx_ordinal 
? 'data reduction'  ? ? ? ? ? ? ? ? ? ? ? HKL-2000    ? ? ? .           1 
? 'data scaling'    ? ? ? ? ? ? ? ? ? ? ? HKL-2000    ? ? ? .           2 
? refinement        ? ? ? ? ? ? ? ? ? ? ? PHENIX      ? ? ? 1.11.1_2575 3 
? 'data extraction' ? ? ? ? ? ? ? ? ? ? ? PDB_EXTRACT ? ? ? 3.25        4 
? phasing           ? ? ? ? ? ? ? ? ? ? ? PHASER      ? ? ? .           5 
# 
_pdbx_entry_details.entry_id                 7JNK 
_pdbx_entry_details.has_ligand_of_interest   N 
_pdbx_entry_details.compound_details         ? 
_pdbx_entry_details.source_details           ? 
_pdbx_entry_details.nonpolymer_details       ? 
_pdbx_entry_details.sequence_details         ? 
# 
loop_
_pdbx_validate_rmsd_angle.id 
_pdbx_validate_rmsd_angle.PDB_model_num 
_pdbx_validate_rmsd_angle.auth_atom_id_1 
_pdbx_validate_rmsd_angle.auth_asym_id_1 
_pdbx_validate_rmsd_angle.auth_comp_id_1 
_pdbx_validate_rmsd_angle.auth_seq_id_1 
_pdbx_validate_rmsd_angle.PDB_ins_code_1 
_pdbx_validate_rmsd_angle.label_alt_id_1 
_pdbx_validate_rmsd_angle.auth_atom_id_2 
_pdbx_validate_rmsd_angle.auth_asym_id_2 
_pdbx_validate_rmsd_angle.auth_comp_id_2 
_pdbx_validate_rmsd_angle.auth_seq_id_2 
_pdbx_validate_rmsd_angle.PDB_ins_code_2 
_pdbx_validate_rmsd_angle.label_alt_id_2 
_pdbx_validate_rmsd_angle.auth_atom_id_3 
_pdbx_validate_rmsd_angle.auth_asym_id_3 
_pdbx_validate_rmsd_angle.auth_comp_id_3 
_pdbx_validate_rmsd_angle.auth_seq_id_3 
_pdbx_validate_rmsd_angle.PDB_ins_code_3 
_pdbx_validate_rmsd_angle.label_alt_id_3 
_pdbx_validate_rmsd_angle.angle_value 
_pdbx_validate_rmsd_angle.angle_target_value 
_pdbx_validate_rmsd_angle.angle_deviation 
_pdbx_validate_rmsd_angle.angle_standard_deviation 
_pdbx_validate_rmsd_angle.linker_flag 
1 1 "O4'" B DC 10 ? ? "C1'" B DC 10 ? ? N1 B DC 10 ? ? 110.25 108.30 1.95 0.30 N 
2 1 "O4'" B DG 25 ? ? "C1'" B DG 25 ? ? N9 B DG 25 ? ? 110.19 108.30 1.89 0.30 N 
# 
loop_
_pdbx_unobs_or_zero_occ_atoms.id 
_pdbx_unobs_or_zero_occ_atoms.PDB_model_num 
_pdbx_unobs_or_zero_occ_atoms.polymer_flag 
_pdbx_unobs_or_zero_occ_atoms.occupancy_flag 
_pdbx_unobs_or_zero_occ_atoms.auth_asym_id 
_pdbx_unobs_or_zero_occ_atoms.auth_comp_id 
_pdbx_unobs_or_zero_occ_atoms.auth_seq_id 
_pdbx_unobs_or_zero_occ_atoms.PDB_ins_code 
_pdbx_unobs_or_zero_occ_atoms.auth_atom_id 
_pdbx_unobs_or_zero_occ_atoms.label_alt_id 
_pdbx_unobs_or_zero_occ_atoms.label_asym_id 
_pdbx_unobs_or_zero_occ_atoms.label_comp_id 
_pdbx_unobs_or_zero_occ_atoms.label_seq_id 
_pdbx_unobs_or_zero_occ_atoms.label_atom_id 
1 1 N 1 B CAC 101 ? O1 ? E CAC 1 O1 
2 1 N 1 B CAC 101 ? O2 ? E CAC 1 O2 
3 1 N 1 B CAC 101 ? C1 ? E CAC 1 C1 
4 1 N 1 B CAC 101 ? C2 ? E CAC 1 C2 
5 1 N 1 A CAC 101 ? O1 ? F CAC 1 O1 
6 1 N 1 A CAC 101 ? O2 ? F CAC 1 O2 
7 1 N 1 A CAC 101 ? C1 ? F CAC 1 C1 
8 1 N 1 A CAC 101 ? C2 ? F CAC 1 C2 
# 
loop_
_chem_comp_atom.comp_id 
_chem_comp_atom.atom_id 
_chem_comp_atom.type_symbol 
_chem_comp_atom.pdbx_aromatic_flag 
_chem_comp_atom.pdbx_stereo_config 
_chem_comp_atom.pdbx_ordinal 
CAC AS     AS N N 1   
CAC O1     O  N N 2   
CAC O2     O  N N 3   
CAC C1     C  N N 4   
CAC C2     C  N N 5   
CAC H11    H  N N 6   
CAC H12    H  N N 7   
CAC H13    H  N N 8   
CAC H21    H  N N 9   
CAC H22    H  N N 10  
CAC H23    H  N N 11  
DA  OP3    O  N N 12  
DA  P      P  N N 13  
DA  OP1    O  N N 14  
DA  OP2    O  N N 15  
DA  "O5'"  O  N N 16  
DA  "C5'"  C  N N 17  
DA  "C4'"  C  N R 18  
DA  "O4'"  O  N N 19  
DA  "C3'"  C  N S 20  
DA  "O3'"  O  N N 21  
DA  "C2'"  C  N N 22  
DA  "C1'"  C  N R 23  
DA  N9     N  Y N 24  
DA  C8     C  Y N 25  
DA  N7     N  Y N 26  
DA  C5     C  Y N 27  
DA  C6     C  Y N 28  
DA  N6     N  N N 29  
DA  N1     N  Y N 30  
DA  C2     C  Y N 31  
DA  N3     N  Y N 32  
DA  C4     C  Y N 33  
DA  HOP3   H  N N 34  
DA  HOP2   H  N N 35  
DA  "H5'"  H  N N 36  
DA  "H5''" H  N N 37  
DA  "H4'"  H  N N 38  
DA  "H3'"  H  N N 39  
DA  "HO3'" H  N N 40  
DA  "H2'"  H  N N 41  
DA  "H2''" H  N N 42  
DA  "H1'"  H  N N 43  
DA  H8     H  N N 44  
DA  H61    H  N N 45  
DA  H62    H  N N 46  
DA  H2     H  N N 47  
DC  OP3    O  N N 48  
DC  P      P  N N 49  
DC  OP1    O  N N 50  
DC  OP2    O  N N 51  
DC  "O5'"  O  N N 52  
DC  "C5'"  C  N N 53  
DC  "C4'"  C  N R 54  
DC  "O4'"  O  N N 55  
DC  "C3'"  C  N S 56  
DC  "O3'"  O  N N 57  
DC  "C2'"  C  N N 58  
DC  "C1'"  C  N R 59  
DC  N1     N  N N 60  
DC  C2     C  N N 61  
DC  O2     O  N N 62  
DC  N3     N  N N 63  
DC  C4     C  N N 64  
DC  N4     N  N N 65  
DC  C5     C  N N 66  
DC  C6     C  N N 67  
DC  HOP3   H  N N 68  
DC  HOP2   H  N N 69  
DC  "H5'"  H  N N 70  
DC  "H5''" H  N N 71  
DC  "H4'"  H  N N 72  
DC  "H3'"  H  N N 73  
DC  "HO3'" H  N N 74  
DC  "H2'"  H  N N 75  
DC  "H2''" H  N N 76  
DC  "H1'"  H  N N 77  
DC  H41    H  N N 78  
DC  H42    H  N N 79  
DC  H5     H  N N 80  
DC  H6     H  N N 81  
DG  OP3    O  N N 82  
DG  P      P  N N 83  
DG  OP1    O  N N 84  
DG  OP2    O  N N 85  
DG  "O5'"  O  N N 86  
DG  "C5'"  C  N N 87  
DG  "C4'"  C  N R 88  
DG  "O4'"  O  N N 89  
DG  "C3'"  C  N S 90  
DG  "O3'"  O  N N 91  
DG  "C2'"  C  N N 92  
DG  "C1'"  C  N R 93  
DG  N9     N  Y N 94  
DG  C8     C  Y N 95  
DG  N7     N  Y N 96  
DG  C5     C  Y N 97  
DG  C6     C  N N 98  
DG  O6     O  N N 99  
DG  N1     N  N N 100 
DG  C2     C  N N 101 
DG  N2     N  N N 102 
DG  N3     N  N N 103 
DG  C4     C  Y N 104 
DG  HOP3   H  N N 105 
DG  HOP2   H  N N 106 
DG  "H5'"  H  N N 107 
DG  "H5''" H  N N 108 
DG  "H4'"  H  N N 109 
DG  "H3'"  H  N N 110 
DG  "HO3'" H  N N 111 
DG  "H2'"  H  N N 112 
DG  "H2''" H  N N 113 
DG  "H1'"  H  N N 114 
DG  H8     H  N N 115 
DG  H1     H  N N 116 
DG  H21    H  N N 117 
DG  H22    H  N N 118 
DT  OP3    O  N N 119 
DT  P      P  N N 120 
DT  OP1    O  N N 121 
DT  OP2    O  N N 122 
DT  "O5'"  O  N N 123 
DT  "C5'"  C  N N 124 
DT  "C4'"  C  N R 125 
DT  "O4'"  O  N N 126 
DT  "C3'"  C  N S 127 
DT  "O3'"  O  N N 128 
DT  "C2'"  C  N N 129 
DT  "C1'"  C  N R 130 
DT  N1     N  N N 131 
DT  C2     C  N N 132 
DT  O2     O  N N 133 
DT  N3     N  N N 134 
DT  C4     C  N N 135 
DT  O4     O  N N 136 
DT  C5     C  N N 137 
DT  C7     C  N N 138 
DT  C6     C  N N 139 
DT  HOP3   H  N N 140 
DT  HOP2   H  N N 141 
DT  "H5'"  H  N N 142 
DT  "H5''" H  N N 143 
DT  "H4'"  H  N N 144 
DT  "H3'"  H  N N 145 
DT  "HO3'" H  N N 146 
DT  "H2'"  H  N N 147 
DT  "H2''" H  N N 148 
DT  "H1'"  H  N N 149 
DT  H3     H  N N 150 
DT  H71    H  N N 151 
DT  H72    H  N N 152 
DT  H73    H  N N 153 
DT  H6     H  N N 154 
# 
loop_
_chem_comp_bond.comp_id 
_chem_comp_bond.atom_id_1 
_chem_comp_bond.atom_id_2 
_chem_comp_bond.value_order 
_chem_comp_bond.pdbx_aromatic_flag 
_chem_comp_bond.pdbx_stereo_config 
_chem_comp_bond.pdbx_ordinal 
CAC AS    O1     doub N N 1   
CAC AS    O2     sing N N 2   
CAC AS    C1     sing N N 3   
CAC AS    C2     sing N N 4   
CAC C1    H11    sing N N 5   
CAC C1    H12    sing N N 6   
CAC C1    H13    sing N N 7   
CAC C2    H21    sing N N 8   
CAC C2    H22    sing N N 9   
CAC C2    H23    sing N N 10  
DA  OP3   P      sing N N 11  
DA  OP3   HOP3   sing N N 12  
DA  P     OP1    doub N N 13  
DA  P     OP2    sing N N 14  
DA  P     "O5'"  sing N N 15  
DA  OP2   HOP2   sing N N 16  
DA  "O5'" "C5'"  sing N N 17  
DA  "C5'" "C4'"  sing N N 18  
DA  "C5'" "H5'"  sing N N 19  
DA  "C5'" "H5''" sing N N 20  
DA  "C4'" "O4'"  sing N N 21  
DA  "C4'" "C3'"  sing N N 22  
DA  "C4'" "H4'"  sing N N 23  
DA  "O4'" "C1'"  sing N N 24  
DA  "C3'" "O3'"  sing N N 25  
DA  "C3'" "C2'"  sing N N 26  
DA  "C3'" "H3'"  sing N N 27  
DA  "O3'" "HO3'" sing N N 28  
DA  "C2'" "C1'"  sing N N 29  
DA  "C2'" "H2'"  sing N N 30  
DA  "C2'" "H2''" sing N N 31  
DA  "C1'" N9     sing N N 32  
DA  "C1'" "H1'"  sing N N 33  
DA  N9    C8     sing Y N 34  
DA  N9    C4     sing Y N 35  
DA  C8    N7     doub Y N 36  
DA  C8    H8     sing N N 37  
DA  N7    C5     sing Y N 38  
DA  C5    C6     sing Y N 39  
DA  C5    C4     doub Y N 40  
DA  C6    N6     sing N N 41  
DA  C6    N1     doub Y N 42  
DA  N6    H61    sing N N 43  
DA  N6    H62    sing N N 44  
DA  N1    C2     sing Y N 45  
DA  C2    N3     doub Y N 46  
DA  C2    H2     sing N N 47  
DA  N3    C4     sing Y N 48  
DC  OP3   P      sing N N 49  
DC  OP3   HOP3   sing N N 50  
DC  P     OP1    doub N N 51  
DC  P     OP2    sing N N 52  
DC  P     "O5'"  sing N N 53  
DC  OP2   HOP2   sing N N 54  
DC  "O5'" "C5'"  sing N N 55  
DC  "C5'" "C4'"  sing N N 56  
DC  "C5'" "H5'"  sing N N 57  
DC  "C5'" "H5''" sing N N 58  
DC  "C4'" "O4'"  sing N N 59  
DC  "C4'" "C3'"  sing N N 60  
DC  "C4'" "H4'"  sing N N 61  
DC  "O4'" "C1'"  sing N N 62  
DC  "C3'" "O3'"  sing N N 63  
DC  "C3'" "C2'"  sing N N 64  
DC  "C3'" "H3'"  sing N N 65  
DC  "O3'" "HO3'" sing N N 66  
DC  "C2'" "C1'"  sing N N 67  
DC  "C2'" "H2'"  sing N N 68  
DC  "C2'" "H2''" sing N N 69  
DC  "C1'" N1     sing N N 70  
DC  "C1'" "H1'"  sing N N 71  
DC  N1    C2     sing N N 72  
DC  N1    C6     sing N N 73  
DC  C2    O2     doub N N 74  
DC  C2    N3     sing N N 75  
DC  N3    C4     doub N N 76  
DC  C4    N4     sing N N 77  
DC  C4    C5     sing N N 78  
DC  N4    H41    sing N N 79  
DC  N4    H42    sing N N 80  
DC  C5    C6     doub N N 81  
DC  C5    H5     sing N N 82  
DC  C6    H6     sing N N 83  
DG  OP3   P      sing N N 84  
DG  OP3   HOP3   sing N N 85  
DG  P     OP1    doub N N 86  
DG  P     OP2    sing N N 87  
DG  P     "O5'"  sing N N 88  
DG  OP2   HOP2   sing N N 89  
DG  "O5'" "C5'"  sing N N 90  
DG  "C5'" "C4'"  sing N N 91  
DG  "C5'" "H5'"  sing N N 92  
DG  "C5'" "H5''" sing N N 93  
DG  "C4'" "O4'"  sing N N 94  
DG  "C4'" "C3'"  sing N N 95  
DG  "C4'" "H4'"  sing N N 96  
DG  "O4'" "C1'"  sing N N 97  
DG  "C3'" "O3'"  sing N N 98  
DG  "C3'" "C2'"  sing N N 99  
DG  "C3'" "H3'"  sing N N 100 
DG  "O3'" "HO3'" sing N N 101 
DG  "C2'" "C1'"  sing N N 102 
DG  "C2'" "H2'"  sing N N 103 
DG  "C2'" "H2''" sing N N 104 
DG  "C1'" N9     sing N N 105 
DG  "C1'" "H1'"  sing N N 106 
DG  N9    C8     sing Y N 107 
DG  N9    C4     sing Y N 108 
DG  C8    N7     doub Y N 109 
DG  C8    H8     sing N N 110 
DG  N7    C5     sing Y N 111 
DG  C5    C6     sing N N 112 
DG  C5    C4     doub Y N 113 
DG  C6    O6     doub N N 114 
DG  C6    N1     sing N N 115 
DG  N1    C2     sing N N 116 
DG  N1    H1     sing N N 117 
DG  C2    N2     sing N N 118 
DG  C2    N3     doub N N 119 
DG  N2    H21    sing N N 120 
DG  N2    H22    sing N N 121 
DG  N3    C4     sing N N 122 
DT  OP3   P      sing N N 123 
DT  OP3   HOP3   sing N N 124 
DT  P     OP1    doub N N 125 
DT  P     OP2    sing N N 126 
DT  P     "O5'"  sing N N 127 
DT  OP2   HOP2   sing N N 128 
DT  "O5'" "C5'"  sing N N 129 
DT  "C5'" "C4'"  sing N N 130 
DT  "C5'" "H5'"  sing N N 131 
DT  "C5'" "H5''" sing N N 132 
DT  "C4'" "O4'"  sing N N 133 
DT  "C4'" "C3'"  sing N N 134 
DT  "C4'" "H4'"  sing N N 135 
DT  "O4'" "C1'"  sing N N 136 
DT  "C3'" "O3'"  sing N N 137 
DT  "C3'" "C2'"  sing N N 138 
DT  "C3'" "H3'"  sing N N 139 
DT  "O3'" "HO3'" sing N N 140 
DT  "C2'" "C1'"  sing N N 141 
DT  "C2'" "H2'"  sing N N 142 
DT  "C2'" "H2''" sing N N 143 
DT  "C1'" N1     sing N N 144 
DT  "C1'" "H1'"  sing N N 145 
DT  N1    C2     sing N N 146 
DT  N1    C6     sing N N 147 
DT  C2    O2     doub N N 148 
DT  C2    N3     sing N N 149 
DT  N3    C4     sing N N 150 
DT  N3    H3     sing N N 151 
DT  C4    O4     doub N N 152 
DT  C4    C5     sing N N 153 
DT  C5    C7     sing N N 154 
DT  C5    C6     doub N N 155 
DT  C7    H71    sing N N 156 
DT  C7    H72    sing N N 157 
DT  C7    H73    sing N N 158 
DT  C6    H6     sing N N 159 
# 
loop_
_ndb_struct_conf_na.entry_id 
_ndb_struct_conf_na.feature 
7JNK 'double helix'        
7JNK 'a-form double helix' 
7JNK 'b-form double helix' 
# 
loop_
_ndb_struct_na_base_pair.model_number 
_ndb_struct_na_base_pair.i_label_asym_id 
_ndb_struct_na_base_pair.i_label_comp_id 
_ndb_struct_na_base_pair.i_label_seq_id 
_ndb_struct_na_base_pair.i_symmetry 
_ndb_struct_na_base_pair.j_label_asym_id 
_ndb_struct_na_base_pair.j_label_comp_id 
_ndb_struct_na_base_pair.j_label_seq_id 
_ndb_struct_na_base_pair.j_symmetry 
_ndb_struct_na_base_pair.shear 
_ndb_struct_na_base_pair.stretch 
_ndb_struct_na_base_pair.stagger 
_ndb_struct_na_base_pair.buckle 
_ndb_struct_na_base_pair.propeller 
_ndb_struct_na_base_pair.opening 
_ndb_struct_na_base_pair.pair_number 
_ndb_struct_na_base_pair.pair_name 
_ndb_struct_na_base_pair.i_auth_asym_id 
_ndb_struct_na_base_pair.i_auth_seq_id 
_ndb_struct_na_base_pair.i_PDB_ins_code 
_ndb_struct_na_base_pair.j_auth_asym_id 
_ndb_struct_na_base_pair.j_auth_seq_id 
_ndb_struct_na_base_pair.j_PDB_ins_code 
_ndb_struct_na_base_pair.hbond_type_28 
_ndb_struct_na_base_pair.hbond_type_12 
1 A DA 3  1_555 C DT 7 1_555 -0.038 0.219  0.476  -2.154 -7.756  11.950  1  B_DA9:DT42_D  B 9  ? D 42 ? 20 1 
1 A DC 4  1_555 C DG 6 1_555 -0.863 0.083  0.251  -0.646 -4.671  -7.836  2  B_DC10:DG41_D B 10 ? D 41 ? 19 1 
1 A DG 5  1_555 C DC 5 1_555 0.491  -0.204 0.127  4.078  -7.911  -10.939 3  B_DG11:DC40_D B 11 ? D 40 ? 19 1 
1 A DA 6  1_555 C DT 4 1_555 1.212  -0.088 0.141  1.535  -7.592  -9.948  4  B_DA12:DT39_D B 12 ? D 39 ? 20 1 
1 A DC 7  1_555 C DG 3 1_555 -0.190 0.133  0.044  2.398  -4.127  -4.331  5  B_DC13:DG38_D B 13 ? D 38 ? 19 1 
1 A DA 8  1_555 C DT 2 1_555 -0.332 0.053  0.235  -6.022 -10.926 1.760   6  B_DA14:DT37_D B 14 ? D 37 ? 20 1 
1 A DT 9  1_555 C DA 1 1_555 -0.215 0.068  0.851  -8.679 -14.754 -8.719  7  B_DT15:DA36_D B 15 ? D 36 ? 20 1 
1 A DT 10 1_555 D DA 6 1_555 -2.178 0.214  0.534  -0.430 -6.786  4.418   8  B_DT16:DA6_A  B 16 ? A 6  ? ?  ? 
1 A DG 11 1_555 D DC 5 1_555 0.335  -0.222 0.735  6.097  -0.533  -0.810  9  B_DG17:DC5_A  B 17 ? A 5  ? 19 1 
1 A DA 12 1_555 D DT 4 1_555 0.923  0.106  0.692  4.360  -3.672  -8.827  10 B_DA18:DT4_A  B 18 ? A 4  ? 20 1 
1 A DC 13 1_555 D DG 3 1_555 -0.080 -0.395 0.323  -2.793 -5.375  -2.901  11 B_DC19:DG3_A  B 19 ? A 3  ? 19 1 
1 A DG 14 1_555 D DC 2 1_555 0.104  -0.105 0.323  0.441  -8.409  -6.797  12 B_DG20:DC2_A  B 20 ? A 2  ? 19 1 
1 A DA 15 1_555 D DT 1 1_555 0.202  -0.239 0.500  2.116  -8.610  -7.008  13 B_DA21:DT1_A  B 21 ? A 1  ? 20 1 
1 A DG 16 1_555 B DC 8 1_555 -0.545 0.026  0.981  8.024  -7.458  -0.546  14 B_DG22:DC35_C B 22 ? C 35 ? 19 1 
1 A DG 17 1_555 B DC 7 1_555 0.723  0.270  0.639  2.042  -6.097  6.837   15 B_DG23:DC34_C B 23 ? C 34 ? 19 1 
1 A DA 18 1_555 B DT 6 1_555 0.735  -0.384 0.264  -2.808 -4.646  -7.908  16 B_DA24:DT33_C B 24 ? C 33 ? 20 1 
1 A DG 19 1_555 B DG 5 1_555 -1.278 1.818  0.079  0.215  0.102   -3.029  17 B_DG25:DG32_C B 25 ? C 32 ? ?  ? 
1 A DT 20 1_555 B DA 4 1_555 -0.758 0.157  0.142  5.885  -1.130  -7.345  18 B_DT26:DA31_C B 26 ? C 31 ? 20 1 
1 A DC 21 1_555 B DG 3 1_555 -0.346 -0.274 -0.231 7.710  -5.924  -7.231  19 B_DC27:DG30_C B 27 ? C 30 ? 19 1 
# 
loop_
_ndb_struct_na_base_pair_step.model_number 
_ndb_struct_na_base_pair_step.i_label_asym_id_1 
_ndb_struct_na_base_pair_step.i_label_comp_id_1 
_ndb_struct_na_base_pair_step.i_label_seq_id_1 
_ndb_struct_na_base_pair_step.i_symmetry_1 
_ndb_struct_na_base_pair_step.j_label_asym_id_1 
_ndb_struct_na_base_pair_step.j_label_comp_id_1 
_ndb_struct_na_base_pair_step.j_label_seq_id_1 
_ndb_struct_na_base_pair_step.j_symmetry_1 
_ndb_struct_na_base_pair_step.i_label_asym_id_2 
_ndb_struct_na_base_pair_step.i_label_comp_id_2 
_ndb_struct_na_base_pair_step.i_label_seq_id_2 
_ndb_struct_na_base_pair_step.i_symmetry_2 
_ndb_struct_na_base_pair_step.j_label_asym_id_2 
_ndb_struct_na_base_pair_step.j_label_comp_id_2 
_ndb_struct_na_base_pair_step.j_label_seq_id_2 
_ndb_struct_na_base_pair_step.j_symmetry_2 
_ndb_struct_na_base_pair_step.shift 
_ndb_struct_na_base_pair_step.slide 
_ndb_struct_na_base_pair_step.rise 
_ndb_struct_na_base_pair_step.tilt 
_ndb_struct_na_base_pair_step.roll 
_ndb_struct_na_base_pair_step.twist 
_ndb_struct_na_base_pair_step.x_displacement 
_ndb_struct_na_base_pair_step.y_displacement 
_ndb_struct_na_base_pair_step.helical_rise 
_ndb_struct_na_base_pair_step.inclination 
_ndb_struct_na_base_pair_step.tip 
_ndb_struct_na_base_pair_step.helical_twist 
_ndb_struct_na_base_pair_step.step_number 
_ndb_struct_na_base_pair_step.step_name 
_ndb_struct_na_base_pair_step.i_auth_asym_id_1 
_ndb_struct_na_base_pair_step.i_auth_seq_id_1 
_ndb_struct_na_base_pair_step.i_PDB_ins_code_1 
_ndb_struct_na_base_pair_step.j_auth_asym_id_1 
_ndb_struct_na_base_pair_step.j_auth_seq_id_1 
_ndb_struct_na_base_pair_step.j_PDB_ins_code_1 
_ndb_struct_na_base_pair_step.i_auth_asym_id_2 
_ndb_struct_na_base_pair_step.i_auth_seq_id_2 
_ndb_struct_na_base_pair_step.i_PDB_ins_code_2 
_ndb_struct_na_base_pair_step.j_auth_asym_id_2 
_ndb_struct_na_base_pair_step.j_auth_seq_id_2 
_ndb_struct_na_base_pair_step.j_PDB_ins_code_2 
1 A DA 3  1_555 C DT 7 1_555 A DC 4  1_555 C DG 6 1_555 -0.962 -0.759 3.397 0.299  0.528  28.377 -1.673 2.034  3.372 1.078  -0.609 
28.383 1  BB_DA9DC10:DG41DT42_DD  B 9  ? D 42 ? B 10 ? D 41 ? 
1 A DC 4  1_555 C DG 6 1_555 A DG 5  1_555 C DC 5 1_555 -0.064 -0.347 3.410 -1.060 3.294  37.003 -1.001 -0.047 3.368 5.177  1.665  
37.159 2  BB_DC10DG11:DC40DG41_DD B 10 ? D 41 ? B 11 ? D 40 ? 
1 A DG 5  1_555 C DC 5 1_555 A DA 6  1_555 C DT 4 1_555 -0.529 -0.421 3.443 1.015  1.614  40.239 -0.802 0.889  3.411 2.345  -1.474 
40.283 3  BB_DG11DA12:DT39DC40_DD B 11 ? D 40 ? B 12 ? D 39 ? 
1 A DA 6  1_555 C DT 4 1_555 A DC 7  1_555 C DG 3 1_555 0.929  -0.934 3.235 0.342  -0.904 23.708 -1.974 -2.146 3.281 -2.200 -0.831 
23.727 4  BB_DA12DC13:DG38DT39_DD B 12 ? D 39 ? B 13 ? D 38 ? 
1 A DC 7  1_555 C DG 3 1_555 A DA 8  1_555 C DT 2 1_555 0.353  -0.953 3.515 0.711  -6.565 40.381 -0.573 -0.420 3.625 -9.434 -1.021 
40.895 5  BB_DC13DA14:DT37DG38_DD B 13 ? D 38 ? B 14 ? D 37 ? 
1 A DA 8  1_555 C DT 2 1_555 A DT 9  1_555 C DA 1 1_555 -0.246 -0.811 3.419 -7.156 -3.535 36.744 -0.768 -0.611 3.465 -5.528 11.191 
37.572 6  BB_DA14DT15:DA36DT37_DD B 14 ? D 37 ? B 15 ? D 36 ? 
1 A DT 9  1_555 C DA 1 1_555 A DT 10 1_555 D DA 6 1_555 -0.439 -1.478 2.778 0.468  -2.104 18.318 -3.603 1.594  2.915 -6.579 -1.463 
18.443 7  BB_DT15DT16:DA6DA36_AD  B 15 ? D 36 ? B 16 ? A 6  ? 
1 A DT 10 1_555 D DA 6 1_555 A DG 11 1_555 D DC 5 1_555 -0.126 0.450  3.401 -3.500 7.225  44.791 -0.089 -0.162 3.430 9.392  4.549  
45.469 8  BB_DT16DG17:DC5DA6_AA   B 16 ? A 6  ? B 17 ? A 5  ? 
1 A DG 11 1_555 D DC 5 1_555 A DA 12 1_555 D DT 4 1_555 -0.834 -0.020 3.283 -0.251 1.563  41.748 -0.193 1.143  3.285 2.192  0.352  
41.777 9  BB_DG17DA18:DT4DC5_AA   B 17 ? A 5  ? B 18 ? A 4  ? 
1 A DA 12 1_555 D DT 4 1_555 A DC 13 1_555 D DG 3 1_555 0.649  -1.445 3.496 2.667  1.357  28.289 -3.273 -0.667 3.469 2.766  -5.438 
28.443 10 BB_DA18DC19:DG3DT4_AA   B 18 ? A 4  ? B 19 ? A 3  ? 
1 A DC 13 1_555 D DG 3 1_555 A DG 14 1_555 D DC 2 1_555 -0.308 0.079  3.446 -0.887 0.752  35.040 0.012  0.371  3.453 1.249  1.472  
35.058 11 BB_DC19DG20:DC2DG3_AA   B 19 ? A 3  ? B 20 ? A 2  ? 
1 A DG 14 1_555 D DC 2 1_555 A DA 15 1_555 D DT 1 1_555 0.334  -1.020 3.147 -4.810 0.331  32.852 -1.839 -1.355 3.058 0.581  8.448  
33.194 12 BB_DG20DA21:DT1DC2_AA   B 20 ? A 2  ? B 21 ? A 1  ? 
1 A DA 15 1_555 D DT 1 1_555 A DG 16 1_555 B DC 8 1_555 -1.020 -1.433 2.994 -4.982 0.704  28.162 -3.050 1.006  3.089 1.432  10.136 
28.599 13 BB_DA21DG22:DC35DT1_CA  B 21 ? A 1  ? B 22 ? C 35 ? 
1 A DG 16 1_555 B DC 8 1_555 A DG 17 1_555 B DC 7 1_555 -0.187 0.325  3.629 0.301  5.020  44.650 -0.080 0.275  3.642 6.582  -0.395 
44.918 14 BB_DG22DG23:DC34DC35_CC B 22 ? C 35 ? B 23 ? C 34 ? 
1 A DG 17 1_555 B DC 7 1_555 A DA 18 1_555 B DT 6 1_555 -0.946 -0.596 3.381 0.210  6.081  32.552 -2.089 1.696  3.215 10.732 -0.370 
33.101 15 BB_DG23DA24:DT33DC34_CC B 23 ? C 34 ? B 24 ? C 33 ? 
1 A DA 18 1_555 B DT 6 1_555 A DG 19 1_555 B DG 5 1_555 0.448  -1.189 3.189 -0.781 2.644  22.391 -3.961 -1.416 3.013 6.777  2.001  
22.558 16 BB_DA24DG25:DG32DT33_CC B 24 ? C 33 ? B 25 ? C 32 ? 
1 A DG 19 1_555 B DG 5 1_555 A DT 20 1_555 B DA 4 1_555 -0.029 -1.008 3.282 1.109  0.661  36.133 -1.717 0.203  3.261 1.065  -1.787 
36.155 17 BB_DG25DT26:DA31DG32_CC B 25 ? C 32 ? B 26 ? C 31 ? 
1 A DT 20 1_555 B DA 4 1_555 A DC 21 1_555 B DG 3 1_555 0.281  -0.167 3.286 5.826  1.091  34.916 -0.438 0.404  3.283 1.802  -9.624 
35.400 18 BB_DT26DC27:DG30DA31_CC B 26 ? C 31 ? B 27 ? C 30 ? 
# 
loop_
_pdbx_audit_support.funding_organization 
_pdbx_audit_support.country 
_pdbx_audit_support.grant_number 
_pdbx_audit_support.ordinal 
'National Science Foundation (NSF, United States)'                                         'United States' 1360635     1 
'National Institutes of Health/National Institute of General Medical Sciences (NIH/NIGMS)' 'United States' R01GM104960 2 
'National Science Foundation (NSF, United States)'                                         'United States' NSF2004250  3 
# 
_pdbx_entity_nonpoly.entity_id   5 
_pdbx_entity_nonpoly.name        'CACODYLATE ION' 
_pdbx_entity_nonpoly.comp_id     CAC 
# 
_pdbx_initial_refinement_model.id               1 
_pdbx_initial_refinement_model.entity_id_list   ? 
_pdbx_initial_refinement_model.type             'experimental model' 
_pdbx_initial_refinement_model.source_name      PDB 
_pdbx_initial_refinement_model.accession_code   5VY6 
_pdbx_initial_refinement_model.details          ? 
# 
_pdbx_struct_assembly_auth_evidence.id                     1 
_pdbx_struct_assembly_auth_evidence.assembly_id            1 
_pdbx_struct_assembly_auth_evidence.experimental_support   none 
_pdbx_struct_assembly_auth_evidence.details                ? 
# 
